data_7PGL
# 
_entry.id   7PGL 
# 
_audit_conform.dict_name       mmcif_pdbx.dic 
_audit_conform.dict_version    5.398 
_audit_conform.dict_location   http://mmcif.pdb.org/dictionaries/ascii/mmcif_pdbx.dic 
# 
loop_
_database_2.database_id 
_database_2.database_code 
_database_2.pdbx_database_accession 
_database_2.pdbx_DOI 
PDB   7PGL         pdb_00007pgl 10.2210/pdb7pgl/pdb 
WWPDB D_1292116026 ?            ?                   
# 
loop_
_pdbx_audit_revision_history.ordinal 
_pdbx_audit_revision_history.data_content_type 
_pdbx_audit_revision_history.major_revision 
_pdbx_audit_revision_history.minor_revision 
_pdbx_audit_revision_history.revision_date 
1 'Structure model' 1 0 2021-12-15 
2 'Structure model' 1 1 2021-12-22 
3 'Structure model' 1 2 2024-05-01 
4 'Structure model' 1 3 2024-11-13 
# 
_pdbx_audit_revision_details.ordinal             1 
_pdbx_audit_revision_details.revision_ordinal    1 
_pdbx_audit_revision_details.data_content_type   'Structure model' 
_pdbx_audit_revision_details.provider            repository 
_pdbx_audit_revision_details.type                'Initial release' 
_pdbx_audit_revision_details.description         ? 
_pdbx_audit_revision_details.details             ? 
# 
loop_
_pdbx_audit_revision_group.ordinal 
_pdbx_audit_revision_group.revision_ordinal 
_pdbx_audit_revision_group.data_content_type 
_pdbx_audit_revision_group.group 
1 2 'Structure model' 'Database references'    
2 3 'Structure model' 'Data collection'        
3 3 'Structure model' 'Refinement description' 
4 4 'Structure model' 'Structure summary'      
# 
loop_
_pdbx_audit_revision_category.ordinal 
_pdbx_audit_revision_category.revision_ordinal 
_pdbx_audit_revision_category.data_content_type 
_pdbx_audit_revision_category.category 
1 2 'Structure model' citation                      
2 2 'Structure model' citation_author               
3 3 'Structure model' chem_comp_atom                
4 3 'Structure model' chem_comp_bond                
5 3 'Structure model' pdbx_initial_refinement_model 
6 4 'Structure model' pdbx_entry_details            
7 4 'Structure model' pdbx_modification_feature     
# 
loop_
_pdbx_audit_revision_item.ordinal 
_pdbx_audit_revision_item.revision_ordinal 
_pdbx_audit_revision_item.data_content_type 
_pdbx_audit_revision_item.item 
1  2 'Structure model' '_citation.country'                 
2  2 'Structure model' '_citation.journal_abbrev'          
3  2 'Structure model' '_citation.journal_id_CSD'          
4  2 'Structure model' '_citation.journal_id_ISSN'         
5  2 'Structure model' '_citation.journal_volume'          
6  2 'Structure model' '_citation.page_first'              
7  2 'Structure model' '_citation.page_last'               
8  2 'Structure model' '_citation.pdbx_database_id_PubMed' 
9  2 'Structure model' '_citation.title'                   
10 2 'Structure model' '_citation.year'                    
11 2 'Structure model' '_citation_author.identifier_ORCID' 
12 2 'Structure model' '_citation_author.name'             
# 
_pdbx_database_status.status_code                     REL 
_pdbx_database_status.status_code_sf                  REL 
_pdbx_database_status.status_code_mr                  ? 
_pdbx_database_status.entry_id                        7PGL 
_pdbx_database_status.recvd_initial_deposition_date   2021-08-14 
_pdbx_database_status.SG_entry                        N 
_pdbx_database_status.deposit_site                    PDBE 
_pdbx_database_status.process_site                    PDBE 
_pdbx_database_status.status_code_cs                  ? 
_pdbx_database_status.status_code_nmr_data            ? 
_pdbx_database_status.methods_development_category    ? 
_pdbx_database_status.pdb_format_compatible           Y 
# 
loop_
_audit_author.name 
_audit_author.pdbx_ordinal 
_audit_author.identifier_ORCID 
'Griffiths, S.C.' 1  0000-0002-9257-7354 
'Schwab, R.A.'    2  ?                   
'El Omari, K.'    3  0000-0003-3506-6045 
'Bishop, B.'      4  0000-0002-1854-7480 
'Iverson, E.J.'   5  ?                   
'Malinuskas, T.'  6  0000-0002-4847-5529 
'Dubey, R.'       7  0000-0002-0687-5831 
'Qian, M.'        8  ?                   
'Covey, D.F.'     9  ?                   
'Gilbert, R.J.C.' 10 0000-0001-9336-5604 
'Rohatgi, R.'     11 0000-0001-7609-8858 
'Siebold, C.'     12 0000-0002-6635-3621 
# 
_citation.abstract                  ? 
_citation.abstract_id_CAS           ? 
_citation.book_id_ISBN              ? 
_citation.book_publisher            ? 
_citation.book_publisher_city       ? 
_citation.book_title                ? 
_citation.coordinate_linkage        ? 
_citation.country                   UK 
_citation.database_id_Medline       ? 
_citation.details                   ? 
_citation.id                        primary 
_citation.journal_abbrev            'Nat Commun' 
_citation.journal_id_ASTM           ? 
_citation.journal_id_CSD            ? 
_citation.journal_id_ISSN           2041-1723 
_citation.journal_full              ? 
_citation.journal_issue             ? 
_citation.journal_volume            12 
_citation.language                  ? 
_citation.page_first                7171 
_citation.page_last                 7171 
_citation.title                     'Hedgehog-Interacting Protein is a multimodal antagonist of Hedgehog signalling.' 
_citation.year                      2021 
_citation.database_id_CSD           ? 
_citation.pdbx_database_id_DOI      10.1038/s41467-021-27475-2 
_citation.pdbx_database_id_PubMed   34887403 
_citation.pdbx_database_id_patent   ? 
_citation.unpublished_flag          ? 
# 
loop_
_citation_author.citation_id 
_citation_author.name 
_citation_author.ordinal 
_citation_author.identifier_ORCID 
primary 'Griffiths, S.C.' 1  ? 
primary 'Schwab, R.A.'    2  ? 
primary 'El Omari, K.'    3  ? 
primary 'Bishop, B.'      4  ? 
primary 'Iverson, E.J.'   5  ? 
primary 'Malinauskas, T.' 6  ? 
primary 'Dubey, R.'       7  ? 
primary 'Qian, M.'        8  ? 
primary 'Covey, D.F.'     9  ? 
primary 'Gilbert, R.J.C.' 10 ? 
primary 'Rohatgi, R.'     11 ? 
primary 'Siebold, C.'     12 ? 
# 
_entity.id                         1 
_entity.type                       polymer 
_entity.src_method                 man 
_entity.pdbx_description           'Hedgehog-interacting protein' 
_entity.formula_weight             21085.137 
_entity.pdbx_number_of_molecules   1 
_entity.pdbx_ec                    ? 
_entity.pdbx_mutation              ? 
_entity.pdbx_fragment              ? 
_entity.details                    
;HHIP-N, the N-terminal domain of HHIP, recombinantly expressed in and purified from HEK293T cells using the pHLsec vector for mammalian secretion
;
# 
_entity_name_com.entity_id   1 
_entity_name_com.name        HHIP,HIP 
# 
_entity_poly.entity_id                      1 
_entity_poly.type                           'polypeptide(L)' 
_entity_poly.nstd_linkage                   no 
_entity_poly.nstd_monomer                   no 
_entity_poly.pdbx_seq_one_letter_code       
;ETGCLNGNPPKRLKRRDRRMMSQLELLSGGEMLCGGFYPRLSCCLRSDSPGLGRLENKIFSVTNNTECGKLLEEIKCALC
SPHSQSLFHSPEREVLERDLVLPLLCKDYCKEFFYTCRGHIPGFLQTTADEFCFYYARKDGGLCFPDFPRKQVRGPASNY
LDQMEEYDKVEEISGTKHHHHHH
;
_entity_poly.pdbx_seq_one_letter_code_can   
;ETGCLNGNPPKRLKRRDRRMMSQLELLSGGEMLCGGFYPRLSCCLRSDSPGLGRLENKIFSVTNNTECGKLLEEIKCALC
SPHSQSLFHSPEREVLERDLVLPLLCKDYCKEFFYTCRGHIPGFLQTTADEFCFYYARKDGGLCFPDFPRKQVRGPASNY
LDQMEEYDKVEEISGTKHHHHHH
;
_entity_poly.pdbx_strand_id                 A 
_entity_poly.pdbx_target_identifier         ? 
# 
loop_
_entity_poly_seq.entity_id 
_entity_poly_seq.num 
_entity_poly_seq.mon_id 
_entity_poly_seq.hetero 
1 1   GLU n 
1 2   THR n 
1 3   GLY n 
1 4   CYS n 
1 5   LEU n 
1 6   ASN n 
1 7   GLY n 
1 8   ASN n 
1 9   PRO n 
1 10  PRO n 
1 11  LYS n 
1 12  ARG n 
1 13  LEU n 
1 14  LYS n 
1 15  ARG n 
1 16  ARG n 
1 17  ASP n 
1 18  ARG n 
1 19  ARG n 
1 20  MET n 
1 21  MET n 
1 22  SER n 
1 23  GLN n 
1 24  LEU n 
1 25  GLU n 
1 26  LEU n 
1 27  LEU n 
1 28  SER n 
1 29  GLY n 
1 30  GLY n 
1 31  GLU n 
1 32  MET n 
1 33  LEU n 
1 34  CYS n 
1 35  GLY n 
1 36  GLY n 
1 37  PHE n 
1 38  TYR n 
1 39  PRO n 
1 40  ARG n 
1 41  LEU n 
1 42  SER n 
1 43  CYS n 
1 44  CYS n 
1 45  LEU n 
1 46  ARG n 
1 47  SER n 
1 48  ASP n 
1 49  SER n 
1 50  PRO n 
1 51  GLY n 
1 52  LEU n 
1 53  GLY n 
1 54  ARG n 
1 55  LEU n 
1 56  GLU n 
1 57  ASN n 
1 58  LYS n 
1 59  ILE n 
1 60  PHE n 
1 61  SER n 
1 62  VAL n 
1 63  THR n 
1 64  ASN n 
1 65  ASN n 
1 66  THR n 
1 67  GLU n 
1 68  CYS n 
1 69  GLY n 
1 70  LYS n 
1 71  LEU n 
1 72  LEU n 
1 73  GLU n 
1 74  GLU n 
1 75  ILE n 
1 76  LYS n 
1 77  CYS n 
1 78  ALA n 
1 79  LEU n 
1 80  CYS n 
1 81  SER n 
1 82  PRO n 
1 83  HIS n 
1 84  SER n 
1 85  GLN n 
1 86  SER n 
1 87  LEU n 
1 88  PHE n 
1 89  HIS n 
1 90  SER n 
1 91  PRO n 
1 92  GLU n 
1 93  ARG n 
1 94  GLU n 
1 95  VAL n 
1 96  LEU n 
1 97  GLU n 
1 98  ARG n 
1 99  ASP n 
1 100 LEU n 
1 101 VAL n 
1 102 LEU n 
1 103 PRO n 
1 104 LEU n 
1 105 LEU n 
1 106 CYS n 
1 107 LYS n 
1 108 ASP n 
1 109 TYR n 
1 110 CYS n 
1 111 LYS n 
1 112 GLU n 
1 113 PHE n 
1 114 PHE n 
1 115 TYR n 
1 116 THR n 
1 117 CYS n 
1 118 ARG n 
1 119 GLY n 
1 120 HIS n 
1 121 ILE n 
1 122 PRO n 
1 123 GLY n 
1 124 PHE n 
1 125 LEU n 
1 126 GLN n 
1 127 THR n 
1 128 THR n 
1 129 ALA n 
1 130 ASP n 
1 131 GLU n 
1 132 PHE n 
1 133 CYS n 
1 134 PHE n 
1 135 TYR n 
1 136 TYR n 
1 137 ALA n 
1 138 ARG n 
1 139 LYS n 
1 140 ASP n 
1 141 GLY n 
1 142 GLY n 
1 143 LEU n 
1 144 CYS n 
1 145 PHE n 
1 146 PRO n 
1 147 ASP n 
1 148 PHE n 
1 149 PRO n 
1 150 ARG n 
1 151 LYS n 
1 152 GLN n 
1 153 VAL n 
1 154 ARG n 
1 155 GLY n 
1 156 PRO n 
1 157 ALA n 
1 158 SER n 
1 159 ASN n 
1 160 TYR n 
1 161 LEU n 
1 162 ASP n 
1 163 GLN n 
1 164 MET n 
1 165 GLU n 
1 166 GLU n 
1 167 TYR n 
1 168 ASP n 
1 169 LYS n 
1 170 VAL n 
1 171 GLU n 
1 172 GLU n 
1 173 ILE n 
1 174 SER n 
1 175 GLY n 
1 176 THR n 
1 177 LYS n 
1 178 HIS n 
1 179 HIS n 
1 180 HIS n 
1 181 HIS n 
1 182 HIS n 
1 183 HIS n 
# 
_entity_src_gen.entity_id                          1 
_entity_src_gen.pdbx_src_id                        1 
_entity_src_gen.pdbx_alt_source_flag               sample 
_entity_src_gen.pdbx_seq_type                      'Biological sequence' 
_entity_src_gen.pdbx_beg_seq_num                   1 
_entity_src_gen.pdbx_end_seq_num                   183 
_entity_src_gen.gene_src_common_name               Human 
_entity_src_gen.gene_src_genus                     ? 
_entity_src_gen.pdbx_gene_src_gene                 'HHIP, HIP, UNQ5825/PRO19644' 
_entity_src_gen.gene_src_species                   ? 
_entity_src_gen.gene_src_strain                    ? 
_entity_src_gen.gene_src_tissue                    ? 
_entity_src_gen.gene_src_tissue_fraction           ? 
_entity_src_gen.gene_src_details                   ? 
_entity_src_gen.pdbx_gene_src_fragment             ? 
_entity_src_gen.pdbx_gene_src_scientific_name      'Homo sapiens' 
_entity_src_gen.pdbx_gene_src_ncbi_taxonomy_id     9606 
_entity_src_gen.pdbx_gene_src_variant              ? 
_entity_src_gen.pdbx_gene_src_cell_line            ? 
_entity_src_gen.pdbx_gene_src_atcc                 ? 
_entity_src_gen.pdbx_gene_src_organ                ? 
_entity_src_gen.pdbx_gene_src_organelle            ? 
_entity_src_gen.pdbx_gene_src_cell                 ? 
_entity_src_gen.pdbx_gene_src_cellular_location    ? 
_entity_src_gen.host_org_common_name               ? 
_entity_src_gen.pdbx_host_org_scientific_name      'Homo sapiens' 
_entity_src_gen.pdbx_host_org_ncbi_taxonomy_id     9606 
_entity_src_gen.host_org_genus                     ? 
_entity_src_gen.pdbx_host_org_gene                 ? 
_entity_src_gen.pdbx_host_org_organ                ? 
_entity_src_gen.host_org_species                   ? 
_entity_src_gen.pdbx_host_org_tissue               ? 
_entity_src_gen.pdbx_host_org_tissue_fraction      ? 
_entity_src_gen.pdbx_host_org_strain               ? 
_entity_src_gen.pdbx_host_org_variant              ? 
_entity_src_gen.pdbx_host_org_cell_line            HEK293T 
_entity_src_gen.pdbx_host_org_atcc                 ? 
_entity_src_gen.pdbx_host_org_culture_collection   ? 
_entity_src_gen.pdbx_host_org_cell                 ? 
_entity_src_gen.pdbx_host_org_organelle            ? 
_entity_src_gen.pdbx_host_org_cellular_location    ? 
_entity_src_gen.pdbx_host_org_vector_type          plasmid 
_entity_src_gen.pdbx_host_org_vector               ? 
_entity_src_gen.host_org_details                   ? 
_entity_src_gen.expression_system_id               ? 
_entity_src_gen.plasmid_name                       pHLSEC 
_entity_src_gen.plasmid_details                    ? 
_entity_src_gen.pdbx_description                   ? 
# 
loop_
_chem_comp.id 
_chem_comp.type 
_chem_comp.mon_nstd_flag 
_chem_comp.name 
_chem_comp.pdbx_synonyms 
_chem_comp.formula 
_chem_comp.formula_weight 
ALA 'L-peptide linking' y ALANINE         ? 'C3 H7 N O2'     89.093  
ARG 'L-peptide linking' y ARGININE        ? 'C6 H15 N4 O2 1' 175.209 
ASN 'L-peptide linking' y ASPARAGINE      ? 'C4 H8 N2 O3'    132.118 
ASP 'L-peptide linking' y 'ASPARTIC ACID' ? 'C4 H7 N O4'     133.103 
CYS 'L-peptide linking' y CYSTEINE        ? 'C3 H7 N O2 S'   121.158 
GLN 'L-peptide linking' y GLUTAMINE       ? 'C5 H10 N2 O3'   146.144 
GLU 'L-peptide linking' y 'GLUTAMIC ACID' ? 'C5 H9 N O4'     147.129 
GLY 'peptide linking'   y GLYCINE         ? 'C2 H5 N O2'     75.067  
HIS 'L-peptide linking' y HISTIDINE       ? 'C6 H10 N3 O2 1' 156.162 
ILE 'L-peptide linking' y ISOLEUCINE      ? 'C6 H13 N O2'    131.173 
LEU 'L-peptide linking' y LEUCINE         ? 'C6 H13 N O2'    131.173 
LYS 'L-peptide linking' y LYSINE          ? 'C6 H15 N2 O2 1' 147.195 
MET 'L-peptide linking' y METHIONINE      ? 'C5 H11 N O2 S'  149.211 
PHE 'L-peptide linking' y PHENYLALANINE   ? 'C9 H11 N O2'    165.189 
PRO 'L-peptide linking' y PROLINE         ? 'C5 H9 N O2'     115.130 
SER 'L-peptide linking' y SERINE          ? 'C3 H7 N O3'     105.093 
THR 'L-peptide linking' y THREONINE       ? 'C4 H9 N O3'     119.119 
TYR 'L-peptide linking' y TYROSINE        ? 'C9 H11 N O3'    181.189 
VAL 'L-peptide linking' y VALINE          ? 'C5 H11 N O2'    117.146 
# 
loop_
_pdbx_poly_seq_scheme.asym_id 
_pdbx_poly_seq_scheme.entity_id 
_pdbx_poly_seq_scheme.seq_id 
_pdbx_poly_seq_scheme.mon_id 
_pdbx_poly_seq_scheme.ndb_seq_num 
_pdbx_poly_seq_scheme.pdb_seq_num 
_pdbx_poly_seq_scheme.auth_seq_num 
_pdbx_poly_seq_scheme.pdb_mon_id 
_pdbx_poly_seq_scheme.auth_mon_id 
_pdbx_poly_seq_scheme.pdb_strand_id 
_pdbx_poly_seq_scheme.pdb_ins_code 
_pdbx_poly_seq_scheme.hetero 
A 1 1   GLU 1   36  36  GLU GLU A . n 
A 1 2   THR 2   37  37  THR THR A . n 
A 1 3   GLY 3   38  38  GLY GLY A . n 
A 1 4   CYS 4   39  39  CYS CYS A . n 
A 1 5   LEU 5   40  40  LEU LEU A . n 
A 1 6   ASN 6   41  41  ASN ASN A . n 
A 1 7   GLY 7   42  42  GLY GLY A . n 
A 1 8   ASN 8   43  43  ASN ASN A . n 
A 1 9   PRO 9   44  44  PRO PRO A . n 
A 1 10  PRO 10  45  45  PRO PRO A . n 
A 1 11  LYS 11  46  46  LYS LYS A . n 
A 1 12  ARG 12  47  47  ARG ARG A . n 
A 1 13  LEU 13  48  48  LEU LEU A . n 
A 1 14  LYS 14  49  ?   ?   ?   A . n 
A 1 15  ARG 15  50  ?   ?   ?   A . n 
A 1 16  ARG 16  51  ?   ?   ?   A . n 
A 1 17  ASP 17  52  ?   ?   ?   A . n 
A 1 18  ARG 18  53  ?   ?   ?   A . n 
A 1 19  ARG 19  54  ?   ?   ?   A . n 
A 1 20  MET 20  55  ?   ?   ?   A . n 
A 1 21  MET 21  56  ?   ?   ?   A . n 
A 1 22  SER 22  57  ?   ?   ?   A . n 
A 1 23  GLN 23  58  ?   ?   ?   A . n 
A 1 24  LEU 24  59  ?   ?   ?   A . n 
A 1 25  GLU 25  60  ?   ?   ?   A . n 
A 1 26  LEU 26  61  ?   ?   ?   A . n 
A 1 27  LEU 27  62  ?   ?   ?   A . n 
A 1 28  SER 28  63  ?   ?   ?   A . n 
A 1 29  GLY 29  64  ?   ?   ?   A . n 
A 1 30  GLY 30  65  ?   ?   ?   A . n 
A 1 31  GLU 31  66  ?   ?   ?   A . n 
A 1 32  MET 32  67  ?   ?   ?   A . n 
A 1 33  LEU 33  68  68  LEU LEU A . n 
A 1 34  CYS 34  69  69  CYS CYS A . n 
A 1 35  GLY 35  70  70  GLY GLY A . n 
A 1 36  GLY 36  71  71  GLY GLY A . n 
A 1 37  PHE 37  72  72  PHE PHE A . n 
A 1 38  TYR 38  73  73  TYR TYR A . n 
A 1 39  PRO 39  74  74  PRO PRO A . n 
A 1 40  ARG 40  75  75  ARG ARG A . n 
A 1 41  LEU 41  76  76  LEU LEU A . n 
A 1 42  SER 42  77  77  SER SER A . n 
A 1 43  CYS 43  78  78  CYS CYS A . n 
A 1 44  CYS 44  79  79  CYS CYS A . n 
A 1 45  LEU 45  80  ?   ?   ?   A . n 
A 1 46  ARG 46  81  ?   ?   ?   A . n 
A 1 47  SER 47  82  ?   ?   ?   A . n 
A 1 48  ASP 48  83  ?   ?   ?   A . n 
A 1 49  SER 49  84  ?   ?   ?   A . n 
A 1 50  PRO 50  85  ?   ?   ?   A . n 
A 1 51  GLY 51  86  ?   ?   ?   A . n 
A 1 52  LEU 52  87  ?   ?   ?   A . n 
A 1 53  GLY 53  88  ?   ?   ?   A . n 
A 1 54  ARG 54  89  ?   ?   ?   A . n 
A 1 55  LEU 55  90  ?   ?   ?   A . n 
A 1 56  GLU 56  91  ?   ?   ?   A . n 
A 1 57  ASN 57  92  ?   ?   ?   A . n 
A 1 58  LYS 58  93  ?   ?   ?   A . n 
A 1 59  ILE 59  94  ?   ?   ?   A . n 
A 1 60  PHE 60  95  ?   ?   ?   A . n 
A 1 61  SER 61  96  ?   ?   ?   A . n 
A 1 62  VAL 62  97  ?   ?   ?   A . n 
A 1 63  THR 63  98  ?   ?   ?   A . n 
A 1 64  ASN 64  99  99  ASN ASN A . n 
A 1 65  ASN 65  100 100 ASN ASN A . n 
A 1 66  THR 66  101 101 THR THR A . n 
A 1 67  GLU 67  102 102 GLU GLU A . n 
A 1 68  CYS 68  103 103 CYS CYS A . n 
A 1 69  GLY 69  104 104 GLY GLY A . n 
A 1 70  LYS 70  105 105 LYS LYS A . n 
A 1 71  LEU 71  106 106 LEU LEU A . n 
A 1 72  LEU 72  107 107 LEU LEU A . n 
A 1 73  GLU 73  108 108 GLU GLU A . n 
A 1 74  GLU 74  109 109 GLU GLU A . n 
A 1 75  ILE 75  110 110 ILE ILE A . n 
A 1 76  LYS 76  111 111 LYS LYS A . n 
A 1 77  CYS 77  112 112 CYS CYS A . n 
A 1 78  ALA 78  113 113 ALA ALA A . n 
A 1 79  LEU 79  114 114 LEU LEU A . n 
A 1 80  CYS 80  115 115 CYS CYS A . n 
A 1 81  SER 81  116 116 SER SER A . n 
A 1 82  PRO 82  117 117 PRO PRO A . n 
A 1 83  HIS 83  118 118 HIS HIS A . n 
A 1 84  SER 84  119 119 SER SER A . n 
A 1 85  GLN 85  120 120 GLN GLN A . n 
A 1 86  SER 86  121 121 SER SER A . n 
A 1 87  LEU 87  122 122 LEU LEU A . n 
A 1 88  PHE 88  123 123 PHE PHE A . n 
A 1 89  HIS 89  124 124 HIS HIS A . n 
A 1 90  SER 90  125 ?   ?   ?   A . n 
A 1 91  PRO 91  126 ?   ?   ?   A . n 
A 1 92  GLU 92  127 ?   ?   ?   A . n 
A 1 93  ARG 93  128 ?   ?   ?   A . n 
A 1 94  GLU 94  129 ?   ?   ?   A . n 
A 1 95  VAL 95  130 ?   ?   ?   A . n 
A 1 96  LEU 96  131 ?   ?   ?   A . n 
A 1 97  GLU 97  132 ?   ?   ?   A . n 
A 1 98  ARG 98  133 ?   ?   ?   A . n 
A 1 99  ASP 99  134 ?   ?   ?   A . n 
A 1 100 LEU 100 135 135 LEU LEU A . n 
A 1 101 VAL 101 136 136 VAL VAL A . n 
A 1 102 LEU 102 137 137 LEU LEU A . n 
A 1 103 PRO 103 138 138 PRO PRO A . n 
A 1 104 LEU 104 139 139 LEU LEU A . n 
A 1 105 LEU 105 140 140 LEU LEU A . n 
A 1 106 CYS 106 141 141 CYS CYS A . n 
A 1 107 LYS 107 142 142 LYS LYS A . n 
A 1 108 ASP 108 143 143 ASP ASP A . n 
A 1 109 TYR 109 144 144 TYR TYR A . n 
A 1 110 CYS 110 145 145 CYS CYS A . n 
A 1 111 LYS 111 146 146 LYS LYS A . n 
A 1 112 GLU 112 147 147 GLU GLU A . n 
A 1 113 PHE 113 148 148 PHE PHE A . n 
A 1 114 PHE 114 149 149 PHE PHE A . n 
A 1 115 TYR 115 150 150 TYR TYR A . n 
A 1 116 THR 116 151 151 THR THR A . n 
A 1 117 CYS 117 152 152 CYS CYS A . n 
A 1 118 ARG 118 153 153 ARG ARG A . n 
A 1 119 GLY 119 154 154 GLY GLY A . n 
A 1 120 HIS 120 155 155 HIS HIS A . n 
A 1 121 ILE 121 156 156 ILE ILE A . n 
A 1 122 PRO 122 157 157 PRO PRO A . n 
A 1 123 GLY 123 158 158 GLY GLY A . n 
A 1 124 PHE 124 159 159 PHE PHE A . n 
A 1 125 LEU 125 160 160 LEU LEU A . n 
A 1 126 GLN 126 161 161 GLN GLN A . n 
A 1 127 THR 127 162 162 THR THR A . n 
A 1 128 THR 128 163 163 THR THR A . n 
A 1 129 ALA 129 164 164 ALA ALA A . n 
A 1 130 ASP 130 165 165 ASP ASP A . n 
A 1 131 GLU 131 166 166 GLU GLU A . n 
A 1 132 PHE 132 167 167 PHE PHE A . n 
A 1 133 CYS 133 168 168 CYS CYS A . n 
A 1 134 PHE 134 169 169 PHE PHE A . n 
A 1 135 TYR 135 170 170 TYR TYR A . n 
A 1 136 TYR 136 171 171 TYR TYR A . n 
A 1 137 ALA 137 172 172 ALA ALA A . n 
A 1 138 ARG 138 173 173 ARG ARG A . n 
A 1 139 LYS 139 174 174 LYS LYS A . n 
A 1 140 ASP 140 175 175 ASP ASP A . n 
A 1 141 GLY 141 176 176 GLY GLY A . n 
A 1 142 GLY 142 177 177 GLY GLY A . n 
A 1 143 LEU 143 178 178 LEU LEU A . n 
A 1 144 CYS 144 179 179 CYS CYS A . n 
A 1 145 PHE 145 180 180 PHE PHE A . n 
A 1 146 PRO 146 181 181 PRO PRO A . n 
A 1 147 ASP 147 182 182 ASP ASP A . n 
A 1 148 PHE 148 183 183 PHE PHE A . n 
A 1 149 PRO 149 184 184 PRO PRO A . n 
A 1 150 ARG 150 185 185 ARG ARG A . n 
A 1 151 LYS 151 186 ?   ?   ?   A . n 
A 1 152 GLN 152 187 ?   ?   ?   A . n 
A 1 153 VAL 153 188 ?   ?   ?   A . n 
A 1 154 ARG 154 189 ?   ?   ?   A . n 
A 1 155 GLY 155 190 ?   ?   ?   A . n 
A 1 156 PRO 156 191 ?   ?   ?   A . n 
A 1 157 ALA 157 192 ?   ?   ?   A . n 
A 1 158 SER 158 193 ?   ?   ?   A . n 
A 1 159 ASN 159 194 ?   ?   ?   A . n 
A 1 160 TYR 160 195 ?   ?   ?   A . n 
A 1 161 LEU 161 196 ?   ?   ?   A . n 
A 1 162 ASP 162 197 ?   ?   ?   A . n 
A 1 163 GLN 163 198 ?   ?   ?   A . n 
A 1 164 MET 164 199 ?   ?   ?   A . n 
A 1 165 GLU 165 200 ?   ?   ?   A . n 
A 1 166 GLU 166 201 ?   ?   ?   A . n 
A 1 167 TYR 167 202 ?   ?   ?   A . n 
A 1 168 ASP 168 203 ?   ?   ?   A . n 
A 1 169 LYS 169 204 ?   ?   ?   A . n 
A 1 170 VAL 170 205 ?   ?   ?   A . n 
A 1 171 GLU 171 206 ?   ?   ?   A . n 
A 1 172 GLU 172 207 ?   ?   ?   A . n 
A 1 173 ILE 173 208 ?   ?   ?   A . n 
A 1 174 SER 174 209 ?   ?   ?   A . n 
A 1 175 GLY 175 210 ?   ?   ?   A . n 
A 1 176 THR 176 211 ?   ?   ?   A . n 
A 1 177 LYS 177 212 ?   ?   ?   A . n 
A 1 178 HIS 178 213 ?   ?   ?   A . n 
A 1 179 HIS 179 214 ?   ?   ?   A . n 
A 1 180 HIS 180 215 ?   ?   ?   A . n 
A 1 181 HIS 181 216 ?   ?   ?   A . n 
A 1 182 HIS 182 217 ?   ?   ?   A . n 
A 1 183 HIS 183 218 ?   ?   ?   A . n 
# 
loop_
_software.citation_id 
_software.classification 
_software.compiler_name 
_software.compiler_version 
_software.contact_author 
_software.contact_author_email 
_software.date 
_software.description 
_software.dependencies 
_software.hardware 
_software.language 
_software.location 
_software.mods 
_software.name 
_software.os 
_software.os_version 
_software.type 
_software.version 
_software.pdbx_ordinal 
? refinement       ? ? ? ? ? ? ? ? ? ? ? PHENIX  ? ? ? '(1.10_2140: ???)' 1 
? 'data reduction' ? ? ? ? ? ? ? ? ? ? ? xia2    ? ? ? .                  2 
? 'data scaling'   ? ? ? ? ? ? ? ? ? ? ? Aimless ? ? ? .                  3 
? phasing          ? ? ? ? ? ? ? ? ? ? ? PHASER  ? ? ? .                  4 
# 
_cell.angle_alpha                  90.00 
_cell.angle_alpha_esd              ? 
_cell.angle_beta                   90.00 
_cell.angle_beta_esd               ? 
_cell.angle_gamma                  90.00 
_cell.angle_gamma_esd              ? 
_cell.entry_id                     7PGL 
_cell.details                      ? 
_cell.formula_units_Z              ? 
_cell.length_a                     59.050 
_cell.length_a_esd                 ? 
_cell.length_b                     59.050 
_cell.length_b_esd                 ? 
_cell.length_c                     98.680 
_cell.length_c_esd                 ? 
_cell.volume                       ? 
_cell.volume_esd                   ? 
_cell.Z_PDB                        8 
_cell.reciprocal_angle_alpha       ? 
_cell.reciprocal_angle_beta        ? 
_cell.reciprocal_angle_gamma       ? 
_cell.reciprocal_angle_alpha_esd   ? 
_cell.reciprocal_angle_beta_esd    ? 
_cell.reciprocal_angle_gamma_esd   ? 
_cell.reciprocal_length_a          ? 
_cell.reciprocal_length_b          ? 
_cell.reciprocal_length_c          ? 
_cell.reciprocal_length_a_esd      ? 
_cell.reciprocal_length_b_esd      ? 
_cell.reciprocal_length_c_esd      ? 
_cell.pdbx_unique_axis             ? 
# 
_symmetry.entry_id                         7PGL 
_symmetry.cell_setting                     ? 
_symmetry.Int_Tables_number                96 
_symmetry.space_group_name_Hall            ? 
_symmetry.space_group_name_H-M             'P 43 21 2' 
_symmetry.pdbx_full_space_group_name_H-M   ? 
# 
_exptl.absorpt_coefficient_mu     ? 
_exptl.absorpt_correction_T_max   ? 
_exptl.absorpt_correction_T_min   ? 
_exptl.absorpt_correction_type    ? 
_exptl.absorpt_process_details    ? 
_exptl.entry_id                   7PGL 
_exptl.crystals_number            1 
_exptl.details                    ? 
_exptl.method                     'X-RAY DIFFRACTION' 
_exptl.method_details             ? 
# 
_exptl_crystal.colour                      ? 
_exptl_crystal.density_diffrn              ? 
_exptl_crystal.density_Matthews            2.04 
_exptl_crystal.density_method              ? 
_exptl_crystal.density_percent_sol         39.70 
_exptl_crystal.description                 ? 
_exptl_crystal.F_000                       ? 
_exptl_crystal.id                          1 
_exptl_crystal.preparation                 ? 
_exptl_crystal.size_max                    ? 
_exptl_crystal.size_mid                    ? 
_exptl_crystal.size_min                    ? 
_exptl_crystal.size_rad                    ? 
_exptl_crystal.colour_lustre               ? 
_exptl_crystal.colour_modifier             ? 
_exptl_crystal.colour_primary              ? 
_exptl_crystal.density_meas                ? 
_exptl_crystal.density_meas_esd            ? 
_exptl_crystal.density_meas_gt             ? 
_exptl_crystal.density_meas_lt             ? 
_exptl_crystal.density_meas_temp           ? 
_exptl_crystal.density_meas_temp_esd       ? 
_exptl_crystal.density_meas_temp_gt        ? 
_exptl_crystal.density_meas_temp_lt        ? 
_exptl_crystal.pdbx_crystal_image_url      ? 
_exptl_crystal.pdbx_crystal_image_format   ? 
_exptl_crystal.pdbx_mosaicity              ? 
_exptl_crystal.pdbx_mosaicity_esd          ? 
# 
_exptl_crystal_grow.apparatus       ? 
_exptl_crystal_grow.atmosphere      ? 
_exptl_crystal_grow.crystal_id      1 
_exptl_crystal_grow.details         ? 
_exptl_crystal_grow.method          'VAPOR DIFFUSION, SITTING DROP' 
_exptl_crystal_grow.method_ref      ? 
_exptl_crystal_grow.pH              ? 
_exptl_crystal_grow.pressure        ? 
_exptl_crystal_grow.pressure_esd    ? 
_exptl_crystal_grow.seeding         ? 
_exptl_crystal_grow.seeding_ref     ? 
_exptl_crystal_grow.temp            293.15 
_exptl_crystal_grow.temp_details    ? 
_exptl_crystal_grow.temp_esd        ? 
_exptl_crystal_grow.time            ? 
_exptl_crystal_grow.pdbx_details    
'0.1 M HEPES pH 7.0, 0.2 M ammonium chloride, 0.02 M hexamine cobalt (III) chloride and 20% w/v PEG 6000' 
_exptl_crystal_grow.pdbx_pH_range   ? 
# 
_diffrn.ambient_environment              ? 
_diffrn.ambient_temp                     100 
_diffrn.ambient_temp_details             ? 
_diffrn.ambient_temp_esd                 ? 
_diffrn.crystal_id                       1 
_diffrn.crystal_support                  ? 
_diffrn.crystal_treatment                ? 
_diffrn.details                          ? 
_diffrn.id                               1 
_diffrn.ambient_pressure                 ? 
_diffrn.ambient_pressure_esd             ? 
_diffrn.ambient_pressure_gt              ? 
_diffrn.ambient_pressure_lt              ? 
_diffrn.ambient_temp_gt                  ? 
_diffrn.ambient_temp_lt                  ? 
_diffrn.pdbx_serial_crystal_experiment   N 
# 
_diffrn_detector.details                      ? 
_diffrn_detector.detector                     PIXEL 
_diffrn_detector.diffrn_id                    1 
_diffrn_detector.type                         'DECTRIS PILATUS 6M' 
_diffrn_detector.area_resol_mean              ? 
_diffrn_detector.dtime                        ? 
_diffrn_detector.pdbx_frames_total            ? 
_diffrn_detector.pdbx_collection_time_total   ? 
_diffrn_detector.pdbx_collection_date         2014-12-06 
_diffrn_detector.pdbx_frequency               ? 
# 
_diffrn_radiation.collimation                      ? 
_diffrn_radiation.diffrn_id                        1 
_diffrn_radiation.filter_edge                      ? 
_diffrn_radiation.inhomogeneity                    ? 
_diffrn_radiation.monochromator                    ? 
_diffrn_radiation.polarisn_norm                    ? 
_diffrn_radiation.polarisn_ratio                   ? 
_diffrn_radiation.probe                            ? 
_diffrn_radiation.type                             ? 
_diffrn_radiation.xray_symbol                      ? 
_diffrn_radiation.wavelength_id                    1 
_diffrn_radiation.pdbx_monochromatic_or_laue_m_l   M 
_diffrn_radiation.pdbx_wavelength_list             ? 
_diffrn_radiation.pdbx_wavelength                  ? 
_diffrn_radiation.pdbx_diffrn_protocol             'SINGLE WAVELENGTH' 
_diffrn_radiation.pdbx_analyzer                    ? 
_diffrn_radiation.pdbx_scattering_type             x-ray 
# 
_diffrn_radiation_wavelength.id           1 
_diffrn_radiation_wavelength.wavelength   0.96862 
_diffrn_radiation_wavelength.wt           1.0 
# 
_diffrn_source.current                     ? 
_diffrn_source.details                     ? 
_diffrn_source.diffrn_id                   1 
_diffrn_source.power                       ? 
_diffrn_source.size                        ? 
_diffrn_source.source                      SYNCHROTRON 
_diffrn_source.target                      ? 
_diffrn_source.type                        'DIAMOND BEAMLINE I24' 
_diffrn_source.voltage                     ? 
_diffrn_source.take-off_angle              ? 
_diffrn_source.pdbx_wavelength_list        0.96862 
_diffrn_source.pdbx_wavelength             ? 
_diffrn_source.pdbx_synchrotron_beamline   I24 
_diffrn_source.pdbx_synchrotron_site       Diamond 
# 
_reflns.B_iso_Wilson_estimate                          ? 
_reflns.entry_id                                       7PGL 
_reflns.data_reduction_details                         ? 
_reflns.data_reduction_method                          ? 
_reflns.d_resolution_high                              2.63 
_reflns.d_resolution_low                               50.67 
_reflns.details                                        ? 
_reflns.limit_h_max                                    ? 
_reflns.limit_h_min                                    ? 
_reflns.limit_k_max                                    ? 
_reflns.limit_k_min                                    ? 
_reflns.limit_l_max                                    ? 
_reflns.limit_l_min                                    ? 
_reflns.number_all                                     ? 
_reflns.number_obs                                     5640 
_reflns.observed_criterion                             ? 
_reflns.observed_criterion_F_max                       ? 
_reflns.observed_criterion_F_min                       ? 
_reflns.observed_criterion_I_max                       ? 
_reflns.observed_criterion_I_min                       ? 
_reflns.observed_criterion_sigma_F                     ? 
_reflns.observed_criterion_sigma_I                     ? 
_reflns.percent_possible_obs                           100 
_reflns.R_free_details                                 ? 
_reflns.Rmerge_F_all                                   ? 
_reflns.Rmerge_F_obs                                   ? 
_reflns.Friedel_coverage                               ? 
_reflns.number_gt                                      ? 
_reflns.threshold_expression                           ? 
_reflns.pdbx_redundancy                                12.3 
_reflns.pdbx_Rmerge_I_obs                              0.058 
_reflns.pdbx_Rmerge_I_all                              ? 
_reflns.pdbx_Rsym_value                                ? 
_reflns.pdbx_netI_over_av_sigmaI                       ? 
_reflns.pdbx_netI_over_sigmaI                          22.3 
_reflns.pdbx_res_netI_over_av_sigmaI_2                 ? 
_reflns.pdbx_res_netI_over_sigmaI_2                    ? 
_reflns.pdbx_chi_squared                               ? 
_reflns.pdbx_scaling_rejects                           ? 
_reflns.pdbx_d_res_high_opt                            ? 
_reflns.pdbx_d_res_low_opt                             ? 
_reflns.pdbx_d_res_opt_method                          ? 
_reflns.phase_calculation_details                      ? 
_reflns.pdbx_Rrim_I_all                                ? 
_reflns.pdbx_Rpim_I_all                                0.024 
_reflns.pdbx_d_opt                                     ? 
_reflns.pdbx_number_measured_all                       ? 
_reflns.pdbx_diffrn_id                                 1 
_reflns.pdbx_ordinal                                   1 
_reflns.pdbx_CC_half                                   1.0 
_reflns.pdbx_CC_star                                   ? 
_reflns.pdbx_R_split                                   ? 
_reflns.pdbx_aniso_diffraction_limit_axis_1_ortho[1]   ? 
_reflns.pdbx_aniso_diffraction_limit_axis_1_ortho[2]   ? 
_reflns.pdbx_aniso_diffraction_limit_axis_1_ortho[3]   ? 
_reflns.pdbx_aniso_diffraction_limit_axis_2_ortho[1]   ? 
_reflns.pdbx_aniso_diffraction_limit_axis_2_ortho[2]   ? 
_reflns.pdbx_aniso_diffraction_limit_axis_2_ortho[3]   ? 
_reflns.pdbx_aniso_diffraction_limit_axis_3_ortho[1]   ? 
_reflns.pdbx_aniso_diffraction_limit_axis_3_ortho[2]   ? 
_reflns.pdbx_aniso_diffraction_limit_axis_3_ortho[3]   ? 
_reflns.pdbx_aniso_diffraction_limit_1                 ? 
_reflns.pdbx_aniso_diffraction_limit_2                 ? 
_reflns.pdbx_aniso_diffraction_limit_3                 ? 
_reflns.pdbx_aniso_B_tensor_eigenvector_1_ortho[1]     ? 
_reflns.pdbx_aniso_B_tensor_eigenvector_1_ortho[2]     ? 
_reflns.pdbx_aniso_B_tensor_eigenvector_1_ortho[3]     ? 
_reflns.pdbx_aniso_B_tensor_eigenvector_2_ortho[1]     ? 
_reflns.pdbx_aniso_B_tensor_eigenvector_2_ortho[2]     ? 
_reflns.pdbx_aniso_B_tensor_eigenvector_2_ortho[3]     ? 
_reflns.pdbx_aniso_B_tensor_eigenvector_3_ortho[1]     ? 
_reflns.pdbx_aniso_B_tensor_eigenvector_3_ortho[2]     ? 
_reflns.pdbx_aniso_B_tensor_eigenvector_3_ortho[3]     ? 
_reflns.pdbx_aniso_B_tensor_eigenvalue_1               ? 
_reflns.pdbx_aniso_B_tensor_eigenvalue_2               ? 
_reflns.pdbx_aniso_B_tensor_eigenvalue_3               ? 
_reflns.pdbx_orthogonalization_convention              ? 
_reflns.pdbx_percent_possible_ellipsoidal              ? 
_reflns.pdbx_percent_possible_spherical                ? 
_reflns.pdbx_percent_possible_ellipsoidal_anomalous    ? 
_reflns.pdbx_percent_possible_spherical_anomalous      ? 
_reflns.pdbx_redundancy_anomalous                      ? 
_reflns.pdbx_CC_half_anomalous                         ? 
_reflns.pdbx_absDiff_over_sigma_anomalous              ? 
_reflns.pdbx_percent_possible_anomalous                ? 
_reflns.pdbx_observed_signal_threshold                 ? 
_reflns.pdbx_signal_type                               ? 
_reflns.pdbx_signal_details                            ? 
_reflns.pdbx_signal_software_id                        ? 
# 
_reflns_shell.d_res_high                                    2.63 
_reflns_shell.d_res_low                                     2.70 
_reflns_shell.meanI_over_sigI_all                           ? 
_reflns_shell.meanI_over_sigI_obs                           1.4 
_reflns_shell.number_measured_all                           ? 
_reflns_shell.number_measured_obs                           ? 
_reflns_shell.number_possible                               ? 
_reflns_shell.number_unique_all                             ? 
_reflns_shell.number_unique_obs                             420 
_reflns_shell.percent_possible_all                          100 
_reflns_shell.percent_possible_obs                          ? 
_reflns_shell.Rmerge_F_all                                  ? 
_reflns_shell.Rmerge_F_obs                                  ? 
_reflns_shell.Rmerge_I_all                                  ? 
_reflns_shell.Rmerge_I_obs                                  ? 
_reflns_shell.meanI_over_sigI_gt                            ? 
_reflns_shell.meanI_over_uI_all                             ? 
_reflns_shell.meanI_over_uI_gt                              ? 
_reflns_shell.number_measured_gt                            ? 
_reflns_shell.number_unique_gt                              ? 
_reflns_shell.percent_possible_gt                           ? 
_reflns_shell.Rmerge_F_gt                                   ? 
_reflns_shell.Rmerge_I_gt                                   ? 
_reflns_shell.pdbx_redundancy                               1.4 
_reflns_shell.pdbx_Rsym_value                               ? 
_reflns_shell.pdbx_chi_squared                              ? 
_reflns_shell.pdbx_netI_over_sigmaI_all                     ? 
_reflns_shell.pdbx_netI_over_sigmaI_obs                     ? 
_reflns_shell.pdbx_Rrim_I_all                               ? 
_reflns_shell.pdbx_Rpim_I_all                               ? 
_reflns_shell.pdbx_rejects                                  ? 
_reflns_shell.pdbx_ordinal                                  1 
_reflns_shell.pdbx_diffrn_id                                1 
_reflns_shell.pdbx_CC_half                                  0.5 
_reflns_shell.pdbx_CC_star                                  ? 
_reflns_shell.pdbx_R_split                                  ? 
_reflns_shell.pdbx_percent_possible_ellipsoidal             ? 
_reflns_shell.pdbx_percent_possible_spherical               ? 
_reflns_shell.pdbx_percent_possible_ellipsoidal_anomalous   ? 
_reflns_shell.pdbx_percent_possible_spherical_anomalous     ? 
_reflns_shell.pdbx_redundancy_anomalous                     ? 
_reflns_shell.pdbx_CC_half_anomalous                        ? 
_reflns_shell.pdbx_absDiff_over_sigma_anomalous             ? 
_reflns_shell.pdbx_percent_possible_anomalous               ? 
# 
_refine.aniso_B[1][1]                            ? 
_refine.aniso_B[1][2]                            ? 
_refine.aniso_B[1][3]                            ? 
_refine.aniso_B[2][2]                            ? 
_refine.aniso_B[2][3]                            ? 
_refine.aniso_B[3][3]                            ? 
_refine.B_iso_max                                ? 
_refine.B_iso_mean                               ? 
_refine.B_iso_min                                ? 
_refine.correlation_coeff_Fo_to_Fc               ? 
_refine.correlation_coeff_Fo_to_Fc_free          ? 
_refine.details                                  ? 
_refine.diff_density_max                         ? 
_refine.diff_density_max_esd                     ? 
_refine.diff_density_min                         ? 
_refine.diff_density_min_esd                     ? 
_refine.diff_density_rms                         ? 
_refine.diff_density_rms_esd                     ? 
_refine.entry_id                                 7PGL 
_refine.pdbx_refine_id                           'X-RAY DIFFRACTION' 
_refine.ls_abs_structure_details                 ? 
_refine.ls_abs_structure_Flack                   ? 
_refine.ls_abs_structure_Flack_esd               ? 
_refine.ls_abs_structure_Rogers                  ? 
_refine.ls_abs_structure_Rogers_esd              ? 
_refine.ls_d_res_high                            2.630 
_refine.ls_d_res_low                             50.67 
_refine.ls_extinction_coef                       ? 
_refine.ls_extinction_coef_esd                   ? 
_refine.ls_extinction_expression                 ? 
_refine.ls_extinction_method                     ? 
_refine.ls_goodness_of_fit_all                   ? 
_refine.ls_goodness_of_fit_all_esd               ? 
_refine.ls_goodness_of_fit_obs                   ? 
_refine.ls_goodness_of_fit_obs_esd               ? 
_refine.ls_hydrogen_treatment                    ? 
_refine.ls_matrix_type                           ? 
_refine.ls_number_constraints                    ? 
_refine.ls_number_parameters                     ? 
_refine.ls_number_reflns_all                     ? 
_refine.ls_number_reflns_obs                     5602 
_refine.ls_number_reflns_R_free                  281 
_refine.ls_number_reflns_R_work                  ? 
_refine.ls_number_restraints                     ? 
_refine.ls_percent_reflns_obs                    99.95 
_refine.ls_percent_reflns_R_free                 5.02 
_refine.ls_R_factor_all                          ? 
_refine.ls_R_factor_obs                          0.2452 
_refine.ls_R_factor_R_free                       0.2650 
_refine.ls_R_factor_R_free_error                 ? 
_refine.ls_R_factor_R_free_error_details         ? 
_refine.ls_R_factor_R_work                       0.2440 
_refine.ls_R_Fsqd_factor_obs                     ? 
_refine.ls_R_I_factor_obs                        ? 
_refine.ls_redundancy_reflns_all                 ? 
_refine.ls_redundancy_reflns_obs                 ? 
_refine.ls_restrained_S_all                      ? 
_refine.ls_restrained_S_obs                      ? 
_refine.ls_shift_over_esd_max                    ? 
_refine.ls_shift_over_esd_mean                   ? 
_refine.ls_structure_factor_coef                 ? 
_refine.ls_weighting_details                     ? 
_refine.ls_weighting_scheme                      ? 
_refine.ls_wR_factor_all                         ? 
_refine.ls_wR_factor_obs                         ? 
_refine.ls_wR_factor_R_free                      ? 
_refine.ls_wR_factor_R_work                      ? 
_refine.occupancy_max                            ? 
_refine.occupancy_min                            ? 
_refine.solvent_model_details                    'FLAT BULK SOLVENT MODEL' 
_refine.solvent_model_param_bsol                 ? 
_refine.solvent_model_param_ksol                 ? 
_refine.pdbx_R_complete                          ? 
_refine.ls_R_factor_gt                           ? 
_refine.ls_goodness_of_fit_gt                    ? 
_refine.ls_goodness_of_fit_ref                   ? 
_refine.ls_shift_over_su_max                     ? 
_refine.ls_shift_over_su_max_lt                  ? 
_refine.ls_shift_over_su_mean                    ? 
_refine.ls_shift_over_su_mean_lt                 ? 
_refine.pdbx_ls_sigma_I                          ? 
_refine.pdbx_ls_sigma_F                          1.36 
_refine.pdbx_ls_sigma_Fsqd                       ? 
_refine.pdbx_data_cutoff_high_absF               ? 
_refine.pdbx_data_cutoff_high_rms_absF           ? 
_refine.pdbx_data_cutoff_low_absF                ? 
_refine.pdbx_isotropic_thermal_model             ? 
_refine.pdbx_ls_cross_valid_method               THROUGHOUT 
_refine.pdbx_method_to_determine_struct          'MOLECULAR REPLACEMENT' 
_refine.pdbx_starting_model                      HHIP-N:SOS 
_refine.pdbx_stereochemistry_target_values       ML 
_refine.pdbx_R_Free_selection_details            ? 
_refine.pdbx_stereochem_target_val_spec_case     ? 
_refine.pdbx_overall_ESU_R                       ? 
_refine.pdbx_overall_ESU_R_Free                  ? 
_refine.pdbx_solvent_vdw_probe_radii             1.11 
_refine.pdbx_solvent_ion_probe_radii             ? 
_refine.pdbx_solvent_shrinkage_radii             0.90 
_refine.pdbx_real_space_R                        ? 
_refine.pdbx_density_correlation                 ? 
_refine.pdbx_pd_number_of_powder_patterns        ? 
_refine.pdbx_pd_number_of_points                 ? 
_refine.pdbx_pd_meas_number_of_points            ? 
_refine.pdbx_pd_proc_ls_prof_R_factor            ? 
_refine.pdbx_pd_proc_ls_prof_wR_factor           ? 
_refine.pdbx_pd_Marquardt_correlation_coeff      ? 
_refine.pdbx_pd_Fsqrd_R_factor                   ? 
_refine.pdbx_pd_ls_matrix_band_width             ? 
_refine.pdbx_overall_phase_error                 22.67 
_refine.pdbx_overall_SU_R_free_Cruickshank_DPI   ? 
_refine.pdbx_overall_SU_R_free_Blow_DPI          ? 
_refine.pdbx_overall_SU_R_Blow_DPI               ? 
_refine.pdbx_TLS_residual_ADP_flag               ? 
_refine.pdbx_diffrn_id                           1 
_refine.overall_SU_B                             ? 
_refine.overall_SU_ML                            0.50 
_refine.overall_SU_R_Cruickshank_DPI             ? 
_refine.overall_SU_R_free                        ? 
_refine.overall_FOM_free_R_set                   ? 
_refine.overall_FOM_work_R_set                   ? 
_refine.pdbx_average_fsc_overall                 ? 
_refine.pdbx_average_fsc_work                    ? 
_refine.pdbx_average_fsc_free                    ? 
# 
_refine_hist.pdbx_refine_id                   'X-RAY DIFFRACTION' 
_refine_hist.cycle_id                         LAST 
_refine_hist.pdbx_number_atoms_protein        807 
_refine_hist.pdbx_number_atoms_nucleic_acid   0 
_refine_hist.pdbx_number_atoms_ligand         0 
_refine_hist.number_atoms_solvent             0 
_refine_hist.number_atoms_total               807 
_refine_hist.d_res_high                       2.630 
_refine_hist.d_res_low                        50.67 
# 
loop_
_refine_ls_restr.pdbx_refine_id 
_refine_ls_restr.criterion 
_refine_ls_restr.dev_ideal 
_refine_ls_restr.dev_ideal_target 
_refine_ls_restr.number 
_refine_ls_restr.rejects 
_refine_ls_restr.type 
_refine_ls_restr.weight 
_refine_ls_restr.pdbx_restraint_function 
'X-RAY DIFFRACTION' ? 0.002  ? 834  ? f_bond_d           ? ? 
'X-RAY DIFFRACTION' ? 0.538  ? 1125 ? f_angle_d          ? ? 
'X-RAY DIFFRACTION' ? 15.047 ? 508  ? f_dihedral_angle_d ? ? 
'X-RAY DIFFRACTION' ? 0.033  ? 115  ? f_chiral_restr     ? ? 
'X-RAY DIFFRACTION' ? 0.003  ? 144  ? f_plane_restr      ? ? 
# 
loop_
_refine_ls_shell.pdbx_refine_id 
_refine_ls_shell.d_res_high 
_refine_ls_shell.d_res_low 
_refine_ls_shell.number_reflns_all 
_refine_ls_shell.number_reflns_obs 
_refine_ls_shell.number_reflns_R_free 
_refine_ls_shell.number_reflns_R_work 
_refine_ls_shell.percent_reflns_obs 
_refine_ls_shell.percent_reflns_R_free 
_refine_ls_shell.R_factor_all 
_refine_ls_shell.R_factor_obs 
_refine_ls_shell.R_factor_R_free 
_refine_ls_shell.R_factor_R_free_error 
_refine_ls_shell.R_factor_R_work 
_refine_ls_shell.redundancy_reflns_all 
_refine_ls_shell.redundancy_reflns_obs 
_refine_ls_shell.wR_factor_all 
_refine_ls_shell.wR_factor_obs 
_refine_ls_shell.wR_factor_R_free 
_refine_ls_shell.wR_factor_R_work 
_refine_ls_shell.pdbx_R_complete 
_refine_ls_shell.pdbx_total_number_of_bins_used 
_refine_ls_shell.pdbx_phase_error 
_refine_ls_shell.pdbx_fsc_work 
_refine_ls_shell.pdbx_fsc_free 
'X-RAY DIFFRACTION' 2.6302 3.3137 . . 133 2591 100.00 . . . 0.3487 . 0.2930 . . . . . . . . . . . 
'X-RAY DIFFRACTION' 3.3137 50.67  . . 148 2730 100.00 . . . 0.2524 . 0.2352 . . . . . . . . . . . 
# 
_struct.entry_id                     7PGL 
_struct.title                        'HHIP-N, the N-terminal domain of the Hedgehog-Interacting Protein (HHIP), apo-form' 
_struct.pdbx_model_details           ? 
_struct.pdbx_formula_weight          ? 
_struct.pdbx_formula_weight_method   ? 
_struct.pdbx_model_type_details      ? 
_struct.pdbx_CASP_flag               N 
# 
_struct_keywords.entry_id        7PGL 
_struct_keywords.text            
'HHIP, Hedgehog, morphogen, signalling, glycosaminoglycan, cholesterol, palmitate, secreted, SIGNALING PROTEIN' 
_struct_keywords.pdbx_keywords   'SIGNALING PROTEIN' 
# 
_struct_asym.id                            A 
_struct_asym.pdbx_blank_PDB_chainid_flag   N 
_struct_asym.pdbx_modified                 N 
_struct_asym.entity_id                     1 
_struct_asym.details                       ? 
# 
_struct_ref.id                         1 
_struct_ref.db_name                    UNP 
_struct_ref.db_code                    HHIP_HUMAN 
_struct_ref.pdbx_db_accession          Q96QV1 
_struct_ref.pdbx_db_isoform            ? 
_struct_ref.entity_id                  1 
_struct_ref.pdbx_seq_one_letter_code   
;CLNGNPPKRLKRRDRRMMSQLELLSGGEMLCGGFYPRLSCCLRSDSPGLGRLENKIFSVTNNTECGKLLEEIKCALCSPH
SQSLFHSPEREVLERDLVLPLLCKDYCKEFFYTCRGHIPGFLQTTADEFCFYYARKDGGLCFPDFPRKQVRGPASNYLDQ
MEEYDKVEEIS
;
_struct_ref.pdbx_align_begin           39 
# 
_struct_ref_seq.align_id                      1 
_struct_ref_seq.ref_id                        1 
_struct_ref_seq.pdbx_PDB_id_code              7PGL 
_struct_ref_seq.pdbx_strand_id                A 
_struct_ref_seq.seq_align_beg                 4 
_struct_ref_seq.pdbx_seq_align_beg_ins_code   ? 
_struct_ref_seq.seq_align_end                 174 
_struct_ref_seq.pdbx_seq_align_end_ins_code   ? 
_struct_ref_seq.pdbx_db_accession             Q96QV1 
_struct_ref_seq.db_align_beg                  39 
_struct_ref_seq.pdbx_db_align_beg_ins_code    ? 
_struct_ref_seq.db_align_end                  209 
_struct_ref_seq.pdbx_db_align_end_ins_code    ? 
_struct_ref_seq.pdbx_auth_seq_align_beg       39 
_struct_ref_seq.pdbx_auth_seq_align_end       209 
# 
loop_
_struct_ref_seq_dif.align_id 
_struct_ref_seq_dif.pdbx_pdb_id_code 
_struct_ref_seq_dif.mon_id 
_struct_ref_seq_dif.pdbx_pdb_strand_id 
_struct_ref_seq_dif.seq_num 
_struct_ref_seq_dif.pdbx_pdb_ins_code 
_struct_ref_seq_dif.pdbx_seq_db_name 
_struct_ref_seq_dif.pdbx_seq_db_accession_code 
_struct_ref_seq_dif.db_mon_id 
_struct_ref_seq_dif.pdbx_seq_db_seq_num 
_struct_ref_seq_dif.details 
_struct_ref_seq_dif.pdbx_auth_seq_num 
_struct_ref_seq_dif.pdbx_ordinal 
1 7PGL GLU A 1   ? UNP Q96QV1 ? ? 'expression tag' 36  1  
1 7PGL THR A 2   ? UNP Q96QV1 ? ? 'expression tag' 37  2  
1 7PGL GLY A 3   ? UNP Q96QV1 ? ? 'expression tag' 38  3  
1 7PGL GLY A 175 ? UNP Q96QV1 ? ? 'expression tag' 210 4  
1 7PGL THR A 176 ? UNP Q96QV1 ? ? 'expression tag' 211 5  
1 7PGL LYS A 177 ? UNP Q96QV1 ? ? 'expression tag' 212 6  
1 7PGL HIS A 178 ? UNP Q96QV1 ? ? 'expression tag' 213 7  
1 7PGL HIS A 179 ? UNP Q96QV1 ? ? 'expression tag' 214 8  
1 7PGL HIS A 180 ? UNP Q96QV1 ? ? 'expression tag' 215 9  
1 7PGL HIS A 181 ? UNP Q96QV1 ? ? 'expression tag' 216 10 
1 7PGL HIS A 182 ? UNP Q96QV1 ? ? 'expression tag' 217 11 
1 7PGL HIS A 183 ? UNP Q96QV1 ? ? 'expression tag' 218 12 
# 
_pdbx_struct_assembly.id                   1 
_pdbx_struct_assembly.details              author_and_software_defined_assembly 
_pdbx_struct_assembly.method_details       PISA 
_pdbx_struct_assembly.oligomeric_details   monomeric 
_pdbx_struct_assembly.oligomeric_count     1 
# 
loop_
_pdbx_struct_assembly_prop.biol_id 
_pdbx_struct_assembly_prop.type 
_pdbx_struct_assembly_prop.value 
_pdbx_struct_assembly_prop.details 
1 'ABSA (A^2)' 0    ? 
1 MORE         0    ? 
1 'SSA (A^2)'  6660 ? 
# 
_pdbx_struct_assembly_gen.assembly_id       1 
_pdbx_struct_assembly_gen.oper_expression   1 
_pdbx_struct_assembly_gen.asym_id_list      A 
# 
_pdbx_struct_assembly_auth_evidence.id                     1 
_pdbx_struct_assembly_auth_evidence.assembly_id            1 
_pdbx_struct_assembly_auth_evidence.experimental_support   'gel filtration' 
_pdbx_struct_assembly_auth_evidence.details                
'Peaks corresponding to HHIP-N monomers (major) and dimers (minor) were observed via SEC-MALS' 
# 
_pdbx_struct_oper_list.id                   1 
_pdbx_struct_oper_list.type                 'identity operation' 
_pdbx_struct_oper_list.name                 1_555 
_pdbx_struct_oper_list.symmetry_operation   x,y,z 
_pdbx_struct_oper_list.matrix[1][1]         1.0000000000 
_pdbx_struct_oper_list.matrix[1][2]         0.0000000000 
_pdbx_struct_oper_list.matrix[1][3]         0.0000000000 
_pdbx_struct_oper_list.vector[1]            0.0000000000 
_pdbx_struct_oper_list.matrix[2][1]         0.0000000000 
_pdbx_struct_oper_list.matrix[2][2]         1.0000000000 
_pdbx_struct_oper_list.matrix[2][3]         0.0000000000 
_pdbx_struct_oper_list.vector[2]            0.0000000000 
_pdbx_struct_oper_list.matrix[3][1]         0.0000000000 
_pdbx_struct_oper_list.matrix[3][2]         0.0000000000 
_pdbx_struct_oper_list.matrix[3][3]         1.0000000000 
_pdbx_struct_oper_list.vector[3]            0.0000000000 
# 
loop_
_struct_conf.conf_type_id 
_struct_conf.id 
_struct_conf.pdbx_PDB_helix_id 
_struct_conf.beg_label_comp_id 
_struct_conf.beg_label_asym_id 
_struct_conf.beg_label_seq_id 
_struct_conf.pdbx_beg_PDB_ins_code 
_struct_conf.end_label_comp_id 
_struct_conf.end_label_asym_id 
_struct_conf.end_label_seq_id 
_struct_conf.pdbx_end_PDB_ins_code 
_struct_conf.beg_auth_comp_id 
_struct_conf.beg_auth_asym_id 
_struct_conf.beg_auth_seq_id 
_struct_conf.end_auth_comp_id 
_struct_conf.end_auth_asym_id 
_struct_conf.end_auth_seq_id 
_struct_conf.pdbx_PDB_helix_class 
_struct_conf.details 
_struct_conf.pdbx_PDB_helix_length 
HELX_P HELX_P1 AA1 THR A 66  ? CYS A 77  ? THR A 101 CYS A 112 1 ? 12 
HELX_P HELX_P2 AA2 ALA A 78  ? SER A 81  ? ALA A 113 SER A 116 5 ? 4  
HELX_P HELX_P3 AA3 HIS A 83  ? PHE A 88  ? HIS A 118 PHE A 123 1 ? 6  
HELX_P HELX_P4 AA4 CYS A 106 ? ARG A 118 ? CYS A 141 ARG A 153 1 ? 13 
HELX_P HELX_P5 AA5 GLY A 123 ? THR A 127 ? GLY A 158 THR A 162 5 ? 5  
HELX_P HELX_P6 AA6 THR A 128 ? ALA A 137 ? THR A 163 ALA A 172 1 ? 10 
# 
_struct_conf_type.id          HELX_P 
_struct_conf_type.criteria    ? 
_struct_conf_type.reference   ? 
# 
loop_
_struct_conn.id 
_struct_conn.conn_type_id 
_struct_conn.pdbx_leaving_atom_flag 
_struct_conn.pdbx_PDB_id 
_struct_conn.ptnr1_label_asym_id 
_struct_conn.ptnr1_label_comp_id 
_struct_conn.ptnr1_label_seq_id 
_struct_conn.ptnr1_label_atom_id 
_struct_conn.pdbx_ptnr1_label_alt_id 
_struct_conn.pdbx_ptnr1_PDB_ins_code 
_struct_conn.pdbx_ptnr1_standard_comp_id 
_struct_conn.ptnr1_symmetry 
_struct_conn.ptnr2_label_asym_id 
_struct_conn.ptnr2_label_comp_id 
_struct_conn.ptnr2_label_seq_id 
_struct_conn.ptnr2_label_atom_id 
_struct_conn.pdbx_ptnr2_label_alt_id 
_struct_conn.pdbx_ptnr2_PDB_ins_code 
_struct_conn.ptnr1_auth_asym_id 
_struct_conn.ptnr1_auth_comp_id 
_struct_conn.ptnr1_auth_seq_id 
_struct_conn.ptnr2_auth_asym_id 
_struct_conn.ptnr2_auth_comp_id 
_struct_conn.ptnr2_auth_seq_id 
_struct_conn.ptnr2_symmetry 
_struct_conn.pdbx_ptnr3_label_atom_id 
_struct_conn.pdbx_ptnr3_label_seq_id 
_struct_conn.pdbx_ptnr3_label_comp_id 
_struct_conn.pdbx_ptnr3_label_asym_id 
_struct_conn.pdbx_ptnr3_label_alt_id 
_struct_conn.pdbx_ptnr3_PDB_ins_code 
_struct_conn.details 
_struct_conn.pdbx_dist_value 
_struct_conn.pdbx_value_order 
_struct_conn.pdbx_role 
disulf1 disulf ? ? A CYS 4   SG ? ? ? 1_555 A CYS 43  SG ? ? A CYS 39  A CYS 78  1_555 ? ? ? ? ? ? ? 2.028 ? ? 
disulf2 disulf ? ? A CYS 34  SG ? ? ? 1_555 A CYS 77  SG ? ? A CYS 69  A CYS 112 1_555 ? ? ? ? ? ? ? 2.031 ? ? 
disulf3 disulf ? ? A CYS 44  SG ? ? ? 1_555 A CYS 80  SG ? ? A CYS 79  A CYS 115 1_555 ? ? ? ? ? ? ? 2.030 ? ? 
disulf4 disulf ? ? A CYS 68  SG ? ? ? 1_555 A CYS 117 SG ? ? A CYS 103 A CYS 152 1_555 ? ? ? ? ? ? ? 2.032 ? ? 
disulf5 disulf ? ? A CYS 106 SG ? ? ? 1_555 A CYS 144 SG ? ? A CYS 141 A CYS 179 1_555 ? ? ? ? ? ? ? 2.034 ? ? 
disulf6 disulf ? ? A CYS 110 SG ? ? ? 1_555 A CYS 133 SG ? ? A CYS 145 A CYS 168 1_555 ? ? ? ? ? ? ? 2.034 ? ? 
# 
_struct_conn_type.id          disulf 
_struct_conn_type.criteria    ? 
_struct_conn_type.reference   ? 
# 
loop_
_pdbx_modification_feature.ordinal 
_pdbx_modification_feature.label_comp_id 
_pdbx_modification_feature.label_asym_id 
_pdbx_modification_feature.label_seq_id 
_pdbx_modification_feature.label_alt_id 
_pdbx_modification_feature.modified_residue_label_comp_id 
_pdbx_modification_feature.modified_residue_label_asym_id 
_pdbx_modification_feature.modified_residue_label_seq_id 
_pdbx_modification_feature.modified_residue_label_alt_id 
_pdbx_modification_feature.auth_comp_id 
_pdbx_modification_feature.auth_asym_id 
_pdbx_modification_feature.auth_seq_id 
_pdbx_modification_feature.PDB_ins_code 
_pdbx_modification_feature.symmetry 
_pdbx_modification_feature.modified_residue_auth_comp_id 
_pdbx_modification_feature.modified_residue_auth_asym_id 
_pdbx_modification_feature.modified_residue_auth_seq_id 
_pdbx_modification_feature.modified_residue_PDB_ins_code 
_pdbx_modification_feature.modified_residue_symmetry 
_pdbx_modification_feature.comp_id_linking_atom 
_pdbx_modification_feature.modified_residue_id_linking_atom 
_pdbx_modification_feature.modified_residue_id 
_pdbx_modification_feature.ref_pcm_id 
_pdbx_modification_feature.ref_comp_id 
_pdbx_modification_feature.type 
_pdbx_modification_feature.category 
1 CYS A 4   ? CYS A 43  ? CYS A 39  ? 1_555 CYS A 78  ? 1_555 SG SG . . . None 'Disulfide bridge' 
2 CYS A 34  ? CYS A 77  ? CYS A 69  ? 1_555 CYS A 112 ? 1_555 SG SG . . . None 'Disulfide bridge' 
3 CYS A 44  ? CYS A 80  ? CYS A 79  ? 1_555 CYS A 115 ? 1_555 SG SG . . . None 'Disulfide bridge' 
4 CYS A 68  ? CYS A 117 ? CYS A 103 ? 1_555 CYS A 152 ? 1_555 SG SG . . . None 'Disulfide bridge' 
5 CYS A 106 ? CYS A 144 ? CYS A 141 ? 1_555 CYS A 179 ? 1_555 SG SG . . . None 'Disulfide bridge' 
6 CYS A 110 ? CYS A 133 ? CYS A 145 ? 1_555 CYS A 168 ? 1_555 SG SG . . . None 'Disulfide bridge' 
# 
_struct_mon_prot_cis.pdbx_id                1 
_struct_mon_prot_cis.label_comp_id          PHE 
_struct_mon_prot_cis.label_seq_id           145 
_struct_mon_prot_cis.label_asym_id          A 
_struct_mon_prot_cis.label_alt_id           . 
_struct_mon_prot_cis.pdbx_PDB_ins_code      ? 
_struct_mon_prot_cis.auth_comp_id           PHE 
_struct_mon_prot_cis.auth_seq_id            180 
_struct_mon_prot_cis.auth_asym_id           A 
_struct_mon_prot_cis.pdbx_label_comp_id_2   PRO 
_struct_mon_prot_cis.pdbx_label_seq_id_2    146 
_struct_mon_prot_cis.pdbx_label_asym_id_2   A 
_struct_mon_prot_cis.pdbx_PDB_ins_code_2    ? 
_struct_mon_prot_cis.pdbx_auth_comp_id_2    PRO 
_struct_mon_prot_cis.pdbx_auth_seq_id_2     181 
_struct_mon_prot_cis.pdbx_auth_asym_id_2    A 
_struct_mon_prot_cis.pdbx_PDB_model_num     1 
_struct_mon_prot_cis.pdbx_omega_angle       2.89 
# 
_struct_sheet.id               AA1 
_struct_sheet.type             ? 
_struct_sheet.number_strands   2 
_struct_sheet.details          ? 
# 
_struct_sheet_order.sheet_id     AA1 
_struct_sheet_order.range_id_1   1 
_struct_sheet_order.range_id_2   2 
_struct_sheet_order.offset       ? 
_struct_sheet_order.sense        anti-parallel 
# 
loop_
_struct_sheet_range.sheet_id 
_struct_sheet_range.id 
_struct_sheet_range.beg_label_comp_id 
_struct_sheet_range.beg_label_asym_id 
_struct_sheet_range.beg_label_seq_id 
_struct_sheet_range.pdbx_beg_PDB_ins_code 
_struct_sheet_range.end_label_comp_id 
_struct_sheet_range.end_label_asym_id 
_struct_sheet_range.end_label_seq_id 
_struct_sheet_range.pdbx_end_PDB_ins_code 
_struct_sheet_range.beg_auth_comp_id 
_struct_sheet_range.beg_auth_asym_id 
_struct_sheet_range.beg_auth_seq_id 
_struct_sheet_range.end_auth_comp_id 
_struct_sheet_range.end_auth_asym_id 
_struct_sheet_range.end_auth_seq_id 
AA1 1 LYS A 11 ? ARG A 12 ? LYS A 46 ARG A 47 
AA1 2 LEU A 41 ? SER A 42 ? LEU A 76 SER A 77 
# 
_pdbx_struct_sheet_hbond.sheet_id                AA1 
_pdbx_struct_sheet_hbond.range_id_1              1 
_pdbx_struct_sheet_hbond.range_id_2              2 
_pdbx_struct_sheet_hbond.range_1_label_atom_id   N 
_pdbx_struct_sheet_hbond.range_1_label_comp_id   LYS 
_pdbx_struct_sheet_hbond.range_1_label_asym_id   A 
_pdbx_struct_sheet_hbond.range_1_label_seq_id    11 
_pdbx_struct_sheet_hbond.range_1_PDB_ins_code    ? 
_pdbx_struct_sheet_hbond.range_1_auth_atom_id    N 
_pdbx_struct_sheet_hbond.range_1_auth_comp_id    LYS 
_pdbx_struct_sheet_hbond.range_1_auth_asym_id    A 
_pdbx_struct_sheet_hbond.range_1_auth_seq_id     46 
_pdbx_struct_sheet_hbond.range_2_label_atom_id   O 
_pdbx_struct_sheet_hbond.range_2_label_comp_id   SER 
_pdbx_struct_sheet_hbond.range_2_label_asym_id   A 
_pdbx_struct_sheet_hbond.range_2_label_seq_id    42 
_pdbx_struct_sheet_hbond.range_2_PDB_ins_code    ? 
_pdbx_struct_sheet_hbond.range_2_auth_atom_id    O 
_pdbx_struct_sheet_hbond.range_2_auth_comp_id    SER 
_pdbx_struct_sheet_hbond.range_2_auth_asym_id    A 
_pdbx_struct_sheet_hbond.range_2_auth_seq_id     77 
# 
_pdbx_entry_details.entry_id                   7PGL 
_pdbx_entry_details.compound_details           ? 
_pdbx_entry_details.source_details             ? 
_pdbx_entry_details.nonpolymer_details         ? 
_pdbx_entry_details.sequence_details           ? 
_pdbx_entry_details.has_ligand_of_interest     ? 
_pdbx_entry_details.has_protein_modification   Y 
# 
loop_
_pdbx_refine_tls.id 
_pdbx_refine_tls.pdbx_refine_id 
_pdbx_refine_tls.details 
_pdbx_refine_tls.method 
_pdbx_refine_tls.origin_x 
_pdbx_refine_tls.origin_y 
_pdbx_refine_tls.origin_z 
_pdbx_refine_tls.T[1][1] 
_pdbx_refine_tls.T[1][1]_esd 
_pdbx_refine_tls.T[1][2] 
_pdbx_refine_tls.T[1][2]_esd 
_pdbx_refine_tls.T[1][3] 
_pdbx_refine_tls.T[1][3]_esd 
_pdbx_refine_tls.T[2][2] 
_pdbx_refine_tls.T[2][2]_esd 
_pdbx_refine_tls.T[2][3] 
_pdbx_refine_tls.T[2][3]_esd 
_pdbx_refine_tls.T[3][3] 
_pdbx_refine_tls.T[3][3]_esd 
_pdbx_refine_tls.L[1][1] 
_pdbx_refine_tls.L[1][1]_esd 
_pdbx_refine_tls.L[1][2] 
_pdbx_refine_tls.L[1][2]_esd 
_pdbx_refine_tls.L[1][3] 
_pdbx_refine_tls.L[1][3]_esd 
_pdbx_refine_tls.L[2][2] 
_pdbx_refine_tls.L[2][2]_esd 
_pdbx_refine_tls.L[2][3] 
_pdbx_refine_tls.L[2][3]_esd 
_pdbx_refine_tls.L[3][3] 
_pdbx_refine_tls.L[3][3]_esd 
_pdbx_refine_tls.S[1][1] 
_pdbx_refine_tls.S[1][1]_esd 
_pdbx_refine_tls.S[1][2] 
_pdbx_refine_tls.S[1][2]_esd 
_pdbx_refine_tls.S[1][3] 
_pdbx_refine_tls.S[1][3]_esd 
_pdbx_refine_tls.S[2][1] 
_pdbx_refine_tls.S[2][1]_esd 
_pdbx_refine_tls.S[2][2] 
_pdbx_refine_tls.S[2][2]_esd 
_pdbx_refine_tls.S[2][3] 
_pdbx_refine_tls.S[2][3]_esd 
_pdbx_refine_tls.S[3][1] 
_pdbx_refine_tls.S[3][1]_esd 
_pdbx_refine_tls.S[3][2] 
_pdbx_refine_tls.S[3][2]_esd 
_pdbx_refine_tls.S[3][3] 
_pdbx_refine_tls.S[3][3]_esd 
1 'X-RAY DIFFRACTION' ? refined 5.8210  -14.8615 3.0550  0.9224 ? 0.1750  ? 0.2577 ? 0.9695 ? 0.2068  ? 1.9606 ? 3.1773 ? 2.7890  ? -3.4425 ? 4.4052 ? -2.5798 ? 3.8254 ? 0.1575  ? 0.7030  ? -0.5364 ? 0.3135  ? -0.0616 ? -1.7596 ? 0.4086 ? -0.2525 ? -0.1354 ? 
2 'X-RAY DIFFRACTION' ? refined 5.2639  -10.3225 13.5994 0.6891 ? -0.0812 ? 0.2819 ? 1.0603 ? 0.0748  ? 1.7770 ? 1.4159 ? -0.9350 ? 0.4346  ? 0.6975 ? -0.8614 ? 3.9341 ? 0.4671  ? 0.5093  ? -1.8229 ? 0.4103  ? 0.6541  ? 0.2968  ? 0.5946 ? 0.4524  ? 1.1708  ? 
3 'X-RAY DIFFRACTION' ? refined -1.1819 2.4693   -1.3756 0.6766 ? -0.1003 ? 0.1436 ? 0.7789 ? -0.0221 ? 0.8681 ? 5.3586 ? -0.3995 ? 0.1975  ? 4.2891 ? -1.6827 ? 3.5319 ? -0.0863 ? -0.0061 ? -0.6007 ? -0.4091 ? 0.0435  ? -0.5383 ? 0.1607 ? -0.2098 ? 0.0526  ? 
# 
loop_
_pdbx_refine_tls_group.id 
_pdbx_refine_tls_group.pdbx_refine_id 
_pdbx_refine_tls_group.refine_tls_id 
_pdbx_refine_tls_group.beg_label_asym_id 
_pdbx_refine_tls_group.beg_label_seq_id 
_pdbx_refine_tls_group.beg_auth_asym_id 
_pdbx_refine_tls_group.beg_auth_seq_id 
_pdbx_refine_tls_group.beg_PDB_ins_code 
_pdbx_refine_tls_group.end_label_asym_id 
_pdbx_refine_tls_group.end_label_seq_id 
_pdbx_refine_tls_group.end_auth_asym_id 
_pdbx_refine_tls_group.end_auth_seq_id 
_pdbx_refine_tls_group.end_PDB_ins_code 
_pdbx_refine_tls_group.selection 
_pdbx_refine_tls_group.selection_details 
1 'X-RAY DIFFRACTION' 1 ? ? ? ? ? ? ? ? ? ? ? 
;chain 'A' and (resid 36 through 45 )
;
2 'X-RAY DIFFRACTION' 2 ? ? ? ? ? ? ? ? ? ? ? 
;chain 'A' and (resid 46 through 69 )
;
3 'X-RAY DIFFRACTION' 3 ? ? ? ? ? ? ? ? ? ? ? 
;chain 'A' and (resid 70 through 185 )
;
# 
loop_
_pdbx_unobs_or_zero_occ_residues.id 
_pdbx_unobs_or_zero_occ_residues.PDB_model_num 
_pdbx_unobs_or_zero_occ_residues.polymer_flag 
_pdbx_unobs_or_zero_occ_residues.occupancy_flag 
_pdbx_unobs_or_zero_occ_residues.auth_asym_id 
_pdbx_unobs_or_zero_occ_residues.auth_comp_id 
_pdbx_unobs_or_zero_occ_residues.auth_seq_id 
_pdbx_unobs_or_zero_occ_residues.PDB_ins_code 
_pdbx_unobs_or_zero_occ_residues.label_asym_id 
_pdbx_unobs_or_zero_occ_residues.label_comp_id 
_pdbx_unobs_or_zero_occ_residues.label_seq_id 
1  1 Y 1 A LYS 49  ? A LYS 14  
2  1 Y 1 A ARG 50  ? A ARG 15  
3  1 Y 1 A ARG 51  ? A ARG 16  
4  1 Y 1 A ASP 52  ? A ASP 17  
5  1 Y 1 A ARG 53  ? A ARG 18  
6  1 Y 1 A ARG 54  ? A ARG 19  
7  1 Y 1 A MET 55  ? A MET 20  
8  1 Y 1 A MET 56  ? A MET 21  
9  1 Y 1 A SER 57  ? A SER 22  
10 1 Y 1 A GLN 58  ? A GLN 23  
11 1 Y 1 A LEU 59  ? A LEU 24  
12 1 Y 1 A GLU 60  ? A GLU 25  
13 1 Y 1 A LEU 61  ? A LEU 26  
14 1 Y 1 A LEU 62  ? A LEU 27  
15 1 Y 1 A SER 63  ? A SER 28  
16 1 Y 1 A GLY 64  ? A GLY 29  
17 1 Y 1 A GLY 65  ? A GLY 30  
18 1 Y 1 A GLU 66  ? A GLU 31  
19 1 Y 1 A MET 67  ? A MET 32  
20 1 Y 1 A LEU 80  ? A LEU 45  
21 1 Y 1 A ARG 81  ? A ARG 46  
22 1 Y 1 A SER 82  ? A SER 47  
23 1 Y 1 A ASP 83  ? A ASP 48  
24 1 Y 1 A SER 84  ? A SER 49  
25 1 Y 1 A PRO 85  ? A PRO 50  
26 1 Y 1 A GLY 86  ? A GLY 51  
27 1 Y 1 A LEU 87  ? A LEU 52  
28 1 Y 1 A GLY 88  ? A GLY 53  
29 1 Y 1 A ARG 89  ? A ARG 54  
30 1 Y 1 A LEU 90  ? A LEU 55  
31 1 Y 1 A GLU 91  ? A GLU 56  
32 1 Y 1 A ASN 92  ? A ASN 57  
33 1 Y 1 A LYS 93  ? A LYS 58  
34 1 Y 1 A ILE 94  ? A ILE 59  
35 1 Y 1 A PHE 95  ? A PHE 60  
36 1 Y 1 A SER 96  ? A SER 61  
37 1 Y 1 A VAL 97  ? A VAL 62  
38 1 Y 1 A THR 98  ? A THR 63  
39 1 Y 1 A SER 125 ? A SER 90  
40 1 Y 1 A PRO 126 ? A PRO 91  
41 1 Y 1 A GLU 127 ? A GLU 92  
42 1 Y 1 A ARG 128 ? A ARG 93  
43 1 Y 1 A GLU 129 ? A GLU 94  
44 1 Y 1 A VAL 130 ? A VAL 95  
45 1 Y 1 A LEU 131 ? A LEU 96  
46 1 Y 1 A GLU 132 ? A GLU 97  
47 1 Y 1 A ARG 133 ? A ARG 98  
48 1 Y 1 A ASP 134 ? A ASP 99  
49 1 Y 1 A LYS 186 ? A LYS 151 
50 1 Y 1 A GLN 187 ? A GLN 152 
51 1 Y 1 A VAL 188 ? A VAL 153 
52 1 Y 1 A ARG 189 ? A ARG 154 
53 1 Y 1 A GLY 190 ? A GLY 155 
54 1 Y 1 A PRO 191 ? A PRO 156 
55 1 Y 1 A ALA 192 ? A ALA 157 
56 1 Y 1 A SER 193 ? A SER 158 
57 1 Y 1 A ASN 194 ? A ASN 159 
58 1 Y 1 A TYR 195 ? A TYR 160 
59 1 Y 1 A LEU 196 ? A LEU 161 
60 1 Y 1 A ASP 197 ? A ASP 162 
61 1 Y 1 A GLN 198 ? A GLN 163 
62 1 Y 1 A MET 199 ? A MET 164 
63 1 Y 1 A GLU 200 ? A GLU 165 
64 1 Y 1 A GLU 201 ? A GLU 166 
65 1 Y 1 A TYR 202 ? A TYR 167 
66 1 Y 1 A ASP 203 ? A ASP 168 
67 1 Y 1 A LYS 204 ? A LYS 169 
68 1 Y 1 A VAL 205 ? A VAL 170 
69 1 Y 1 A GLU 206 ? A GLU 171 
70 1 Y 1 A GLU 207 ? A GLU 172 
71 1 Y 1 A ILE 208 ? A ILE 173 
72 1 Y 1 A SER 209 ? A SER 174 
73 1 Y 1 A GLY 210 ? A GLY 175 
74 1 Y 1 A THR 211 ? A THR 176 
75 1 Y 1 A LYS 212 ? A LYS 177 
76 1 Y 1 A HIS 213 ? A HIS 178 
77 1 Y 1 A HIS 214 ? A HIS 179 
78 1 Y 1 A HIS 215 ? A HIS 180 
79 1 Y 1 A HIS 216 ? A HIS 181 
80 1 Y 1 A HIS 217 ? A HIS 182 
81 1 Y 1 A HIS 218 ? A HIS 183 
# 
loop_
_chem_comp_atom.comp_id 
_chem_comp_atom.atom_id 
_chem_comp_atom.type_symbol 
_chem_comp_atom.pdbx_aromatic_flag 
_chem_comp_atom.pdbx_stereo_config 
_chem_comp_atom.pdbx_ordinal 
ALA N    N N N 1   
ALA CA   C N S 2   
ALA C    C N N 3   
ALA O    O N N 4   
ALA CB   C N N 5   
ALA OXT  O N N 6   
ALA H    H N N 7   
ALA H2   H N N 8   
ALA HA   H N N 9   
ALA HB1  H N N 10  
ALA HB2  H N N 11  
ALA HB3  H N N 12  
ALA HXT  H N N 13  
ARG N    N N N 14  
ARG CA   C N S 15  
ARG C    C N N 16  
ARG O    O N N 17  
ARG CB   C N N 18  
ARG CG   C N N 19  
ARG CD   C N N 20  
ARG NE   N N N 21  
ARG CZ   C N N 22  
ARG NH1  N N N 23  
ARG NH2  N N N 24  
ARG OXT  O N N 25  
ARG H    H N N 26  
ARG H2   H N N 27  
ARG HA   H N N 28  
ARG HB2  H N N 29  
ARG HB3  H N N 30  
ARG HG2  H N N 31  
ARG HG3  H N N 32  
ARG HD2  H N N 33  
ARG HD3  H N N 34  
ARG HE   H N N 35  
ARG HH11 H N N 36  
ARG HH12 H N N 37  
ARG HH21 H N N 38  
ARG HH22 H N N 39  
ARG HXT  H N N 40  
ASN N    N N N 41  
ASN CA   C N S 42  
ASN C    C N N 43  
ASN O    O N N 44  
ASN CB   C N N 45  
ASN CG   C N N 46  
ASN OD1  O N N 47  
ASN ND2  N N N 48  
ASN OXT  O N N 49  
ASN H    H N N 50  
ASN H2   H N N 51  
ASN HA   H N N 52  
ASN HB2  H N N 53  
ASN HB3  H N N 54  
ASN HD21 H N N 55  
ASN HD22 H N N 56  
ASN HXT  H N N 57  
ASP N    N N N 58  
ASP CA   C N S 59  
ASP C    C N N 60  
ASP O    O N N 61  
ASP CB   C N N 62  
ASP CG   C N N 63  
ASP OD1  O N N 64  
ASP OD2  O N N 65  
ASP OXT  O N N 66  
ASP H    H N N 67  
ASP H2   H N N 68  
ASP HA   H N N 69  
ASP HB2  H N N 70  
ASP HB3  H N N 71  
ASP HD2  H N N 72  
ASP HXT  H N N 73  
CYS N    N N N 74  
CYS CA   C N R 75  
CYS C    C N N 76  
CYS O    O N N 77  
CYS CB   C N N 78  
CYS SG   S N N 79  
CYS OXT  O N N 80  
CYS H    H N N 81  
CYS H2   H N N 82  
CYS HA   H N N 83  
CYS HB2  H N N 84  
CYS HB3  H N N 85  
CYS HG   H N N 86  
CYS HXT  H N N 87  
GLN N    N N N 88  
GLN CA   C N S 89  
GLN C    C N N 90  
GLN O    O N N 91  
GLN CB   C N N 92  
GLN CG   C N N 93  
GLN CD   C N N 94  
GLN OE1  O N N 95  
GLN NE2  N N N 96  
GLN OXT  O N N 97  
GLN H    H N N 98  
GLN H2   H N N 99  
GLN HA   H N N 100 
GLN HB2  H N N 101 
GLN HB3  H N N 102 
GLN HG2  H N N 103 
GLN HG3  H N N 104 
GLN HE21 H N N 105 
GLN HE22 H N N 106 
GLN HXT  H N N 107 
GLU N    N N N 108 
GLU CA   C N S 109 
GLU C    C N N 110 
GLU O    O N N 111 
GLU CB   C N N 112 
GLU CG   C N N 113 
GLU CD   C N N 114 
GLU OE1  O N N 115 
GLU OE2  O N N 116 
GLU OXT  O N N 117 
GLU H    H N N 118 
GLU H2   H N N 119 
GLU HA   H N N 120 
GLU HB2  H N N 121 
GLU HB3  H N N 122 
GLU HG2  H N N 123 
GLU HG3  H N N 124 
GLU HE2  H N N 125 
GLU HXT  H N N 126 
GLY N    N N N 127 
GLY CA   C N N 128 
GLY C    C N N 129 
GLY O    O N N 130 
GLY OXT  O N N 131 
GLY H    H N N 132 
GLY H2   H N N 133 
GLY HA2  H N N 134 
GLY HA3  H N N 135 
GLY HXT  H N N 136 
HIS N    N N N 137 
HIS CA   C N S 138 
HIS C    C N N 139 
HIS O    O N N 140 
HIS CB   C N N 141 
HIS CG   C Y N 142 
HIS ND1  N Y N 143 
HIS CD2  C Y N 144 
HIS CE1  C Y N 145 
HIS NE2  N Y N 146 
HIS OXT  O N N 147 
HIS H    H N N 148 
HIS H2   H N N 149 
HIS HA   H N N 150 
HIS HB2  H N N 151 
HIS HB3  H N N 152 
HIS HD1  H N N 153 
HIS HD2  H N N 154 
HIS HE1  H N N 155 
HIS HE2  H N N 156 
HIS HXT  H N N 157 
ILE N    N N N 158 
ILE CA   C N S 159 
ILE C    C N N 160 
ILE O    O N N 161 
ILE CB   C N S 162 
ILE CG1  C N N 163 
ILE CG2  C N N 164 
ILE CD1  C N N 165 
ILE OXT  O N N 166 
ILE H    H N N 167 
ILE H2   H N N 168 
ILE HA   H N N 169 
ILE HB   H N N 170 
ILE HG12 H N N 171 
ILE HG13 H N N 172 
ILE HG21 H N N 173 
ILE HG22 H N N 174 
ILE HG23 H N N 175 
ILE HD11 H N N 176 
ILE HD12 H N N 177 
ILE HD13 H N N 178 
ILE HXT  H N N 179 
LEU N    N N N 180 
LEU CA   C N S 181 
LEU C    C N N 182 
LEU O    O N N 183 
LEU CB   C N N 184 
LEU CG   C N N 185 
LEU CD1  C N N 186 
LEU CD2  C N N 187 
LEU OXT  O N N 188 
LEU H    H N N 189 
LEU H2   H N N 190 
LEU HA   H N N 191 
LEU HB2  H N N 192 
LEU HB3  H N N 193 
LEU HG   H N N 194 
LEU HD11 H N N 195 
LEU HD12 H N N 196 
LEU HD13 H N N 197 
LEU HD21 H N N 198 
LEU HD22 H N N 199 
LEU HD23 H N N 200 
LEU HXT  H N N 201 
LYS N    N N N 202 
LYS CA   C N S 203 
LYS C    C N N 204 
LYS O    O N N 205 
LYS CB   C N N 206 
LYS CG   C N N 207 
LYS CD   C N N 208 
LYS CE   C N N 209 
LYS NZ   N N N 210 
LYS OXT  O N N 211 
LYS H    H N N 212 
LYS H2   H N N 213 
LYS HA   H N N 214 
LYS HB2  H N N 215 
LYS HB3  H N N 216 
LYS HG2  H N N 217 
LYS HG3  H N N 218 
LYS HD2  H N N 219 
LYS HD3  H N N 220 
LYS HE2  H N N 221 
LYS HE3  H N N 222 
LYS HZ1  H N N 223 
LYS HZ2  H N N 224 
LYS HZ3  H N N 225 
LYS HXT  H N N 226 
MET N    N N N 227 
MET CA   C N S 228 
MET C    C N N 229 
MET O    O N N 230 
MET CB   C N N 231 
MET CG   C N N 232 
MET SD   S N N 233 
MET CE   C N N 234 
MET OXT  O N N 235 
MET H    H N N 236 
MET H2   H N N 237 
MET HA   H N N 238 
MET HB2  H N N 239 
MET HB3  H N N 240 
MET HG2  H N N 241 
MET HG3  H N N 242 
MET HE1  H N N 243 
MET HE2  H N N 244 
MET HE3  H N N 245 
MET HXT  H N N 246 
PHE N    N N N 247 
PHE CA   C N S 248 
PHE C    C N N 249 
PHE O    O N N 250 
PHE CB   C N N 251 
PHE CG   C Y N 252 
PHE CD1  C Y N 253 
PHE CD2  C Y N 254 
PHE CE1  C Y N 255 
PHE CE2  C Y N 256 
PHE CZ   C Y N 257 
PHE OXT  O N N 258 
PHE H    H N N 259 
PHE H2   H N N 260 
PHE HA   H N N 261 
PHE HB2  H N N 262 
PHE HB3  H N N 263 
PHE HD1  H N N 264 
PHE HD2  H N N 265 
PHE HE1  H N N 266 
PHE HE2  H N N 267 
PHE HZ   H N N 268 
PHE HXT  H N N 269 
PRO N    N N N 270 
PRO CA   C N S 271 
PRO C    C N N 272 
PRO O    O N N 273 
PRO CB   C N N 274 
PRO CG   C N N 275 
PRO CD   C N N 276 
PRO OXT  O N N 277 
PRO H    H N N 278 
PRO HA   H N N 279 
PRO HB2  H N N 280 
PRO HB3  H N N 281 
PRO HG2  H N N 282 
PRO HG3  H N N 283 
PRO HD2  H N N 284 
PRO HD3  H N N 285 
PRO HXT  H N N 286 
SER N    N N N 287 
SER CA   C N S 288 
SER C    C N N 289 
SER O    O N N 290 
SER CB   C N N 291 
SER OG   O N N 292 
SER OXT  O N N 293 
SER H    H N N 294 
SER H2   H N N 295 
SER HA   H N N 296 
SER HB2  H N N 297 
SER HB3  H N N 298 
SER HG   H N N 299 
SER HXT  H N N 300 
THR N    N N N 301 
THR CA   C N S 302 
THR C    C N N 303 
THR O    O N N 304 
THR CB   C N R 305 
THR OG1  O N N 306 
THR CG2  C N N 307 
THR OXT  O N N 308 
THR H    H N N 309 
THR H2   H N N 310 
THR HA   H N N 311 
THR HB   H N N 312 
THR HG1  H N N 313 
THR HG21 H N N 314 
THR HG22 H N N 315 
THR HG23 H N N 316 
THR HXT  H N N 317 
TYR N    N N N 318 
TYR CA   C N S 319 
TYR C    C N N 320 
TYR O    O N N 321 
TYR CB   C N N 322 
TYR CG   C Y N 323 
TYR CD1  C Y N 324 
TYR CD2  C Y N 325 
TYR CE1  C Y N 326 
TYR CE2  C Y N 327 
TYR CZ   C Y N 328 
TYR OH   O N N 329 
TYR OXT  O N N 330 
TYR H    H N N 331 
TYR H2   H N N 332 
TYR HA   H N N 333 
TYR HB2  H N N 334 
TYR HB3  H N N 335 
TYR HD1  H N N 336 
TYR HD2  H N N 337 
TYR HE1  H N N 338 
TYR HE2  H N N 339 
TYR HH   H N N 340 
TYR HXT  H N N 341 
VAL N    N N N 342 
VAL CA   C N S 343 
VAL C    C N N 344 
VAL O    O N N 345 
VAL CB   C N N 346 
VAL CG1  C N N 347 
VAL CG2  C N N 348 
VAL OXT  O N N 349 
VAL H    H N N 350 
VAL H2   H N N 351 
VAL HA   H N N 352 
VAL HB   H N N 353 
VAL HG11 H N N 354 
VAL HG12 H N N 355 
VAL HG13 H N N 356 
VAL HG21 H N N 357 
VAL HG22 H N N 358 
VAL HG23 H N N 359 
VAL HXT  H N N 360 
# 
loop_
_chem_comp_bond.comp_id 
_chem_comp_bond.atom_id_1 
_chem_comp_bond.atom_id_2 
_chem_comp_bond.value_order 
_chem_comp_bond.pdbx_aromatic_flag 
_chem_comp_bond.pdbx_stereo_config 
_chem_comp_bond.pdbx_ordinal 
ALA N   CA   sing N N 1   
ALA N   H    sing N N 2   
ALA N   H2   sing N N 3   
ALA CA  C    sing N N 4   
ALA CA  CB   sing N N 5   
ALA CA  HA   sing N N 6   
ALA C   O    doub N N 7   
ALA C   OXT  sing N N 8   
ALA CB  HB1  sing N N 9   
ALA CB  HB2  sing N N 10  
ALA CB  HB3  sing N N 11  
ALA OXT HXT  sing N N 12  
ARG N   CA   sing N N 13  
ARG N   H    sing N N 14  
ARG N   H2   sing N N 15  
ARG CA  C    sing N N 16  
ARG CA  CB   sing N N 17  
ARG CA  HA   sing N N 18  
ARG C   O    doub N N 19  
ARG C   OXT  sing N N 20  
ARG CB  CG   sing N N 21  
ARG CB  HB2  sing N N 22  
ARG CB  HB3  sing N N 23  
ARG CG  CD   sing N N 24  
ARG CG  HG2  sing N N 25  
ARG CG  HG3  sing N N 26  
ARG CD  NE   sing N N 27  
ARG CD  HD2  sing N N 28  
ARG CD  HD3  sing N N 29  
ARG NE  CZ   sing N N 30  
ARG NE  HE   sing N N 31  
ARG CZ  NH1  sing N N 32  
ARG CZ  NH2  doub N N 33  
ARG NH1 HH11 sing N N 34  
ARG NH1 HH12 sing N N 35  
ARG NH2 HH21 sing N N 36  
ARG NH2 HH22 sing N N 37  
ARG OXT HXT  sing N N 38  
ASN N   CA   sing N N 39  
ASN N   H    sing N N 40  
ASN N   H2   sing N N 41  
ASN CA  C    sing N N 42  
ASN CA  CB   sing N N 43  
ASN CA  HA   sing N N 44  
ASN C   O    doub N N 45  
ASN C   OXT  sing N N 46  
ASN CB  CG   sing N N 47  
ASN CB  HB2  sing N N 48  
ASN CB  HB3  sing N N 49  
ASN CG  OD1  doub N N 50  
ASN CG  ND2  sing N N 51  
ASN ND2 HD21 sing N N 52  
ASN ND2 HD22 sing N N 53  
ASN OXT HXT  sing N N 54  
ASP N   CA   sing N N 55  
ASP N   H    sing N N 56  
ASP N   H2   sing N N 57  
ASP CA  C    sing N N 58  
ASP CA  CB   sing N N 59  
ASP CA  HA   sing N N 60  
ASP C   O    doub N N 61  
ASP C   OXT  sing N N 62  
ASP CB  CG   sing N N 63  
ASP CB  HB2  sing N N 64  
ASP CB  HB3  sing N N 65  
ASP CG  OD1  doub N N 66  
ASP CG  OD2  sing N N 67  
ASP OD2 HD2  sing N N 68  
ASP OXT HXT  sing N N 69  
CYS N   CA   sing N N 70  
CYS N   H    sing N N 71  
CYS N   H2   sing N N 72  
CYS CA  C    sing N N 73  
CYS CA  CB   sing N N 74  
CYS CA  HA   sing N N 75  
CYS C   O    doub N N 76  
CYS C   OXT  sing N N 77  
CYS CB  SG   sing N N 78  
CYS CB  HB2  sing N N 79  
CYS CB  HB3  sing N N 80  
CYS SG  HG   sing N N 81  
CYS OXT HXT  sing N N 82  
GLN N   CA   sing N N 83  
GLN N   H    sing N N 84  
GLN N   H2   sing N N 85  
GLN CA  C    sing N N 86  
GLN CA  CB   sing N N 87  
GLN CA  HA   sing N N 88  
GLN C   O    doub N N 89  
GLN C   OXT  sing N N 90  
GLN CB  CG   sing N N 91  
GLN CB  HB2  sing N N 92  
GLN CB  HB3  sing N N 93  
GLN CG  CD   sing N N 94  
GLN CG  HG2  sing N N 95  
GLN CG  HG3  sing N N 96  
GLN CD  OE1  doub N N 97  
GLN CD  NE2  sing N N 98  
GLN NE2 HE21 sing N N 99  
GLN NE2 HE22 sing N N 100 
GLN OXT HXT  sing N N 101 
GLU N   CA   sing N N 102 
GLU N   H    sing N N 103 
GLU N   H2   sing N N 104 
GLU CA  C    sing N N 105 
GLU CA  CB   sing N N 106 
GLU CA  HA   sing N N 107 
GLU C   O    doub N N 108 
GLU C   OXT  sing N N 109 
GLU CB  CG   sing N N 110 
GLU CB  HB2  sing N N 111 
GLU CB  HB3  sing N N 112 
GLU CG  CD   sing N N 113 
GLU CG  HG2  sing N N 114 
GLU CG  HG3  sing N N 115 
GLU CD  OE1  doub N N 116 
GLU CD  OE2  sing N N 117 
GLU OE2 HE2  sing N N 118 
GLU OXT HXT  sing N N 119 
GLY N   CA   sing N N 120 
GLY N   H    sing N N 121 
GLY N   H2   sing N N 122 
GLY CA  C    sing N N 123 
GLY CA  HA2  sing N N 124 
GLY CA  HA3  sing N N 125 
GLY C   O    doub N N 126 
GLY C   OXT  sing N N 127 
GLY OXT HXT  sing N N 128 
HIS N   CA   sing N N 129 
HIS N   H    sing N N 130 
HIS N   H2   sing N N 131 
HIS CA  C    sing N N 132 
HIS CA  CB   sing N N 133 
HIS CA  HA   sing N N 134 
HIS C   O    doub N N 135 
HIS C   OXT  sing N N 136 
HIS CB  CG   sing N N 137 
HIS CB  HB2  sing N N 138 
HIS CB  HB3  sing N N 139 
HIS CG  ND1  sing Y N 140 
HIS CG  CD2  doub Y N 141 
HIS ND1 CE1  doub Y N 142 
HIS ND1 HD1  sing N N 143 
HIS CD2 NE2  sing Y N 144 
HIS CD2 HD2  sing N N 145 
HIS CE1 NE2  sing Y N 146 
HIS CE1 HE1  sing N N 147 
HIS NE2 HE2  sing N N 148 
HIS OXT HXT  sing N N 149 
ILE N   CA   sing N N 150 
ILE N   H    sing N N 151 
ILE N   H2   sing N N 152 
ILE CA  C    sing N N 153 
ILE CA  CB   sing N N 154 
ILE CA  HA   sing N N 155 
ILE C   O    doub N N 156 
ILE C   OXT  sing N N 157 
ILE CB  CG1  sing N N 158 
ILE CB  CG2  sing N N 159 
ILE CB  HB   sing N N 160 
ILE CG1 CD1  sing N N 161 
ILE CG1 HG12 sing N N 162 
ILE CG1 HG13 sing N N 163 
ILE CG2 HG21 sing N N 164 
ILE CG2 HG22 sing N N 165 
ILE CG2 HG23 sing N N 166 
ILE CD1 HD11 sing N N 167 
ILE CD1 HD12 sing N N 168 
ILE CD1 HD13 sing N N 169 
ILE OXT HXT  sing N N 170 
LEU N   CA   sing N N 171 
LEU N   H    sing N N 172 
LEU N   H2   sing N N 173 
LEU CA  C    sing N N 174 
LEU CA  CB   sing N N 175 
LEU CA  HA   sing N N 176 
LEU C   O    doub N N 177 
LEU C   OXT  sing N N 178 
LEU CB  CG   sing N N 179 
LEU CB  HB2  sing N N 180 
LEU CB  HB3  sing N N 181 
LEU CG  CD1  sing N N 182 
LEU CG  CD2  sing N N 183 
LEU CG  HG   sing N N 184 
LEU CD1 HD11 sing N N 185 
LEU CD1 HD12 sing N N 186 
LEU CD1 HD13 sing N N 187 
LEU CD2 HD21 sing N N 188 
LEU CD2 HD22 sing N N 189 
LEU CD2 HD23 sing N N 190 
LEU OXT HXT  sing N N 191 
LYS N   CA   sing N N 192 
LYS N   H    sing N N 193 
LYS N   H2   sing N N 194 
LYS CA  C    sing N N 195 
LYS CA  CB   sing N N 196 
LYS CA  HA   sing N N 197 
LYS C   O    doub N N 198 
LYS C   OXT  sing N N 199 
LYS CB  CG   sing N N 200 
LYS CB  HB2  sing N N 201 
LYS CB  HB3  sing N N 202 
LYS CG  CD   sing N N 203 
LYS CG  HG2  sing N N 204 
LYS CG  HG3  sing N N 205 
LYS CD  CE   sing N N 206 
LYS CD  HD2  sing N N 207 
LYS CD  HD3  sing N N 208 
LYS CE  NZ   sing N N 209 
LYS CE  HE2  sing N N 210 
LYS CE  HE3  sing N N 211 
LYS NZ  HZ1  sing N N 212 
LYS NZ  HZ2  sing N N 213 
LYS NZ  HZ3  sing N N 214 
LYS OXT HXT  sing N N 215 
MET N   CA   sing N N 216 
MET N   H    sing N N 217 
MET N   H2   sing N N 218 
MET CA  C    sing N N 219 
MET CA  CB   sing N N 220 
MET CA  HA   sing N N 221 
MET C   O    doub N N 222 
MET C   OXT  sing N N 223 
MET CB  CG   sing N N 224 
MET CB  HB2  sing N N 225 
MET CB  HB3  sing N N 226 
MET CG  SD   sing N N 227 
MET CG  HG2  sing N N 228 
MET CG  HG3  sing N N 229 
MET SD  CE   sing N N 230 
MET CE  HE1  sing N N 231 
MET CE  HE2  sing N N 232 
MET CE  HE3  sing N N 233 
MET OXT HXT  sing N N 234 
PHE N   CA   sing N N 235 
PHE N   H    sing N N 236 
PHE N   H2   sing N N 237 
PHE CA  C    sing N N 238 
PHE CA  CB   sing N N 239 
PHE CA  HA   sing N N 240 
PHE C   O    doub N N 241 
PHE C   OXT  sing N N 242 
PHE CB  CG   sing N N 243 
PHE CB  HB2  sing N N 244 
PHE CB  HB3  sing N N 245 
PHE CG  CD1  doub Y N 246 
PHE CG  CD2  sing Y N 247 
PHE CD1 CE1  sing Y N 248 
PHE CD1 HD1  sing N N 249 
PHE CD2 CE2  doub Y N 250 
PHE CD2 HD2  sing N N 251 
PHE CE1 CZ   doub Y N 252 
PHE CE1 HE1  sing N N 253 
PHE CE2 CZ   sing Y N 254 
PHE CE2 HE2  sing N N 255 
PHE CZ  HZ   sing N N 256 
PHE OXT HXT  sing N N 257 
PRO N   CA   sing N N 258 
PRO N   CD   sing N N 259 
PRO N   H    sing N N 260 
PRO CA  C    sing N N 261 
PRO CA  CB   sing N N 262 
PRO CA  HA   sing N N 263 
PRO C   O    doub N N 264 
PRO C   OXT  sing N N 265 
PRO CB  CG   sing N N 266 
PRO CB  HB2  sing N N 267 
PRO CB  HB3  sing N N 268 
PRO CG  CD   sing N N 269 
PRO CG  HG2  sing N N 270 
PRO CG  HG3  sing N N 271 
PRO CD  HD2  sing N N 272 
PRO CD  HD3  sing N N 273 
PRO OXT HXT  sing N N 274 
SER N   CA   sing N N 275 
SER N   H    sing N N 276 
SER N   H2   sing N N 277 
SER CA  C    sing N N 278 
SER CA  CB   sing N N 279 
SER CA  HA   sing N N 280 
SER C   O    doub N N 281 
SER C   OXT  sing N N 282 
SER CB  OG   sing N N 283 
SER CB  HB2  sing N N 284 
SER CB  HB3  sing N N 285 
SER OG  HG   sing N N 286 
SER OXT HXT  sing N N 287 
THR N   CA   sing N N 288 
THR N   H    sing N N 289 
THR N   H2   sing N N 290 
THR CA  C    sing N N 291 
THR CA  CB   sing N N 292 
THR CA  HA   sing N N 293 
THR C   O    doub N N 294 
THR C   OXT  sing N N 295 
THR CB  OG1  sing N N 296 
THR CB  CG2  sing N N 297 
THR CB  HB   sing N N 298 
THR OG1 HG1  sing N N 299 
THR CG2 HG21 sing N N 300 
THR CG2 HG22 sing N N 301 
THR CG2 HG23 sing N N 302 
THR OXT HXT  sing N N 303 
TYR N   CA   sing N N 304 
TYR N   H    sing N N 305 
TYR N   H2   sing N N 306 
TYR CA  C    sing N N 307 
TYR CA  CB   sing N N 308 
TYR CA  HA   sing N N 309 
TYR C   O    doub N N 310 
TYR C   OXT  sing N N 311 
TYR CB  CG   sing N N 312 
TYR CB  HB2  sing N N 313 
TYR CB  HB3  sing N N 314 
TYR CG  CD1  doub Y N 315 
TYR CG  CD2  sing Y N 316 
TYR CD1 CE1  sing Y N 317 
TYR CD1 HD1  sing N N 318 
TYR CD2 CE2  doub Y N 319 
TYR CD2 HD2  sing N N 320 
TYR CE1 CZ   doub Y N 321 
TYR CE1 HE1  sing N N 322 
TYR CE2 CZ   sing Y N 323 
TYR CE2 HE2  sing N N 324 
TYR CZ  OH   sing N N 325 
TYR OH  HH   sing N N 326 
TYR OXT HXT  sing N N 327 
VAL N   CA   sing N N 328 
VAL N   H    sing N N 329 
VAL N   H2   sing N N 330 
VAL CA  C    sing N N 331 
VAL CA  CB   sing N N 332 
VAL CA  HA   sing N N 333 
VAL C   O    doub N N 334 
VAL C   OXT  sing N N 335 
VAL CB  CG1  sing N N 336 
VAL CB  CG2  sing N N 337 
VAL CB  HB   sing N N 338 
VAL CG1 HG11 sing N N 339 
VAL CG1 HG12 sing N N 340 
VAL CG1 HG13 sing N N 341 
VAL CG2 HG21 sing N N 342 
VAL CG2 HG22 sing N N 343 
VAL CG2 HG23 sing N N 344 
VAL OXT HXT  sing N N 345 
# 
loop_
_pdbx_audit_support.funding_organization 
_pdbx_audit_support.country 
_pdbx_audit_support.grant_number 
_pdbx_audit_support.ordinal 
'Cancer Research UK'                                                'United Kingdom' C20724/A14414 1 
'Cancer Research UK'                                                'United Kingdom' C20724/A26752 2 
'European Research Council (ERC)'                                   'United Kingdom' 647278        3 
'National Institutes of Health/National Cancer Institute (NIH/NCI)' 'United States'  HL067773      4 
'National Institutes of Health/National Cancer Institute (NIH/NCI)' 'United States'  GM118082      5 
'National Institutes of Health/National Cancer Institute (NIH/NCI)' 'United States'  GM106078      6 
'Wellcome Trust'                                                    'United Kingdom' 099675/Z/12/Z 7 
# 
_pdbx_initial_refinement_model.accession_code   ? 
_pdbx_initial_refinement_model.id               1 
_pdbx_initial_refinement_model.entity_id_list   ? 
_pdbx_initial_refinement_model.type             other 
_pdbx_initial_refinement_model.source_name      ? 
_pdbx_initial_refinement_model.details          HHIP-N:SOS 
# 
_atom_sites.entry_id                    7PGL 
_atom_sites.Cartn_transf_matrix[1][1]   ? 
_atom_sites.Cartn_transf_matrix[1][2]   ? 
_atom_sites.Cartn_transf_matrix[1][3]   ? 
_atom_sites.Cartn_transf_matrix[2][1]   ? 
_atom_sites.Cartn_transf_matrix[2][2]   ? 
_atom_sites.Cartn_transf_matrix[2][3]   ? 
_atom_sites.Cartn_transf_matrix[3][1]   ? 
_atom_sites.Cartn_transf_matrix[3][2]   ? 
_atom_sites.Cartn_transf_matrix[3][3]   ? 
_atom_sites.Cartn_transf_vector[1]      ? 
_atom_sites.Cartn_transf_vector[2]      ? 
_atom_sites.Cartn_transf_vector[3]      ? 
_atom_sites.fract_transf_matrix[1][1]   0.00360365 
_atom_sites.fract_transf_matrix[1][2]   0.00732789 
_atom_sites.fract_transf_matrix[1][3]   0.01483610 
_atom_sites.fract_transf_matrix[2][1]   -0.01219552 
_atom_sites.fract_transf_matrix[2][2]   -0.00908619 
_atom_sites.fract_transf_matrix[2][3]   0.00745014 
_atom_sites.fract_transf_matrix[3][1]   0.00669244 
_atom_sites.fract_transf_matrix[3][2]   -0.00734206 
_atom_sites.fract_transf_matrix[3][3]   0.00200083 
_atom_sites.fract_transf_vector[1]      0.248562 
_atom_sites.fract_transf_vector[2]      -0.236224 
_atom_sites.fract_transf_vector[3]      -0.091942 
_atom_sites.solution_primary            ? 
_atom_sites.solution_secondary          ? 
_atom_sites.solution_hydrogens          ? 
_atom_sites.special_details             ? 
# 
loop_
_atom_type.symbol 
C 
N 
O 
S 
# 
loop_
_atom_site.group_PDB 
_atom_site.id 
_atom_site.type_symbol 
_atom_site.label_atom_id 
_atom_site.label_alt_id 
_atom_site.label_comp_id 
_atom_site.label_asym_id 
_atom_site.label_entity_id 
_atom_site.label_seq_id 
_atom_site.pdbx_PDB_ins_code 
_atom_site.Cartn_x 
_atom_site.Cartn_y 
_atom_site.Cartn_z 
_atom_site.occupancy 
_atom_site.B_iso_or_equiv 
_atom_site.pdbx_formal_charge 
_atom_site.auth_seq_id 
_atom_site.auth_comp_id 
_atom_site.auth_asym_id 
_atom_site.auth_atom_id 
_atom_site.pdbx_PDB_model_num 
ATOM 1   N N   . GLU A 1 1   ? -2.298  -18.394 1.359   1.00 139.76 ? 36  GLU A N   1 
ATOM 2   C CA  . GLU A 1 1   ? -2.220  -17.183 0.549   1.00 145.22 ? 36  GLU A CA  1 
ATOM 3   C C   . GLU A 1 1   ? -1.148  -16.234 1.075   1.00 137.03 ? 36  GLU A C   1 
ATOM 4   O O   . GLU A 1 1   ? -0.581  -15.448 0.317   1.00 148.88 ? 36  GLU A O   1 
ATOM 5   C CB  . GLU A 1 1   ? -3.573  -16.469 0.513   1.00 156.74 ? 36  GLU A CB  1 
ATOM 6   C CG  . GLU A 1 1   ? -4.684  -17.258 -0.157  1.00 166.70 ? 36  GLU A CG  1 
ATOM 7   C CD  . GLU A 1 1   ? -5.980  -16.474 -0.229  1.00 174.64 ? 36  GLU A CD  1 
ATOM 8   O OE1 . GLU A 1 1   ? -6.005  -15.323 0.257   1.00 176.25 ? 36  GLU A OE1 1 
ATOM 9   O OE2 . GLU A 1 1   ? -6.972  -17.005 -0.770  1.00 181.37 ? 36  GLU A OE2 1 
ATOM 10  N N   . THR A 1 2   ? -0.881  -16.314 2.376   1.00 124.14 ? 37  THR A N   1 
ATOM 11  C CA  . THR A 1 2   ? 0.111   -15.446 2.992   1.00 107.05 ? 37  THR A CA  1 
ATOM 12  C C   . THR A 1 2   ? 1.503   -15.749 2.452   1.00 114.52 ? 37  THR A C   1 
ATOM 13  O O   . THR A 1 2   ? 1.815   -16.875 2.057   1.00 113.66 ? 37  THR A O   1 
ATOM 14  C CB  . THR A 1 2   ? 0.105   -15.610 4.512   1.00 109.32 ? 37  THR A CB  1 
ATOM 15  O OG1 . THR A 1 2   ? 0.535   -16.935 4.853   1.00 121.71 ? 37  THR A OG1 1 
ATOM 16  C CG2 . THR A 1 2   ? -1.291  -15.378 5.069   1.00 93.88  ? 37  THR A CG2 1 
ATOM 17  N N   . GLY A 1 3   ? 2.345   -14.721 2.442   1.00 133.35 ? 38  GLY A N   1 
ATOM 18  C CA  . GLY A 1 3   ? 3.694   -14.858 1.934   1.00 118.26 ? 38  GLY A CA  1 
ATOM 19  C C   . GLY A 1 3   ? 4.481   -13.570 2.023   1.00 128.70 ? 38  GLY A C   1 
ATOM 20  O O   . GLY A 1 3   ? 3.967   -12.493 1.700   1.00 125.98 ? 38  GLY A O   1 
ATOM 21  N N   . CYS A 1 4   ? 5.725   -13.669 2.471   1.00 133.25 ? 39  CYS A N   1 
ATOM 22  C CA  . CYS A 1 4   ? 6.612   -12.521 2.534   1.00 128.50 ? 39  CYS A CA  1 
ATOM 23  C C   . CYS A 1 4   ? 7.393   -12.382 1.234   1.00 127.74 ? 39  CYS A C   1 
ATOM 24  O O   . CYS A 1 4   ? 7.559   -13.338 0.473   1.00 120.90 ? 39  CYS A O   1 
ATOM 25  C CB  . CYS A 1 4   ? 7.588   -12.651 3.703   1.00 120.89 ? 39  CYS A CB  1 
ATOM 26  S SG  . CYS A 1 4   ? 6.799   -12.803 5.307   1.00 142.40 ? 39  CYS A SG  1 
ATOM 27  N N   . LEU A 1 5   ? 7.875   -11.165 0.990   1.00 138.89 ? 40  LEU A N   1 
ATOM 28  C CA  . LEU A 1 5   ? 8.812   -10.945 -0.101  1.00 128.46 ? 40  LEU A CA  1 
ATOM 29  C C   . LEU A 1 5   ? 10.150  -11.632 0.146   1.00 133.20 ? 40  LEU A C   1 
ATOM 30  O O   . LEU A 1 5   ? 10.948  -11.751 -0.790  1.00 146.29 ? 40  LEU A O   1 
ATOM 31  C CB  . LEU A 1 5   ? 9.002   -9.446  -0.323  1.00 119.33 ? 40  LEU A CB  1 
ATOM 32  C CG  . LEU A 1 5   ? 7.709   -8.751  -0.768  1.00 110.78 ? 40  LEU A CG  1 
ATOM 33  C CD1 . LEU A 1 5   ? 7.790   -7.257  -0.543  1.00 112.54 ? 40  LEU A CD1 1 
ATOM 34  C CD2 . LEU A 1 5   ? 7.416   -9.061  -2.228  1.00 115.71 ? 40  LEU A CD2 1 
ATOM 35  N N   . ASN A 1 6   ? 10.407  -12.077 1.374   1.00 143.25 ? 41  ASN A N   1 
ATOM 36  C CA  . ASN A 1 6   ? 11.486  -13.016 1.654   1.00 144.89 ? 41  ASN A CA  1 
ATOM 37  C C   . ASN A 1 6   ? 11.083  -14.393 1.120   1.00 135.74 ? 41  ASN A C   1 
ATOM 38  O O   . ASN A 1 6   ? 10.079  -14.553 0.422   1.00 133.39 ? 41  ASN A O   1 
ATOM 39  C CB  . ASN A 1 6   ? 11.784  -13.055 3.151   1.00 140.41 ? 41  ASN A CB  1 
ATOM 40  C CG  . ASN A 1 6   ? 13.011  -12.237 3.534   1.00 151.29 ? 41  ASN A CG  1 
ATOM 41  O OD1 . ASN A 1 6   ? 13.883  -11.975 2.709   1.00 156.60 ? 41  ASN A OD1 1 
ATOM 42  N ND2 . ASN A 1 6   ? 13.088  -11.848 4.804   1.00 156.16 ? 41  ASN A ND2 1 
ATOM 43  N N   . GLY A 1 7   ? 11.865  -15.413 1.450   1.00 153.28 ? 42  GLY A N   1 
ATOM 44  C CA  . GLY A 1 7   ? 11.532  -16.757 1.027   1.00 188.95 ? 42  GLY A CA  1 
ATOM 45  C C   . GLY A 1 7   ? 10.528  -17.428 1.941   1.00 201.54 ? 42  GLY A C   1 
ATOM 46  O O   . GLY A 1 7   ? 9.648   -18.160 1.479   1.00 208.61 ? 42  GLY A O   1 
ATOM 47  N N   . ASN A 1 8   ? 10.648  -17.175 3.266   1.00 198.27 ? 43  ASN A N   1 
ATOM 48  C CA  . ASN A 1 8   ? 9.843   -17.810 4.296   1.00 183.87 ? 43  ASN A CA  1 
ATOM 49  C C   . ASN A 1 8   ? 8.533   -17.064 4.524   1.00 168.41 ? 43  ASN A C   1 
ATOM 50  O O   . ASN A 1 8   ? 8.460   -15.842 4.341   1.00 160.45 ? 43  ASN A O   1 
ATOM 51  C CB  . ASN A 1 8   ? 10.622  -17.887 5.607   1.00 179.99 ? 43  ASN A CB  1 
ATOM 52  C CG  . ASN A 1 8   ? 11.440  -16.640 5.872   1.00 174.46 ? 43  ASN A CG  1 
ATOM 53  O OD1 . ASN A 1 8   ? 11.340  -15.654 5.145   1.00 185.05 ? 43  ASN A OD1 1 
ATOM 54  N ND2 . ASN A 1 8   ? 12.260  -16.679 6.917   1.00 155.67 ? 43  ASN A ND2 1 
ATOM 55  N N   . PRO A 1 9   ? 7.505   -17.815 4.906   1.00 156.76 ? 44  PRO A N   1 
ATOM 56  C CA  . PRO A 1 9   ? 6.216   -17.215 5.280   1.00 139.18 ? 44  PRO A CA  1 
ATOM 57  C C   . PRO A 1 9   ? 6.360   -16.338 6.512   1.00 129.78 ? 44  PRO A C   1 
ATOM 58  O O   . PRO A 1 9   ? 7.393   -16.388 7.197   1.00 135.58 ? 44  PRO A O   1 
ATOM 59  C CB  . PRO A 1 9   ? 5.333   -18.440 5.570   1.00 140.98 ? 44  PRO A CB  1 
ATOM 60  C CG  . PRO A 1 9   ? 5.978   -19.556 4.817   1.00 148.39 ? 44  PRO A CG  1 
ATOM 61  C CD  . PRO A 1 9   ? 7.444   -19.286 4.871   1.00 148.85 ? 44  PRO A CD  1 
ATOM 62  N N   . PRO A 1 10  ? 5.351   -15.527 6.835   1.00 128.02 ? 45  PRO A N   1 
ATOM 63  C CA  . PRO A 1 10  ? 5.456   -14.648 8.005   1.00 124.99 ? 45  PRO A CA  1 
ATOM 64  C C   . PRO A 1 10  ? 5.554   -15.437 9.303   1.00 120.33 ? 45  PRO A C   1 
ATOM 65  O O   . PRO A 1 10  ? 5.260   -16.632 9.376   1.00 119.47 ? 45  PRO A O   1 
ATOM 66  C CB  . PRO A 1 10  ? 4.168   -13.819 7.953   1.00 130.95 ? 45  PRO A CB  1 
ATOM 67  C CG  . PRO A 1 10  ? 3.231   -14.619 7.118   1.00 123.79 ? 45  PRO A CG  1 
ATOM 68  C CD  . PRO A 1 10  ? 4.088   -15.311 6.106   1.00 121.04 ? 45  PRO A CD  1 
ATOM 69  N N   . LYS A 1 11  ? 5.987   -14.734 10.344  1.00 125.40 ? 46  LYS A N   1 
ATOM 70  C CA  . LYS A 1 11  ? 6.164   -15.303 11.672  1.00 129.59 ? 46  LYS A CA  1 
ATOM 71  C C   . LYS A 1 11  ? 5.284   -14.556 12.663  1.00 120.20 ? 46  LYS A C   1 
ATOM 72  O O   . LYS A 1 11  ? 5.255   -13.321 12.666  1.00 120.21 ? 46  LYS A O   1 
ATOM 73  C CB  . LYS A 1 11  ? 7.629   -15.233 12.111  1.00 113.35 ? 46  LYS A CB  1 
ATOM 74  C CG  . LYS A 1 11  ? 8.582   -15.983 11.197  1.00 116.69 ? 46  LYS A CG  1 
ATOM 75  C CD  . LYS A 1 11  ? 10.009  -15.905 11.708  1.00 108.10 ? 46  LYS A CD  1 
ATOM 76  C CE  . LYS A 1 11  ? 10.951  -16.679 10.805  1.00 120.52 ? 46  LYS A CE  1 
ATOM 77  N NZ  . LYS A 1 11  ? 12.352  -16.643 11.306  1.00 132.97 ? 46  LYS A NZ  1 
ATOM 78  N N   . ARG A 1 12  ? 4.575   -15.305 13.503  1.00 139.55 ? 47  ARG A N   1 
ATOM 79  C CA  . ARG A 1 12  ? 3.698   -14.709 14.500  1.00 151.51 ? 47  ARG A CA  1 
ATOM 80  C C   . ARG A 1 12  ? 4.497   -14.252 15.713  1.00 150.20 ? 47  ARG A C   1 
ATOM 81  O O   . ARG A 1 12  ? 5.393   -14.955 16.188  1.00 152.54 ? 47  ARG A O   1 
ATOM 82  C CB  . ARG A 1 12  ? 2.619   -15.705 14.926  1.00 153.13 ? 47  ARG A CB  1 
ATOM 83  C CG  . ARG A 1 12  ? 1.478   -15.830 13.933  1.00 155.71 ? 47  ARG A CG  1 
ATOM 84  C CD  . ARG A 1 12  ? 0.684   -17.110 14.130  1.00 158.28 ? 47  ARG A CD  1 
ATOM 85  N NE  . ARG A 1 12  ? -0.530  -17.114 13.317  1.00 159.54 ? 47  ARG A NE  1 
ATOM 86  C CZ  . ARG A 1 12  ? -1.261  -18.195 13.063  1.00 171.15 ? 47  ARG A CZ  1 
ATOM 87  N NH1 . ARG A 1 12  ? -0.902  -19.375 13.548  1.00 176.99 ? 47  ARG A NH1 1 
ATOM 88  N NH2 . ARG A 1 12  ? -2.351  -18.095 12.315  1.00 174.09 ? 47  ARG A NH2 1 
ATOM 89  N N   . LEU A 1 13  ? 4.162   -13.068 16.215  1.00 148.13 ? 48  LEU A N   1 
ATOM 90  C CA  . LEU A 1 13  ? 4.855   -12.507 17.368  1.00 139.30 ? 48  LEU A CA  1 
ATOM 91  C C   . LEU A 1 13  ? 4.235   -12.983 18.677  1.00 149.23 ? 48  LEU A C   1 
ATOM 92  O O   . LEU A 1 13  ? 3.553   -14.007 18.717  1.00 156.09 ? 48  LEU A O   1 
ATOM 93  C CB  . LEU A 1 13  ? 4.840   -10.979 17.312  1.00 126.33 ? 48  LEU A CB  1 
ATOM 94  C CG  . LEU A 1 13  ? 5.372   -10.339 16.031  1.00 135.94 ? 48  LEU A CG  1 
ATOM 95  C CD1 . LEU A 1 13  ? 5.460   -8.829  16.199  1.00 132.75 ? 48  LEU A CD1 1 
ATOM 96  C CD2 . LEU A 1 13  ? 6.723   -10.932 15.653  1.00 148.63 ? 48  LEU A CD2 1 
ATOM 97  N N   . LEU A 1 33  ? 8.237   -0.856  14.304  1.00 143.24 ? 68  LEU A N   1 
ATOM 98  C CA  . LEU A 1 33  ? 8.374   -2.034  13.455  1.00 136.18 ? 68  LEU A CA  1 
ATOM 99  C C   . LEU A 1 33  ? 7.080   -2.293  12.685  1.00 136.05 ? 68  LEU A C   1 
ATOM 100 O O   . LEU A 1 33  ? 6.726   -3.441  12.416  1.00 128.54 ? 68  LEU A O   1 
ATOM 101 C CB  . LEU A 1 33  ? 8.759   -3.265  14.288  1.00 126.71 ? 68  LEU A CB  1 
ATOM 102 C CG  . LEU A 1 33  ? 7.787   -3.841  15.328  1.00 131.42 ? 68  LEU A CG  1 
ATOM 103 C CD1 . LEU A 1 33  ? 8.165   -5.277  15.657  1.00 133.74 ? 68  LEU A CD1 1 
ATOM 104 C CD2 . LEU A 1 33  ? 7.740   -3.006  16.601  1.00 128.53 ? 68  LEU A CD2 1 
ATOM 105 N N   . CYS A 1 34  ? 6.390   -1.207  12.327  1.00 136.72 ? 69  CYS A N   1 
ATOM 106 C CA  . CYS A 1 34  ? 5.082   -1.267  11.670  1.00 115.34 ? 69  CYS A CA  1 
ATOM 107 C C   . CYS A 1 34  ? 4.065   -2.037  12.507  1.00 117.41 ? 69  CYS A C   1 
ATOM 108 O O   . CYS A 1 34  ? 3.118   -2.615  11.970  1.00 120.39 ? 69  CYS A O   1 
ATOM 109 C CB  . CYS A 1 34  ? 5.182   -1.876  10.266  1.00 109.62 ? 69  CYS A CB  1 
ATOM 110 S SG  . CYS A 1 34  ? 6.061   -0.861  9.057   1.00 119.05 ? 69  CYS A SG  1 
ATOM 111 N N   . GLY A 1 35  ? 4.250   -2.046  13.829  1.00 120.77 ? 70  GLY A N   1 
ATOM 112 C CA  . GLY A 1 35  ? 3.360   -2.789  14.704  1.00 114.03 ? 70  GLY A CA  1 
ATOM 113 C C   . GLY A 1 35  ? 1.946   -2.250  14.756  1.00 112.19 ? 70  GLY A C   1 
ATOM 114 O O   . GLY A 1 35  ? 1.033   -2.975  15.160  1.00 130.73 ? 70  GLY A O   1 
ATOM 115 N N   . GLY A 1 36  ? 1.746   -0.993  14.356  1.00 110.12 ? 71  GLY A N   1 
ATOM 116 C CA  . GLY A 1 36  ? 0.408   -0.429  14.341  1.00 107.78 ? 71  GLY A CA  1 
ATOM 117 C C   . GLY A 1 36  ? -0.483  -0.993  13.257  1.00 107.51 ? 71  GLY A C   1 
ATOM 118 O O   . GLY A 1 36  ? -1.706  -0.822  13.324  1.00 102.64 ? 71  GLY A O   1 
ATOM 119 N N   . PHE A 1 37  ? 0.097   -1.664  12.265  1.00 110.76 ? 72  PHE A N   1 
ATOM 120 C CA  . PHE A 1 37  ? -0.644  -2.242  11.151  1.00 107.45 ? 72  PHE A CA  1 
ATOM 121 C C   . PHE A 1 37  ? -0.686  -3.761  11.176  1.00 103.73 ? 72  PHE A C   1 
ATOM 122 O O   . PHE A 1 37  ? -1.734  -4.347  10.896  1.00 99.72  ? 72  PHE A O   1 
ATOM 123 C CB  . PHE A 1 37  ? -0.041  -1.778  9.819   1.00 99.91  ? 72  PHE A CB  1 
ATOM 124 C CG  . PHE A 1 37  ? 0.088   -0.285  9.700   1.00 97.93  ? 72  PHE A CG  1 
ATOM 125 C CD1 . PHE A 1 37  ? -1.037  0.522   9.692   1.00 83.25  ? 72  PHE A CD1 1 
ATOM 126 C CD2 . PHE A 1 37  ? 1.333   0.312   9.590   1.00 95.31  ? 72  PHE A CD2 1 
ATOM 127 C CE1 . PHE A 1 37  ? -0.924  1.894   9.580   1.00 89.61  ? 72  PHE A CE1 1 
ATOM 128 C CE2 . PHE A 1 37  ? 1.454   1.684   9.476   1.00 85.45  ? 72  PHE A CE2 1 
ATOM 129 C CZ  . PHE A 1 37  ? 0.323   2.477   9.471   1.00 85.39  ? 72  PHE A CZ  1 
ATOM 130 N N   . TYR A 1 38  ? 0.425   -4.417  11.505  1.00 104.50 ? 73  TYR A N   1 
ATOM 131 C CA  . TYR A 1 38  ? 0.506   -5.877  11.560  1.00 106.28 ? 73  TYR A CA  1 
ATOM 132 C C   . TYR A 1 38  ? 1.154   -6.274  12.881  1.00 110.73 ? 73  TYR A C   1 
ATOM 133 O O   . TYR A 1 38  ? 2.350   -6.592  12.934  1.00 113.74 ? 73  TYR A O   1 
ATOM 134 C CB  . TYR A 1 38  ? 1.285   -6.429  10.365  1.00 89.81  ? 73  TYR A CB  1 
ATOM 135 C CG  . TYR A 1 38  ? 0.907   -5.789  9.047   1.00 84.97  ? 73  TYR A CG  1 
ATOM 136 C CD1 . TYR A 1 38  ? -0.274  -6.129  8.399   1.00 77.13  ? 73  TYR A CD1 1 
ATOM 137 C CD2 . TYR A 1 38  ? 1.733   -4.843  8.452   1.00 78.07  ? 73  TYR A CD2 1 
ATOM 138 C CE1 . TYR A 1 38  ? -0.622  -5.544  7.193   1.00 80.70  ? 73  TYR A CE1 1 
ATOM 139 C CE2 . TYR A 1 38  ? 1.393   -4.254  7.248   1.00 80.76  ? 73  TYR A CE2 1 
ATOM 140 C CZ  . TYR A 1 38  ? 0.215   -4.607  6.624   1.00 89.96  ? 73  TYR A CZ  1 
ATOM 141 O OH  . TYR A 1 38  ? -0.124  -4.022  5.425   1.00 74.50  ? 73  TYR A OH  1 
ATOM 142 N N   . PRO A 1 39  ? 0.386   -6.273  13.973  1.00 97.96  ? 74  PRO A N   1 
ATOM 143 C CA  . PRO A 1 39  ? 0.982   -6.497  15.298  1.00 101.10 ? 74  PRO A CA  1 
ATOM 144 C C   . PRO A 1 39  ? 1.267   -7.958  15.623  1.00 111.26 ? 74  PRO A C   1 
ATOM 145 O O   . PRO A 1 39  ? 2.307   -8.267  16.210  1.00 117.31 ? 74  PRO A O   1 
ATOM 146 C CB  . PRO A 1 39  ? -0.073  -5.917  16.248  1.00 103.93 ? 74  PRO A CB  1 
ATOM 147 C CG  . PRO A 1 39  ? -1.361  -6.089  15.515  1.00 87.63  ? 74  PRO A CG  1 
ATOM 148 C CD  . PRO A 1 39  ? -1.040  -5.911  14.056  1.00 84.96  ? 74  PRO A CD  1 
ATOM 149 N N   . ARG A 1 40  ? 0.360   -8.866  15.257  1.00 118.05 ? 75  ARG A N   1 
ATOM 150 C CA  . ARG A 1 40  ? 0.491   -10.253 15.697  1.00 118.01 ? 75  ARG A CA  1 
ATOM 151 C C   . ARG A 1 40  ? 1.432   -11.048 14.798  1.00 120.70 ? 75  ARG A C   1 
ATOM 152 O O   . ARG A 1 40  ? 2.332   -11.736 15.292  1.00 148.78 ? 75  ARG A O   1 
ATOM 153 C CB  . ARG A 1 40  ? -0.886  -10.916 15.764  1.00 112.05 ? 75  ARG A CB  1 
ATOM 154 C CG  . ARG A 1 40  ? -1.840  -10.223 16.722  1.00 129.63 ? 75  ARG A CG  1 
ATOM 155 C CD  . ARG A 1 40  ? -2.537  -11.209 17.647  1.00 147.03 ? 75  ARG A CD  1 
ATOM 156 N NE  . ARG A 1 40  ? -3.510  -10.542 18.508  1.00 154.62 ? 75  ARG A NE  1 
ATOM 157 C CZ  . ARG A 1 40  ? -3.205  -9.933  19.649  1.00 154.73 ? 75  ARG A CZ  1 
ATOM 158 N NH1 . ARG A 1 40  ? -1.949  -9.902  20.071  1.00 157.03 ? 75  ARG A NH1 1 
ATOM 159 N NH2 . ARG A 1 40  ? -4.156  -9.351  20.368  1.00 155.62 ? 75  ARG A NH2 1 
ATOM 160 N N   . LEU A 1 41  ? 1.241   -10.979 13.482  1.00 97.42  ? 76  LEU A N   1 
ATOM 161 C CA  . LEU A 1 41  ? 2.153   -11.606 12.537  1.00 110.30 ? 76  LEU A CA  1 
ATOM 162 C C   . LEU A 1 41  ? 2.533   -10.599 11.461  1.00 119.11 ? 76  LEU A C   1 
ATOM 163 O O   . LEU A 1 41  ? 1.725   -9.753  11.066  1.00 124.36 ? 76  LEU A O   1 
ATOM 164 C CB  . LEU A 1 41  ? 1.550   -12.868 11.894  1.00 106.67 ? 76  LEU A CB  1 
ATOM 165 C CG  . LEU A 1 41  ? 0.690   -12.733 10.636  1.00 95.04  ? 76  LEU A CG  1 
ATOM 166 C CD1 . LEU A 1 41  ? 0.439   -14.101 10.010  1.00 93.46  ? 76  LEU A CD1 1 
ATOM 167 C CD2 . LEU A 1 41  ? -0.619  -12.038 10.956  1.00 129.42 ? 76  LEU A CD2 1 
ATOM 168 N N   . SER A 1 42  ? 3.776   -10.694 10.998  1.00 119.90 ? 77  SER A N   1 
ATOM 169 C CA  . SER A 1 42  ? 4.299   -9.758  10.012  1.00 118.83 ? 77  SER A CA  1 
ATOM 170 C C   . SER A 1 42  ? 5.494   -10.398 9.316   1.00 119.15 ? 77  SER A C   1 
ATOM 171 O O   . SER A 1 42  ? 5.874   -11.536 9.605   1.00 126.86 ? 77  SER A O   1 
ATOM 172 C CB  . SER A 1 42  ? 4.691   -8.428  10.663  1.00 106.31 ? 77  SER A CB  1 
ATOM 173 O OG  . SER A 1 42  ? 5.843   -8.586  11.474  1.00 116.24 ? 77  SER A OG  1 
ATOM 174 N N   . CYS A 1 43  ? 6.084   -9.645  8.388   1.00 105.55 ? 78  CYS A N   1 
ATOM 175 C CA  . CYS A 1 43  ? 7.310   -10.034 7.707   1.00 113.00 ? 78  CYS A CA  1 
ATOM 176 C C   . CYS A 1 43  ? 8.494   -9.178  8.141   1.00 116.43 ? 78  CYS A C   1 
ATOM 177 O O   . CYS A 1 43  ? 9.462   -9.033  7.388   1.00 117.73 ? 78  CYS A O   1 
ATOM 178 C CB  . CYS A 1 43  ? 7.122   -9.947  6.192   1.00 111.47 ? 78  CYS A CB  1 
ATOM 179 S SG  . CYS A 1 43  ? 5.841   -11.030 5.536   1.00 111.38 ? 78  CYS A SG  1 
ATOM 180 N N   . CYS A 1 44  ? 8.429   -8.604  9.338   1.00 121.16 ? 79  CYS A N   1 
ATOM 181 C CA  . CYS A 1 44  ? 9.464   -7.691  9.806   1.00 122.20 ? 79  CYS A CA  1 
ATOM 182 C C   . CYS A 1 44  ? 9.794   -7.935  11.273  1.00 131.17 ? 79  CYS A C   1 
ATOM 183 O O   . CYS A 1 44  ? 8.911   -7.912  12.133  1.00 133.37 ? 79  CYS A O   1 
ATOM 184 C CB  . CYS A 1 44  ? 9.020   -6.242  9.593   1.00 112.38 ? 79  CYS A CB  1 
ATOM 185 S SG  . CYS A 1 44  ? 8.802   -5.763  7.859   1.00 109.59 ? 79  CYS A SG  1 
ATOM 186 N N   . ASN A 1 64  ? 6.738   13.403  7.034   1.00 138.08 ? 99  ASN A N   1 
ATOM 187 C CA  . ASN A 1 64  ? 6.032   14.679  7.060   1.00 135.53 ? 99  ASN A CA  1 
ATOM 188 C C   . ASN A 1 64  ? 4.877   14.656  8.057   1.00 133.17 ? 99  ASN A C   1 
ATOM 189 O O   . ASN A 1 64  ? 4.349   13.592  8.382   1.00 111.12 ? 99  ASN A O   1 
ATOM 190 C CB  . ASN A 1 64  ? 5.501   15.032  5.668   1.00 132.16 ? 99  ASN A CB  1 
ATOM 191 C CG  . ASN A 1 64  ? 6.601   15.146  4.632   1.00 127.28 ? 99  ASN A CG  1 
ATOM 192 O OD1 . ASN A 1 64  ? 7.294   16.161  4.555   1.00 128.97 ? 99  ASN A OD1 1 
ATOM 193 N ND2 . ASN A 1 64  ? 6.762   14.106  3.822   1.00 111.63 ? 99  ASN A ND2 1 
ATOM 194 N N   . ASN A 1 65  ? 4.492   15.836  8.536   1.00 148.67 ? 100 ASN A N   1 
ATOM 195 C CA  . ASN A 1 65  ? 3.296   15.998  9.352   1.00 142.86 ? 100 ASN A CA  1 
ATOM 196 C C   . ASN A 1 65  ? 2.048   16.208  8.502   1.00 123.89 ? 100 ASN A C   1 
ATOM 197 O O   . ASN A 1 65  ? 0.991   16.550  9.042   1.00 128.48 ? 100 ASN A O   1 
ATOM 198 C CB  . ASN A 1 65  ? 3.474   17.166  10.328  1.00 155.87 ? 100 ASN A CB  1 
ATOM 199 C CG  . ASN A 1 65  ? 2.612   17.027  11.573  1.00 162.86 ? 100 ASN A CG  1 
ATOM 200 O OD1 . ASN A 1 65  ? 3.104   17.142  12.696  1.00 156.57 ? 100 ASN A OD1 1 
ATOM 201 N ND2 . ASN A 1 65  ? 1.322   16.777  11.379  1.00 173.28 ? 100 ASN A ND2 1 
ATOM 202 N N   . THR A 1 66  ? 2.153   16.019  7.192   1.00 100.40 ? 101 THR A N   1 
ATOM 203 C CA  . THR A 1 66  ? 1.025   16.155  6.287   1.00 84.68  ? 101 THR A CA  1 
ATOM 204 C C   . THR A 1 66  ? 0.247   14.846  6.205   1.00 89.49  ? 101 THR A C   1 
ATOM 205 O O   . THR A 1 66  ? 0.726   13.782  6.605   1.00 100.69 ? 101 THR A O   1 
ATOM 206 C CB  . THR A 1 66  ? 1.503   16.564  4.893   1.00 92.66  ? 101 THR A CB  1 
ATOM 207 O OG1 . THR A 1 66  ? 2.380   15.557  4.375   1.00 98.48  ? 101 THR A OG1 1 
ATOM 208 C CG2 . THR A 1 66  ? 2.246   17.892  4.949   1.00 87.56  ? 101 THR A CG2 1 
ATOM 209 N N   . GLU A 1 67  ? -0.978  14.939  5.681   1.00 74.01  ? 102 GLU A N   1 
ATOM 210 C CA  . GLU A 1 67  ? -1.768  13.737  5.437   1.00 79.20  ? 102 GLU A CA  1 
ATOM 211 C C   . GLU A 1 67  ? -1.073  12.827  4.431   1.00 77.20  ? 102 GLU A C   1 
ATOM 212 O O   . GLU A 1 67  ? -1.070  11.597  4.586   1.00 85.05  ? 102 GLU A O   1 
ATOM 213 C CB  . GLU A 1 67  ? -3.163  14.122  4.946   1.00 79.27  ? 102 GLU A CB  1 
ATOM 214 C CG  . GLU A 1 67  ? -3.940  14.995  5.918   1.00 72.51  ? 102 GLU A CG  1 
ATOM 215 C CD  . GLU A 1 67  ? -4.387  14.236  7.153   1.00 98.02  ? 102 GLU A CD  1 
ATOM 216 O OE1 . GLU A 1 67  ? -5.170  13.274  7.009   1.00 107.67 ? 102 GLU A OE1 1 
ATOM 217 O OE2 . GLU A 1 67  ? -3.948  14.595  8.266   1.00 102.80 ? 102 GLU A OE2 1 
ATOM 218 N N   . CYS A 1 68  ? -0.469  13.420  3.396   1.00 76.81  ? 103 CYS A N   1 
ATOM 219 C CA  . CYS A 1 68  ? 0.312   12.637  2.447   1.00 75.03  ? 103 CYS A CA  1 
ATOM 220 C C   . CYS A 1 68  ? 1.459   11.915  3.136   1.00 75.58  ? 103 CYS A C   1 
ATOM 221 O O   . CYS A 1 68  ? 1.811   10.799  2.743   1.00 72.25  ? 103 CYS A O   1 
ATOM 222 C CB  . CYS A 1 68  ? 0.843   13.537  1.329   1.00 70.52  ? 103 CYS A CB  1 
ATOM 223 S SG  . CYS A 1 68  ? 1.931   12.683  0.163   1.00 82.56  ? 103 CYS A SG  1 
ATOM 224 N N   . GLY A 1 69  ? 2.052   12.529  4.162   1.00 78.27  ? 104 GLY A N   1 
ATOM 225 C CA  . GLY A 1 69  ? 3.107   11.858  4.901   1.00 81.30  ? 104 GLY A CA  1 
ATOM 226 C C   . GLY A 1 69  ? 2.611   10.630  5.641   1.00 91.41  ? 104 GLY A C   1 
ATOM 227 O O   . GLY A 1 69  ? 3.263   9.582   5.627   1.00 84.88  ? 104 GLY A O   1 
ATOM 228 N N   . LYS A 1 70  ? 1.451   10.742  6.294   1.00 85.77  ? 105 LYS A N   1 
ATOM 229 C CA  . LYS A 1 70  ? 0.863   9.584   6.959   1.00 85.62  ? 105 LYS A CA  1 
ATOM 230 C C   . LYS A 1 70  ? 0.557   8.478   5.959   1.00 83.33  ? 105 LYS A C   1 
ATOM 231 O O   . LYS A 1 70  ? 0.826   7.297   6.221   1.00 84.50  ? 105 LYS A O   1 
ATOM 232 C CB  . LYS A 1 70  ? -0.405  9.998   7.708   1.00 79.43  ? 105 LYS A CB  1 
ATOM 233 C CG  . LYS A 1 70  ? -0.218  11.185  8.642   1.00 90.79  ? 105 LYS A CG  1 
ATOM 234 C CD  . LYS A 1 70  ? -1.526  11.563  9.322   1.00 106.74 ? 105 LYS A CD  1 
ATOM 235 C CE  . LYS A 1 70  ? -1.357  12.782  10.214  1.00 120.88 ? 105 LYS A CE  1 
ATOM 236 N NZ  . LYS A 1 70  ? -2.626  13.143  10.906  1.00 132.52 ? 105 LYS A NZ  1 
ATOM 237 N N   . LEU A 1 71  ? 0.003   8.843   4.798   1.00 83.08  ? 106 LEU A N   1 
ATOM 238 C CA  . LEU A 1 71  ? -0.229  7.848   3.756   1.00 82.05  ? 106 LEU A CA  1 
ATOM 239 C C   . LEU A 1 71  ? 1.078   7.209   3.301   1.00 78.42  ? 106 LEU A C   1 
ATOM 240 O O   . LEU A 1 71  ? 1.116   6.015   2.986   1.00 74.90  ? 106 LEU A O   1 
ATOM 241 C CB  . LEU A 1 71  ? -0.957  8.481   2.571   1.00 68.92  ? 106 LEU A CB  1 
ATOM 242 C CG  . LEU A 1 71  ? -2.406  8.909   2.799   1.00 71.00  ? 106 LEU A CG  1 
ATOM 243 C CD1 . LEU A 1 71  ? -3.050  9.305   1.481   1.00 67.97  ? 106 LEU A CD1 1 
ATOM 244 C CD2 . LEU A 1 71  ? -3.192  7.799   3.474   1.00 71.51  ? 106 LEU A CD2 1 
ATOM 245 N N   . LEU A 1 72  ? 2.162   7.989   3.262   1.00 76.45  ? 107 LEU A N   1 
ATOM 246 C CA  . LEU A 1 72  ? 3.456   7.436   2.875   1.00 78.38  ? 107 LEU A CA  1 
ATOM 247 C C   . LEU A 1 72  ? 4.000   6.491   3.939   1.00 90.99  ? 107 LEU A C   1 
ATOM 248 O O   . LEU A 1 72  ? 4.718   5.541   3.608   1.00 76.95  ? 107 LEU A O   1 
ATOM 249 C CB  . LEU A 1 72  ? 4.453   8.561   2.596   1.00 69.94  ? 107 LEU A CB  1 
ATOM 250 C CG  . LEU A 1 72  ? 4.219   9.365   1.312   1.00 78.14  ? 107 LEU A CG  1 
ATOM 251 C CD1 . LEU A 1 72  ? 5.293   10.425  1.123   1.00 68.72  ? 107 LEU A CD1 1 
ATOM 252 C CD2 . LEU A 1 72  ? 4.151   8.446   0.104   1.00 66.75  ? 107 LEU A CD2 1 
ATOM 253 N N   . GLU A 1 73  ? 3.680   6.734   5.212   1.00 89.77  ? 108 GLU A N   1 
ATOM 254 C CA  . GLU A 1 73  ? 4.028   5.770   6.252   1.00 89.40  ? 108 GLU A CA  1 
ATOM 255 C C   . GLU A 1 73  ? 3.258   4.469   6.059   1.00 93.27  ? 108 GLU A C   1 
ATOM 256 O O   . GLU A 1 73  ? 3.843   3.376   6.076   1.00 109.08 ? 108 GLU A O   1 
ATOM 257 C CB  . GLU A 1 73  ? 3.750   6.361   7.636   1.00 86.72  ? 108 GLU A CB  1 
ATOM 258 C CG  . GLU A 1 73  ? 4.449   7.685   7.933   1.00 102.60 ? 108 GLU A CG  1 
ATOM 259 C CD  . GLU A 1 73  ? 5.948   7.540   8.131   1.00 126.66 ? 108 GLU A CD  1 
ATOM 260 O OE1 . GLU A 1 73  ? 6.668   7.320   7.133   1.00 136.58 ? 108 GLU A OE1 1 
ATOM 261 O OE2 . GLU A 1 73  ? 6.406   7.648   9.287   1.00 135.11 ? 108 GLU A OE2 1 
ATOM 262 N N   . GLU A 1 74  ? 1.939   4.572   5.865   1.00 89.24  ? 109 GLU A N   1 
ATOM 263 C CA  . GLU A 1 74  ? 1.124   3.383   5.635   1.00 84.56  ? 109 GLU A CA  1 
ATOM 264 C C   . GLU A 1 74  ? 1.650   2.576   4.453   1.00 79.90  ? 109 GLU A C   1 
ATOM 265 O O   . GLU A 1 74  ? 1.877   1.366   4.566   1.00 80.77  ? 109 GLU A O   1 
ATOM 266 C CB  . GLU A 1 74  ? -0.335  3.781   5.406   1.00 71.80  ? 109 GLU A CB  1 
ATOM 267 C CG  . GLU A 1 74  ? -0.967  4.546   6.557   1.00 87.44  ? 109 GLU A CG  1 
ATOM 268 C CD  . GLU A 1 74  ? -2.426  4.879   6.304   1.00 89.92  ? 109 GLU A CD  1 
ATOM 269 O OE1 . GLU A 1 74  ? -3.191  4.998   7.284   1.00 93.30  ? 109 GLU A OE1 1 
ATOM 270 O OE2 . GLU A 1 74  ? -2.808  5.018   5.124   1.00 70.29  ? 109 GLU A OE2 1 
ATOM 271 N N   . ILE A 1 75  ? 1.859   3.236   3.311   1.00 73.96  ? 110 ILE A N   1 
ATOM 272 C CA  . ILE A 1 75  ? 2.364   2.543   2.130   1.00 87.61  ? 110 ILE A CA  1 
ATOM 273 C C   . ILE A 1 75  ? 3.755   1.981   2.389   1.00 97.84  ? 110 ILE A C   1 
ATOM 274 O O   . ILE A 1 75  ? 4.105   0.906   1.885   1.00 86.53  ? 110 ILE A O   1 
ATOM 275 C CB  . ILE A 1 75  ? 2.348   3.490   0.913   1.00 80.34  ? 110 ILE A CB  1 
ATOM 276 C CG1 . ILE A 1 75  ? 0.914   3.900   0.574   1.00 80.40  ? 110 ILE A CG1 1 
ATOM 277 C CG2 . ILE A 1 75  ? 3.005   2.837   -0.291  1.00 86.09  ? 110 ILE A CG2 1 
ATOM 278 C CD1 . ILE A 1 75  ? 0.809   4.822   -0.624  1.00 84.14  ? 110 ILE A CD1 1 
ATOM 279 N N   . LYS A 1 76  ? 4.566   2.685   3.184   1.00 99.38  ? 111 LYS A N   1 
ATOM 280 C CA  . LYS A 1 76  ? 5.886   2.172   3.535   1.00 96.44  ? 111 LYS A CA  1 
ATOM 281 C C   . LYS A 1 76  ? 5.779   0.844   4.270   1.00 103.94 ? 111 LYS A C   1 
ATOM 282 O O   . LYS A 1 76  ? 6.576   -0.073  4.033   1.00 101.04 ? 111 LYS A O   1 
ATOM 283 C CB  . LYS A 1 76  ? 6.645   3.199   4.381   1.00 105.22 ? 111 LYS A CB  1 
ATOM 284 C CG  . LYS A 1 76  ? 8.047   2.763   4.820   1.00 117.66 ? 111 LYS A CG  1 
ATOM 285 C CD  . LYS A 1 76  ? 8.046   2.121   6.207   1.00 128.72 ? 111 LYS A CD  1 
ATOM 286 C CE  . LYS A 1 76  ? 9.358   1.404   6.493   1.00 126.93 ? 111 LYS A CE  1 
ATOM 287 N NZ  . LYS A 1 76  ? 9.278   0.578   7.731   1.00 111.78 ? 111 LYS A NZ  1 
ATOM 288 N N   . CYS A 1 77  ? 4.799   0.716   5.161   1.00 96.57  ? 112 CYS A N   1 
ATOM 289 C CA  . CYS A 1 77  ? 4.632   -0.511  5.932   1.00 90.98  ? 112 CYS A CA  1 
ATOM 290 C C   . CYS A 1 77  ? 4.016   -1.655  5.132   1.00 93.97  ? 112 CYS A C   1 
ATOM 291 O O   . CYS A 1 77  ? 3.725   -2.704  5.718   1.00 107.41 ? 112 CYS A O   1 
ATOM 292 C CB  . CYS A 1 77  ? 3.784   -0.239  7.175   1.00 88.32  ? 112 CYS A CB  1 
ATOM 293 S SG  . CYS A 1 77  ? 4.697   0.543   8.514   1.00 108.29 ? 112 CYS A SG  1 
ATOM 294 N N   . ALA A 1 78  ? 3.810   -1.493  3.823   1.00 97.45  ? 113 ALA A N   1 
ATOM 295 C CA  . ALA A 1 78  ? 3.238   -2.576  3.030   1.00 92.63  ? 113 ALA A CA  1 
ATOM 296 C C   . ALA A 1 78  ? 4.184   -3.762  2.903   1.00 98.49  ? 113 ALA A C   1 
ATOM 297 O O   . ALA A 1 78  ? 3.724   -4.884  2.669   1.00 106.46 ? 113 ALA A O   1 
ATOM 298 C CB  . ALA A 1 78  ? 2.848   -2.065  1.643   1.00 87.14  ? 113 ALA A CB  1 
ATOM 299 N N   . LEU A 1 79  ? 5.492   -3.540  3.060   1.00 112.67 ? 114 LEU A N   1 
ATOM 300 C CA  . LEU A 1 79  ? 6.448   -4.638  2.969   1.00 114.23 ? 114 LEU A CA  1 
ATOM 301 C C   . LEU A 1 79  ? 6.267   -5.634  4.108   1.00 102.46 ? 114 LEU A C   1 
ATOM 302 O O   . LEU A 1 79  ? 6.462   -6.839  3.915   1.00 95.01  ? 114 LEU A O   1 
ATOM 303 C CB  . LEU A 1 79  ? 7.876   -4.090  2.972   1.00 125.01 ? 114 LEU A CB  1 
ATOM 304 C CG  . LEU A 1 79  ? 8.864   -4.694  1.972   1.00 155.09 ? 114 LEU A CG  1 
ATOM 305 C CD1 . LEU A 1 79  ? 8.728   -4.015  0.616   1.00 154.10 ? 114 LEU A CD1 1 
ATOM 306 C CD2 . LEU A 1 79  ? 10.294  -4.599  2.487   1.00 174.33 ? 114 LEU A CD2 1 
ATOM 307 N N   . CYS A 1 80  ? 5.891   -5.155  5.291   1.00 93.00  ? 115 CYS A N   1 
ATOM 308 C CA  . CYS A 1 80  ? 5.719   -6.007  6.461   1.00 89.22  ? 115 CYS A CA  1 
ATOM 309 C C   . CYS A 1 80  ? 4.395   -6.759  6.463   1.00 103.69 ? 115 CYS A C   1 
ATOM 310 O O   . CYS A 1 80  ? 4.105   -7.462  7.438   1.00 110.43 ? 115 CYS A O   1 
ATOM 311 C CB  . CYS A 1 80  ? 5.833   -5.170  7.739   1.00 100.27 ? 115 CYS A CB  1 
ATOM 312 S SG  . CYS A 1 80  ? 7.404   -4.291  7.925   1.00 111.95 ? 115 CYS A SG  1 
ATOM 313 N N   . SER A 1 81  ? 3.594   -6.636  5.411   1.00 98.18  ? 116 SER A N   1 
ATOM 314 C CA  . SER A 1 81  ? 2.298   -7.297  5.386   1.00 97.14  ? 116 SER A CA  1 
ATOM 315 C C   . SER A 1 81  ? 2.474   -8.806  5.231   1.00 95.24  ? 116 SER A C   1 
ATOM 316 O O   . SER A 1 81  ? 3.371   -9.259  4.514   1.00 101.52 ? 116 SER A O   1 
ATOM 317 C CB  . SER A 1 81  ? 1.444   -6.758  4.241   1.00 79.98  ? 116 SER A CB  1 
ATOM 318 O OG  . SER A 1 81  ? 0.234   -7.486  4.124   1.00 77.79  ? 116 SER A OG  1 
ATOM 319 N N   . PRO A 1 82  ? 1.639   -9.610  5.896   1.00 96.32  ? 117 PRO A N   1 
ATOM 320 C CA  . PRO A 1 82  ? 1.696   -11.066 5.681   1.00 97.98  ? 117 PRO A CA  1 
ATOM 321 C C   . PRO A 1 82  ? 1.389   -11.474 4.252   1.00 108.26 ? 117 PRO A C   1 
ATOM 322 O O   . PRO A 1 82  ? 1.805   -12.560 3.830   1.00 125.35 ? 117 PRO A O   1 
ATOM 323 C CB  . PRO A 1 82  ? 0.643   -11.606 6.657   1.00 93.08  ? 117 PRO A CB  1 
ATOM 324 C CG  . PRO A 1 82  ? 0.502   -10.536 7.695   1.00 98.30  ? 117 PRO A CG  1 
ATOM 325 C CD  . PRO A 1 82  ? 0.694   -9.243  6.963   1.00 99.57  ? 117 PRO A CD  1 
ATOM 326 N N   . HIS A 1 83  ? 0.674   -10.640 3.493   1.00 104.40 ? 118 HIS A N   1 
ATOM 327 C CA  . HIS A 1 83  ? 0.408   -10.879 2.081   1.00 100.54 ? 118 HIS A CA  1 
ATOM 328 C C   . HIS A 1 83  ? 1.270   -10.003 1.180   1.00 93.18  ? 118 HIS A C   1 
ATOM 329 O O   . HIS A 1 83  ? 0.864   -9.677  0.059   1.00 106.13 ? 118 HIS A O   1 
ATOM 330 C CB  . HIS A 1 83  ? -1.072  -10.650 1.773   1.00 100.44 ? 118 HIS A CB  1 
ATOM 331 C CG  . HIS A 1 83  ? -1.998  -11.499 2.586   1.00 98.19  ? 118 HIS A CG  1 
ATOM 332 N ND1 . HIS A 1 83  ? -2.420  -11.141 3.848   1.00 99.09  ? 118 HIS A ND1 1 
ATOM 333 C CD2 . HIS A 1 83  ? -2.583  -12.690 2.317   1.00 95.10  ? 118 HIS A CD2 1 
ATOM 334 C CE1 . HIS A 1 83  ? -3.225  -12.075 4.323   1.00 101.37 ? 118 HIS A CE1 1 
ATOM 335 N NE2 . HIS A 1 83  ? -3.341  -13.025 3.414   1.00 104.00 ? 118 HIS A NE2 1 
ATOM 336 N N   . SER A 1 84  ? 2.458   -9.616  1.652   1.00 87.87  ? 119 SER A N   1 
ATOM 337 C CA  . SER A 1 84  ? 3.298   -8.695  0.893   1.00 80.11  ? 119 SER A CA  1 
ATOM 338 C C   . SER A 1 84  ? 3.753   -9.309  -0.425  1.00 101.73 ? 119 SER A C   1 
ATOM 339 O O   . SER A 1 84  ? 3.868   -8.606  -1.437  1.00 113.44 ? 119 SER A O   1 
ATOM 340 C CB  . SER A 1 84  ? 4.504   -8.274  1.732   1.00 87.81  ? 119 SER A CB  1 
ATOM 341 O OG  . SER A 1 84  ? 5.208   -9.406  2.211   1.00 101.25 ? 119 SER A OG  1 
ATOM 342 N N   . GLN A 1 85  ? 4.026   -10.616 -0.432  1.00 109.11 ? 120 GLN A N   1 
ATOM 343 C CA  . GLN A 1 85  ? 4.403   -11.283 -1.675  1.00 118.75 ? 120 GLN A CA  1 
ATOM 344 C C   . GLN A 1 85  ? 3.281   -11.195 -2.700  1.00 119.00 ? 120 GLN A C   1 
ATOM 345 O O   . GLN A 1 85  ? 3.534   -11.002 -3.895  1.00 125.69 ? 120 GLN A O   1 
ATOM 346 C CB  . GLN A 1 85  ? 4.769   -12.743 -1.402  1.00 129.57 ? 120 GLN A CB  1 
ATOM 347 C CG  . GLN A 1 85  ? 5.919   -13.276 -2.250  1.00 137.53 ? 120 GLN A CG  1 
ATOM 348 C CD  . GLN A 1 85  ? 5.625   -13.253 -3.738  1.00 142.58 ? 120 GLN A CD  1 
ATOM 349 O OE1 . GLN A 1 85  ? 4.547   -13.655 -4.178  1.00 151.06 ? 120 GLN A OE1 1 
ATOM 350 N NE2 . GLN A 1 85  ? 6.586   -12.779 -4.523  1.00 132.37 ? 120 GLN A NE2 1 
ATOM 351 N N   . SER A 1 86  ? 2.033   -11.328 -2.249  1.00 125.92 ? 121 SER A N   1 
ATOM 352 C CA  . SER A 1 86  ? 0.889   -11.176 -3.139  1.00 127.59 ? 121 SER A CA  1 
ATOM 353 C C   . SER A 1 86  ? 0.486   -9.721  -3.332  1.00 117.99 ? 121 SER A C   1 
ATOM 354 O O   . SER A 1 86  ? -0.225  -9.414  -4.296  1.00 123.74 ? 121 SER A O   1 
ATOM 355 C CB  . SER A 1 86  ? -0.302  -11.974 -2.605  1.00 131.22 ? 121 SER A CB  1 
ATOM 356 O OG  . SER A 1 86  ? -1.412  -11.875 -3.480  1.00 140.31 ? 121 SER A OG  1 
ATOM 357 N N   . LEU A 1 87  ? 0.917   -8.821  -2.442  1.00 109.69 ? 122 LEU A N   1 
ATOM 358 C CA  . LEU A 1 87  ? 0.563   -7.413  -2.588  1.00 105.20 ? 122 LEU A CA  1 
ATOM 359 C C   . LEU A 1 87  ? 1.368   -6.750  -3.698  1.00 112.02 ? 122 LEU A C   1 
ATOM 360 O O   . LEU A 1 87  ? 0.844   -5.904  -4.433  1.00 107.28 ? 122 LEU A O   1 
ATOM 361 C CB  . LEU A 1 87  ? 0.762   -6.677  -1.264  1.00 101.38 ? 122 LEU A CB  1 
ATOM 362 C CG  . LEU A 1 87  ? -0.429  -6.683  -0.306  1.00 94.21  ? 122 LEU A CG  1 
ATOM 363 C CD1 . LEU A 1 87  ? -0.054  -6.042  1.018   1.00 93.60  ? 122 LEU A CD1 1 
ATOM 364 C CD2 . LEU A 1 87  ? -1.613  -5.960  -0.932  1.00 93.52  ? 122 LEU A CD2 1 
ATOM 365 N N   . PHE A 1 88  ? 2.642   -7.116  -3.836  1.00 116.89 ? 123 PHE A N   1 
ATOM 366 C CA  . PHE A 1 88  ? 3.491   -6.606  -4.902  1.00 117.10 ? 123 PHE A CA  1 
ATOM 367 C C   . PHE A 1 88  ? 3.514   -7.525  -6.118  1.00 129.43 ? 123 PHE A C   1 
ATOM 368 O O   . PHE A 1 88  ? 4.419   -7.414  -6.953  1.00 133.75 ? 123 PHE A O   1 
ATOM 369 C CB  . PHE A 1 88  ? 4.910   -6.372  -4.379  1.00 102.86 ? 123 PHE A CB  1 
ATOM 370 C CG  . PHE A 1 88  ? 4.991   -5.315  -3.311  1.00 96.94  ? 123 PHE A CG  1 
ATOM 371 C CD1 . PHE A 1 88  ? 5.143   -3.980  -3.650  1.00 92.34  ? 123 PHE A CD1 1 
ATOM 372 C CD2 . PHE A 1 88  ? 4.911   -5.655  -1.970  1.00 105.98 ? 123 PHE A CD2 1 
ATOM 373 C CE1 . PHE A 1 88  ? 5.215   -3.004  -2.672  1.00 93.68  ? 123 PHE A CE1 1 
ATOM 374 C CE2 . PHE A 1 88  ? 4.982   -4.683  -0.986  1.00 102.65 ? 123 PHE A CE2 1 
ATOM 375 C CZ  . PHE A 1 88  ? 5.134   -3.356  -1.340  1.00 92.40  ? 123 PHE A CZ  1 
ATOM 376 N N   . HIS A 1 89  ? 2.538   -8.425  -6.228  1.00 151.86 ? 124 HIS A N   1 
ATOM 377 C CA  . HIS A 1 89  ? 2.385   -9.319  -7.376  1.00 162.75 ? 124 HIS A CA  1 
ATOM 378 C C   . HIS A 1 89  ? 3.652   -10.126 -7.654  1.00 155.68 ? 124 HIS A C   1 
ATOM 379 O O   . HIS A 1 89  ? 3.611   -11.147 -8.338  1.00 156.33 ? 124 HIS A O   1 
ATOM 380 C CB  . HIS A 1 89  ? 1.986   -8.520  -8.621  1.00 172.76 ? 124 HIS A CB  1 
ATOM 381 C CG  . HIS A 1 89  ? 1.177   -9.301  -9.609  1.00 179.32 ? 124 HIS A CG  1 
ATOM 382 N ND1 . HIS A 1 89  ? 1.053   -10.673 -9.553  1.00 182.10 ? 124 HIS A ND1 1 
ATOM 383 C CD2 . HIS A 1 89  ? 0.443   -8.901  -10.674 1.00 176.60 ? 124 HIS A CD2 1 
ATOM 384 C CE1 . HIS A 1 89  ? 0.282   -11.084 -10.543 1.00 179.09 ? 124 HIS A CE1 1 
ATOM 385 N NE2 . HIS A 1 89  ? -0.102  -10.028 -11.238 1.00 177.32 ? 124 HIS A NE2 1 
ATOM 386 N N   . LEU A 1 100 ? 7.740   4.469   -9.414  1.00 141.07 ? 135 LEU A N   1 
ATOM 387 C CA  . LEU A 1 100 ? 6.827   4.199   -8.309  1.00 127.07 ? 135 LEU A CA  1 
ATOM 388 C C   . LEU A 1 100 ? 6.607   2.704   -8.117  1.00 118.48 ? 135 LEU A C   1 
ATOM 389 O O   . LEU A 1 100 ? 6.031   2.037   -8.979  1.00 111.70 ? 135 LEU A O   1 
ATOM 390 C CB  . LEU A 1 100 ? 5.484   4.894   -8.541  1.00 123.47 ? 135 LEU A CB  1 
ATOM 391 C CG  . LEU A 1 100 ? 5.423   6.407   -8.331  1.00 122.53 ? 135 LEU A CG  1 
ATOM 392 C CD1 . LEU A 1 100 ? 4.214   6.989   -9.042  1.00 125.88 ? 135 LEU A CD1 1 
ATOM 393 C CD2 . LEU A 1 100 ? 5.378   6.733   -6.847  1.00 117.92 ? 135 LEU A CD2 1 
ATOM 394 N N   . VAL A 1 101 ? 7.066   2.179   -6.987  1.00 113.39 ? 136 VAL A N   1 
ATOM 395 C CA  . VAL A 1 101 ? 6.827   0.791   -6.606  1.00 111.95 ? 136 VAL A CA  1 
ATOM 396 C C   . VAL A 1 101 ? 5.883   0.806   -5.411  1.00 99.13  ? 136 VAL A C   1 
ATOM 397 O O   . VAL A 1 101 ? 6.255   1.227   -4.308  1.00 89.10  ? 136 VAL A O   1 
ATOM 398 C CB  . VAL A 1 101 ? 8.132   0.040   -6.300  1.00 109.79 ? 136 VAL A CB  1 
ATOM 399 C CG1 . VAL A 1 101 ? 9.068   0.885   -5.435  1.00 109.53 ? 136 VAL A CG1 1 
ATOM 400 C CG2 . VAL A 1 101 ? 7.831   -1.303  -5.642  1.00 102.14 ? 136 VAL A CG2 1 
ATOM 401 N N   . LEU A 1 102 ? 4.652   0.369   -5.634  1.00 101.36 ? 137 LEU A N   1 
ATOM 402 C CA  . LEU A 1 102 ? 3.614   0.353   -4.616  1.00 95.81  ? 137 LEU A CA  1 
ATOM 403 C C   . LEU A 1 102 ? 2.872   -0.964  -4.706  1.00 81.58  ? 137 LEU A C   1 
ATOM 404 O O   . LEU A 1 102 ? 2.851   -1.605  -5.765  1.00 105.40 ? 137 LEU A O   1 
ATOM 405 C CB  . LEU A 1 102 ? 2.631   1.521   -4.792  1.00 100.04 ? 137 LEU A CB  1 
ATOM 406 C CG  . LEU A 1 102 ? 3.212   2.933   -4.905  1.00 92.37  ? 137 LEU A CG  1 
ATOM 407 C CD1 . LEU A 1 102 ? 2.894   3.530   -6.266  1.00 108.30 ? 137 LEU A CD1 1 
ATOM 408 C CD2 . LEU A 1 102 ? 2.690   3.830   -3.796  1.00 82.85  ? 137 LEU A CD2 1 
ATOM 409 N N   . PRO A 1 103 ? 2.257   -1.411  -3.613  1.00 79.97  ? 138 PRO A N   1 
ATOM 410 C CA  . PRO A 1 103 ? 1.421   -2.613  -3.672  1.00 71.87  ? 138 PRO A CA  1 
ATOM 411 C C   . PRO A 1 103 ? 0.151   -2.350  -4.466  1.00 72.45  ? 138 PRO A C   1 
ATOM 412 O O   . PRO A 1 103 ? -0.201  -1.211  -4.778  1.00 99.15  ? 138 PRO A O   1 
ATOM 413 C CB  . PRO A 1 103 ? 1.114   -2.903  -2.201  1.00 86.22  ? 138 PRO A CB  1 
ATOM 414 C CG  . PRO A 1 103 ? 1.199   -1.564  -1.542  1.00 69.41  ? 138 PRO A CG  1 
ATOM 415 C CD  . PRO A 1 103 ? 2.312   -0.845  -2.252  1.00 72.09  ? 138 PRO A CD  1 
ATOM 416 N N   . LEU A 1 104 ? -0.541  -3.438  -4.806  1.00 93.48  ? 139 LEU A N   1 
ATOM 417 C CA  . LEU A 1 104 ? -1.836  -3.318  -5.464  1.00 96.77  ? 139 LEU A CA  1 
ATOM 418 C C   . LEU A 1 104 ? -2.794  -2.559  -4.558  1.00 85.50  ? 139 LEU A C   1 
ATOM 419 O O   . LEU A 1 104 ? -3.170  -3.048  -3.487  1.00 92.14  ? 139 LEU A O   1 
ATOM 420 C CB  . LEU A 1 104 ? -2.400  -4.694  -5.822  1.00 96.78  ? 139 LEU A CB  1 
ATOM 421 C CG  . LEU A 1 104 ? -2.061  -5.207  -7.224  1.00 110.29 ? 139 LEU A CG  1 
ATOM 422 C CD1 . LEU A 1 104 ? -2.582  -6.621  -7.437  1.00 131.81 ? 139 LEU A CD1 1 
ATOM 423 C CD2 . LEU A 1 104 ? -2.623  -4.263  -8.280  1.00 104.96 ? 139 LEU A CD2 1 
ATOM 424 N N   . LEU A 1 105 ? -3.183  -1.357  -4.971  1.00 82.83  ? 140 LEU A N   1 
ATOM 425 C CA  . LEU A 1 105 ? -3.990  -0.484  -4.134  1.00 78.05  ? 140 LEU A CA  1 
ATOM 426 C C   . LEU A 1 105 ? -5.471  -0.760  -4.335  1.00 70.92  ? 140 LEU A C   1 
ATOM 427 O O   . LEU A 1 105 ? -5.910  -1.115  -5.434  1.00 80.79  ? 140 LEU A O   1 
ATOM 428 C CB  . LEU A 1 105 ? -3.695  0.984   -4.442  1.00 63.97  ? 140 LEU A CB  1 
ATOM 429 C CG  . LEU A 1 105 ? -2.257  1.461   -4.242  1.00 74.72  ? 140 LEU A CG  1 
ATOM 430 C CD1 . LEU A 1 105 ? -2.123  2.918   -4.654  1.00 67.14  ? 140 LEU A CD1 1 
ATOM 431 C CD2 . LEU A 1 105 ? -1.812  1.267   -2.800  1.00 77.44  ? 140 LEU A CD2 1 
ATOM 432 N N   . CYS A 1 106 ? -6.238  -0.608  -3.261  1.00 72.78  ? 141 CYS A N   1 
ATOM 433 C CA  . CYS A 1 106 ? -7.684  -0.562  -3.390  1.00 77.41  ? 141 CYS A CA  1 
ATOM 434 C C   . CYS A 1 106 ? -8.086  0.723   -4.108  1.00 76.63  ? 141 CYS A C   1 
ATOM 435 O O   . CYS A 1 106 ? -7.403  1.748   -4.016  1.00 82.50  ? 141 CYS A O   1 
ATOM 436 C CB  . CYS A 1 106 ? -8.347  -0.643  -2.016  1.00 65.53  ? 141 CYS A CB  1 
ATOM 437 S SG  . CYS A 1 106 ? -7.717  -1.978  -0.950  1.00 92.16  ? 141 CYS A SG  1 
ATOM 438 N N   . LYS A 1 107 ? -9.200  0.656   -4.840  1.00 77.84  ? 142 LYS A N   1 
ATOM 439 C CA  . LYS A 1 107 ? -9.588  1.761   -5.713  1.00 87.08  ? 142 LYS A CA  1 
ATOM 440 C C   . LYS A 1 107 ? -9.821  3.044   -4.923  1.00 81.77  ? 142 LYS A C   1 
ATOM 441 O O   . LYS A 1 107 ? -9.276  4.105   -5.259  1.00 100.45 ? 142 LYS A O   1 
ATOM 442 C CB  . LYS A 1 107 ? -10.835 1.373   -6.509  1.00 86.00  ? 142 LYS A CB  1 
ATOM 443 C CG  . LYS A 1 107 ? -10.686 0.059   -7.266  1.00 104.11 ? 142 LYS A CG  1 
ATOM 444 C CD  . LYS A 1 107 ? -11.955 -0.324  -8.011  1.00 110.62 ? 142 LYS A CD  1 
ATOM 445 C CE  . LYS A 1 107 ? -11.781 -1.656  -8.731  1.00 115.11 ? 142 LYS A CE  1 
ATOM 446 N NZ  . LYS A 1 107 ? -12.985 -2.044  -9.517  1.00 124.43 ? 142 LYS A NZ  1 
ATOM 447 N N   . ASP A 1 108 ? -10.632 2.965   -3.863  1.00 76.24  ? 143 ASP A N   1 
ATOM 448 C CA  . ASP A 1 108 ? -10.895 4.144   -3.045  1.00 86.77  ? 143 ASP A CA  1 
ATOM 449 C C   . ASP A 1 108 ? -9.609  4.690   -2.438  1.00 74.86  ? 143 ASP A C   1 
ATOM 450 O O   . ASP A 1 108 ? -9.364  5.902   -2.465  1.00 88.65  ? 143 ASP A O   1 
ATOM 451 C CB  . ASP A 1 108 ? -11.914 3.809   -1.953  1.00 99.71  ? 143 ASP A CB  1 
ATOM 452 C CG  . ASP A 1 108 ? -11.458 2.674   -1.052  1.00 120.98 ? 143 ASP A CG  1 
ATOM 453 O OD1 . ASP A 1 108 ? -10.664 1.827   -1.512  1.00 127.81 ? 143 ASP A OD1 1 
ATOM 454 O OD2 . ASP A 1 108 ? -11.893 2.630   0.119   1.00 122.54 ? 143 ASP A OD2 1 
ATOM 455 N N   . TYR A 1 109 ? -8.764  3.804   -1.902  1.00 69.57  ? 144 TYR A N   1 
ATOM 456 C CA  . TYR A 1 109 ? -7.494  4.245   -1.343  1.00 70.97  ? 144 TYR A CA  1 
ATOM 457 C C   . TYR A 1 109 ? -6.570  4.795   -2.419  1.00 66.82  ? 144 TYR A C   1 
ATOM 458 O O   . TYR A 1 109 ? -5.731  5.652   -2.127  1.00 63.09  ? 144 TYR A O   1 
ATOM 459 C CB  . TYR A 1 109 ? -6.816  3.095   -0.600  1.00 65.60  ? 144 TYR A CB  1 
ATOM 460 C CG  . TYR A 1 109 ? -5.606  3.518   0.202   1.00 64.83  ? 144 TYR A CG  1 
ATOM 461 C CD1 . TYR A 1 109 ? -5.744  4.002   1.497   1.00 68.91  ? 144 TYR A CD1 1 
ATOM 462 C CD2 . TYR A 1 109 ? -4.326  3.426   -0.330  1.00 70.14  ? 144 TYR A CD2 1 
ATOM 463 C CE1 . TYR A 1 109 ? -4.645  4.385   2.238   1.00 77.63  ? 144 TYR A CE1 1 
ATOM 464 C CE2 . TYR A 1 109 ? -3.217  3.807   0.402   1.00 68.47  ? 144 TYR A CE2 1 
ATOM 465 C CZ  . TYR A 1 109 ? -3.383  4.287   1.688   1.00 78.69  ? 144 TYR A CZ  1 
ATOM 466 O OH  . TYR A 1 109 ? -2.285  4.667   2.425   1.00 69.77  ? 144 TYR A OH  1 
ATOM 467 N N   . CYS A 1 110 ? -6.703  4.320   -3.660  1.00 68.71  ? 145 CYS A N   1 
ATOM 468 C CA  . CYS A 1 110 ? -5.894  4.882   -4.736  1.00 74.01  ? 145 CYS A CA  1 
ATOM 469 C C   . CYS A 1 110 ? -6.322  6.308   -5.055  1.00 71.30  ? 145 CYS A C   1 
ATOM 470 O O   . CYS A 1 110 ? -5.473  7.188   -5.243  1.00 77.66  ? 145 CYS A O   1 
ATOM 471 C CB  . CYS A 1 110 ? -5.973  4.000   -5.984  1.00 77.63  ? 145 CYS A CB  1 
ATOM 472 S SG  . CYS A 1 110 ? -5.077  4.691   -7.395  1.00 89.24  ? 145 CYS A SG  1 
ATOM 473 N N   . LYS A 1 111 ? -7.633  6.560   -5.115  1.00 81.25  ? 146 LYS A N   1 
ATOM 474 C CA  . LYS A 1 111 ? -8.108  7.930   -5.296  1.00 72.13  ? 146 LYS A CA  1 
ATOM 475 C C   . LYS A 1 111 ? -7.650  8.823   -4.147  1.00 68.40  ? 146 LYS A C   1 
ATOM 476 O O   . LYS A 1 111 ? -7.115  9.918   -4.367  1.00 64.62  ? 146 LYS A O   1 
ATOM 477 C CB  . LYS A 1 111 ? -9.632  7.950   -5.419  1.00 73.85  ? 146 LYS A CB  1 
ATOM 478 C CG  . LYS A 1 111 ? -10.175 7.260   -6.659  1.00 68.78  ? 146 LYS A CG  1 
ATOM 479 C CD  . LYS A 1 111 ? -9.628  7.894   -7.925  1.00 83.86  ? 146 LYS A CD  1 
ATOM 480 C CE  . LYS A 1 111 ? -10.285 7.311   -9.164  1.00 95.15  ? 146 LYS A CE  1 
ATOM 481 N NZ  . LYS A 1 111 ? -11.735 7.641   -9.228  1.00 113.77 ? 146 LYS A NZ  1 
ATOM 482 N N   . GLU A 1 112 ? -7.849  8.360   -2.908  1.00 65.49  ? 147 GLU A N   1 
ATOM 483 C CA  . GLU A 1 112 ? -7.447  9.138   -1.739  1.00 76.58  ? 147 GLU A CA  1 
ATOM 484 C C   . GLU A 1 112 ? -5.955  9.448   -1.760  1.00 71.93  ? 147 GLU A C   1 
ATOM 485 O O   . GLU A 1 112 ? -5.544  10.578  -1.467  1.00 78.66  ? 147 GLU A O   1 
ATOM 486 C CB  . GLU A 1 112 ? -7.817  8.385   -0.461  1.00 59.91  ? 147 GLU A CB  1 
ATOM 487 C CG  . GLU A 1 112 ? -7.149  8.920   0.795   1.00 74.44  ? 147 GLU A CG  1 
ATOM 488 C CD  . GLU A 1 112 ? -7.552  8.152   2.040   1.00 75.90  ? 147 GLU A CD  1 
ATOM 489 O OE1 . GLU A 1 112 ? -8.207  7.097   1.906   1.00 74.37  ? 147 GLU A OE1 1 
ATOM 490 O OE2 . GLU A 1 112 ? -7.215  8.606   3.154   1.00 72.28  ? 147 GLU A OE2 1 
ATOM 491 N N   . PHE A 1 113 ? -5.129  8.460   -2.103  1.00 70.21  ? 148 PHE A N   1 
ATOM 492 C CA  . PHE A 1 113 ? -3.686  8.674   -2.151  1.00 63.49  ? 148 PHE A CA  1 
ATOM 493 C C   . PHE A 1 113 ? -3.314  9.663   -3.248  1.00 69.82  ? 148 PHE A C   1 
ATOM 494 O O   . PHE A 1 113 ? -2.508  10.577  -3.026  1.00 70.05  ? 148 PHE A O   1 
ATOM 495 C CB  . PHE A 1 113 ? -2.968  7.339   -2.353  1.00 61.68  ? 148 PHE A CB  1 
ATOM 496 C CG  . PHE A 1 113 ? -1.513  7.473   -2.705  1.00 69.36  ? 148 PHE A CG  1 
ATOM 497 C CD1 . PHE A 1 113 ? -0.606  7.973   -1.787  1.00 65.35  ? 148 PHE A CD1 1 
ATOM 498 C CD2 . PHE A 1 113 ? -1.052  7.086   -3.954  1.00 68.33  ? 148 PHE A CD2 1 
ATOM 499 C CE1 . PHE A 1 113 ? 0.736   8.095   -2.109  1.00 78.59  ? 148 PHE A CE1 1 
ATOM 500 C CE2 . PHE A 1 113 ? 0.288   7.204   -4.282  1.00 72.90  ? 148 PHE A CE2 1 
ATOM 501 C CZ  . PHE A 1 113 ? 1.182   7.709   -3.359  1.00 73.87  ? 148 PHE A CZ  1 
ATOM 502 N N   . PHE A 1 114 ? -3.901  9.503   -4.437  1.00 67.71  ? 149 PHE A N   1 
ATOM 503 C CA  . PHE A 1 114 ? -3.581  10.395  -5.548  1.00 72.79  ? 149 PHE A CA  1 
ATOM 504 C C   . PHE A 1 114 ? -3.929  11.839  -5.211  1.00 79.03  ? 149 PHE A C   1 
ATOM 505 O O   . PHE A 1 114 ? -3.106  12.743  -5.392  1.00 75.62  ? 149 PHE A O   1 
ATOM 506 C CB  . PHE A 1 114 ? -4.310  9.946   -6.816  1.00 70.13  ? 149 PHE A CB  1 
ATOM 507 C CG  . PHE A 1 114 ? -4.013  10.800  -8.021  1.00 68.61  ? 149 PHE A CG  1 
ATOM 508 C CD1 . PHE A 1 114 ? -2.915  10.534  -8.821  1.00 73.24  ? 149 PHE A CD1 1 
ATOM 509 C CD2 . PHE A 1 114 ? -4.833  11.868  -8.354  1.00 82.84  ? 149 PHE A CD2 1 
ATOM 510 C CE1 . PHE A 1 114 ? -2.639  11.316  -9.929  1.00 91.49  ? 149 PHE A CE1 1 
ATOM 511 C CE2 . PHE A 1 114 ? -4.562  12.654  -9.458  1.00 89.06  ? 149 PHE A CE2 1 
ATOM 512 C CZ  . PHE A 1 114 ? -3.464  12.377  -10.247 1.00 92.59  ? 149 PHE A CZ  1 
ATOM 513 N N   . TYR A 1 115 ? -5.144  12.079  -4.712  1.00 77.51  ? 150 TYR A N   1 
ATOM 514 C CA  . TYR A 1 115 ? -5.543  13.455  -4.431  1.00 70.24  ? 150 TYR A CA  1 
ATOM 515 C C   . TYR A 1 115 ? -4.839  14.016  -3.202  1.00 86.29  ? 150 TYR A C   1 
ATOM 516 O O   . TYR A 1 115 ? -4.598  15.227  -3.130  1.00 83.75  ? 150 TYR A O   1 
ATOM 517 C CB  . TYR A 1 115 ? -7.058  13.546  -4.265  1.00 74.11  ? 150 TYR A CB  1 
ATOM 518 C CG  . TYR A 1 115 ? -7.812  13.361  -5.561  1.00 63.87  ? 150 TYR A CG  1 
ATOM 519 C CD1 . TYR A 1 115 ? -7.562  14.182  -6.653  1.00 74.78  ? 150 TYR A CD1 1 
ATOM 520 C CD2 . TYR A 1 115 ? -8.775  12.370  -5.693  1.00 63.84  ? 150 TYR A CD2 1 
ATOM 521 C CE1 . TYR A 1 115 ? -8.245  14.018  -7.843  1.00 66.53  ? 150 TYR A CE1 1 
ATOM 522 C CE2 . TYR A 1 115 ? -9.466  12.200  -6.879  1.00 71.67  ? 150 TYR A CE2 1 
ATOM 523 C CZ  . TYR A 1 115 ? -9.198  13.028  -7.950  1.00 70.21  ? 150 TYR A CZ  1 
ATOM 524 O OH  . TYR A 1 115 ? -9.882  12.863  -9.132  1.00 86.45  ? 150 TYR A OH  1 
ATOM 525 N N   . THR A 1 116 ? -4.499  13.165  -2.233  1.00 93.63  ? 151 THR A N   1 
ATOM 526 C CA  . THR A 1 116 ? -3.836  13.657  -1.030  1.00 83.30  ? 151 THR A CA  1 
ATOM 527 C C   . THR A 1 116 ? -2.384  14.025  -1.309  1.00 80.92  ? 151 THR A C   1 
ATOM 528 O O   . THR A 1 116 ? -1.872  15.013  -0.770  1.00 84.59  ? 151 THR A O   1 
ATOM 529 C CB  . THR A 1 116 ? -3.923  12.615  0.086   1.00 72.35  ? 151 THR A CB  1 
ATOM 530 O OG1 . THR A 1 116 ? -5.298  12.319  0.360   1.00 77.88  ? 151 THR A OG1 1 
ATOM 531 C CG2 . THR A 1 116 ? -3.265  13.132  1.357   1.00 61.67  ? 151 THR A CG2 1 
ATOM 532 N N   . CYS A 1 117 ? -1.706  13.258  -2.161  1.00 79.03  ? 152 CYS A N   1 
ATOM 533 C CA  . CYS A 1 117 ? -0.290  13.471  -2.426  1.00 72.69  ? 152 CYS A CA  1 
ATOM 534 C C   . CYS A 1 117 ? -0.018  14.220  -3.723  1.00 78.31  ? 152 CYS A C   1 
ATOM 535 O O   . CYS A 1 117 ? 1.151   14.419  -4.069  1.00 98.10  ? 152 CYS A O   1 
ATOM 536 C CB  . CYS A 1 117 ? 0.449   12.132  -2.442  1.00 73.10  ? 152 CYS A CB  1 
ATOM 537 S SG  . CYS A 1 117 ? 0.688   11.401  -0.810  1.00 73.34  ? 152 CYS A SG  1 
ATOM 538 N N   . ARG A 1 118 ? -1.052  14.645  -4.447  1.00 78.66  ? 153 ARG A N   1 
ATOM 539 C CA  . ARG A 1 118 ? -0.837  15.410  -5.668  1.00 90.15  ? 153 ARG A CA  1 
ATOM 540 C C   . ARG A 1 118 ? -0.266  16.781  -5.327  1.00 108.88 ? 153 ARG A C   1 
ATOM 541 O O   . ARG A 1 118 ? -0.795  17.490  -4.466  1.00 124.56 ? 153 ARG A O   1 
ATOM 542 C CB  . ARG A 1 118 ? -2.143  15.554  -6.447  1.00 83.37  ? 153 ARG A CB  1 
ATOM 543 C CG  . ARG A 1 118 ? -1.979  16.194  -7.815  1.00 90.00  ? 153 ARG A CG  1 
ATOM 544 C CD  . ARG A 1 118 ? -3.301  16.258  -8.557  1.00 104.37 ? 153 ARG A CD  1 
ATOM 545 N NE  . ARG A 1 118 ? -4.340  16.903  -7.760  1.00 110.96 ? 153 ARG A NE  1 
ATOM 546 C CZ  . ARG A 1 118 ? -5.569  17.153  -8.198  1.00 120.14 ? 153 ARG A CZ  1 
ATOM 547 N NH1 . ARG A 1 118 ? -6.451  17.743  -7.402  1.00 124.64 ? 153 ARG A NH1 1 
ATOM 548 N NH2 . ARG A 1 118 ? -5.916  16.816  -9.433  1.00 133.41 ? 153 ARG A NH2 1 
ATOM 549 N N   . GLY A 1 119 ? 0.817   17.152  -6.006  1.00 117.65 ? 154 GLY A N   1 
ATOM 550 C CA  . GLY A 1 119 ? 1.566   18.343  -5.688  1.00 132.61 ? 154 GLY A CA  1 
ATOM 551 C C   . GLY A 1 119 ? 2.787   18.094  -4.827  1.00 131.16 ? 154 GLY A C   1 
ATOM 552 O O   . GLY A 1 119 ? 3.741   18.879  -4.883  1.00 148.73 ? 154 GLY A O   1 
ATOM 553 N N   . HIS A 1 120 ? 2.777   17.023  -4.033  1.00 106.94 ? 155 HIS A N   1 
ATOM 554 C CA  . HIS A 1 120 ? 3.943   16.601  -3.270  1.00 104.16 ? 155 HIS A CA  1 
ATOM 555 C C   . HIS A 1 120 ? 4.768   15.536  -3.978  1.00 107.89 ? 155 HIS A C   1 
ATOM 556 O O   . HIS A 1 120 ? 5.918   15.308  -3.589  1.00 122.59 ? 155 HIS A O   1 
ATOM 557 C CB  . HIS A 1 120 ? 3.517   16.064  -1.897  1.00 109.12 ? 155 HIS A CB  1 
ATOM 558 C CG  . HIS A 1 120 ? 3.154   17.132  -0.913  1.00 125.53 ? 155 HIS A CG  1 
ATOM 559 N ND1 . HIS A 1 120 ? 4.015   17.552  0.079   1.00 130.20 ? 155 HIS A ND1 1 
ATOM 560 C CD2 . HIS A 1 120 ? 2.022   17.859  -0.760  1.00 131.21 ? 155 HIS A CD2 1 
ATOM 561 C CE1 . HIS A 1 120 ? 3.431   18.495  0.797   1.00 138.54 ? 155 HIS A CE1 1 
ATOM 562 N NE2 . HIS A 1 120 ? 2.220   18.700  0.308   1.00 136.96 ? 155 HIS A NE2 1 
ATOM 563 N N   . ILE A 1 121 ? 4.216   14.886  -4.998  1.00 100.33 ? 156 ILE A N   1 
ATOM 564 C CA  . ILE A 1 121 ? 4.896   13.799  -5.698  1.00 108.61 ? 156 ILE A CA  1 
ATOM 565 C C   . ILE A 1 121 ? 5.180   14.238  -7.129  1.00 134.30 ? 156 ILE A C   1 
ATOM 566 O O   . ILE A 1 121 ? 4.307   14.839  -7.774  1.00 135.01 ? 156 ILE A O   1 
ATOM 567 C CB  . ILE A 1 121 ? 4.061   12.509  -5.650  1.00 95.58  ? 156 ILE A CB  1 
ATOM 568 C CG1 . ILE A 1 121 ? 3.937   12.016  -4.207  1.00 91.34  ? 156 ILE A CG1 1 
ATOM 569 C CG2 . ILE A 1 121 ? 4.664   11.425  -6.533  1.00 100.69 ? 156 ILE A CG2 1 
ATOM 570 C CD1 . ILE A 1 121 ? 3.313   10.647  -4.078  1.00 97.84  ? 156 ILE A CD1 1 
ATOM 571 N N   . PRO A 1 122 ? 6.375   13.983  -7.661  1.00 146.80 ? 157 PRO A N   1 
ATOM 572 C CA  . PRO A 1 122 ? 6.677   14.411  -9.033  1.00 149.75 ? 157 PRO A CA  1 
ATOM 573 C C   . PRO A 1 122 ? 5.817   13.675  -10.052 1.00 144.88 ? 157 PRO A C   1 
ATOM 574 O O   . PRO A 1 122 ? 5.751   12.443  -10.064 1.00 154.98 ? 157 PRO A O   1 
ATOM 575 C CB  . PRO A 1 122 ? 8.162   14.068  -9.194  1.00 149.48 ? 157 PRO A CB  1 
ATOM 576 C CG  . PRO A 1 122 ? 8.421   13.007  -8.176  1.00 140.97 ? 157 PRO A CG  1 
ATOM 577 C CD  . PRO A 1 122 ? 7.540   13.354  -7.014  1.00 144.61 ? 157 PRO A CD  1 
ATOM 578 N N   . GLY A 1 123 ? 5.150   14.447  -10.910 1.00 127.18 ? 158 GLY A N   1 
ATOM 579 C CA  . GLY A 1 123 ? 4.393   13.895  -12.012 1.00 108.52 ? 158 GLY A CA  1 
ATOM 580 C C   . GLY A 1 123 ? 2.919   13.669  -11.750 1.00 97.58  ? 158 GLY A C   1 
ATOM 581 O O   . GLY A 1 123 ? 2.188   13.337  -12.691 1.00 94.05  ? 158 GLY A O   1 
ATOM 582 N N   . PHE A 1 124 ? 2.453   13.834  -10.509 1.00 91.76  ? 159 PHE A N   1 
ATOM 583 C CA  . PHE A 1 124 ? 1.036   13.627  -10.233 1.00 96.20  ? 159 PHE A CA  1 
ATOM 584 C C   . PHE A 1 124 ? 0.167   14.726  -10.825 1.00 84.04  ? 159 PHE A C   1 
ATOM 585 O O   . PHE A 1 124 ? -1.026  14.500  -11.051 1.00 98.46  ? 159 PHE A O   1 
ATOM 586 C CB  . PHE A 1 124 ? 0.792   13.519  -8.727  1.00 102.45 ? 159 PHE A CB  1 
ATOM 587 C CG  . PHE A 1 124 ? 1.022   12.140  -8.176  1.00 97.81  ? 159 PHE A CG  1 
ATOM 588 C CD1 . PHE A 1 124 ? 1.784   11.218  -8.875  1.00 95.85  ? 159 PHE A CD1 1 
ATOM 589 C CD2 . PHE A 1 124 ? 0.461   11.758  -6.970  1.00 78.80  ? 159 PHE A CD2 1 
ATOM 590 C CE1 . PHE A 1 124 ? 1.995   9.949   -8.376  1.00 88.63  ? 159 PHE A CE1 1 
ATOM 591 C CE2 . PHE A 1 124 ? 0.665   10.489  -6.466  1.00 74.68  ? 159 PHE A CE2 1 
ATOM 592 C CZ  . PHE A 1 124 ? 1.434   9.583   -7.169  1.00 80.35  ? 159 PHE A CZ  1 
ATOM 593 N N   . LEU A 1 125 ? 0.731   15.906  -11.076 1.00 80.22  ? 160 LEU A N   1 
ATOM 594 C CA  . LEU A 1 125 ? 0.012   16.949  -11.793 1.00 74.75  ? 160 LEU A CA  1 
ATOM 595 C C   . LEU A 1 125 ? -0.089  16.667  -13.284 1.00 76.95  ? 160 LEU A C   1 
ATOM 596 O O   . LEU A 1 125 ? -0.834  17.362  -13.983 1.00 105.33 ? 160 LEU A O   1 
ATOM 597 C CB  . LEU A 1 125 ? 0.690   18.305  -11.573 1.00 76.45  ? 160 LEU A CB  1 
ATOM 598 C CG  . LEU A 1 125 ? 0.760   18.835  -10.139 1.00 83.21  ? 160 LEU A CG  1 
ATOM 599 C CD1 . LEU A 1 125 ? 1.612   20.092  -10.075 1.00 77.63  ? 160 LEU A CD1 1 
ATOM 600 C CD2 . LEU A 1 125 ? -0.632  19.107  -9.596  1.00 82.80  ? 160 LEU A CD2 1 
ATOM 601 N N   . GLN A 1 126 ? 0.635   15.667  -13.784 1.00 89.49  ? 161 GLN A N   1 
ATOM 602 C CA  . GLN A 1 126 ? 0.683   15.360  -15.206 1.00 80.10  ? 161 GLN A CA  1 
ATOM 603 C C   . GLN A 1 126 ? -0.181  14.159  -15.575 1.00 87.23  ? 161 GLN A C   1 
ATOM 604 O O   . GLN A 1 126 ? 0.017   13.567  -16.640 1.00 111.37 ? 161 GLN A O   1 
ATOM 605 C CB  . GLN A 1 126 ? 2.130   15.121  -15.640 1.00 84.29  ? 161 GLN A CB  1 
ATOM 606 C CG  . GLN A 1 126 ? 3.117   16.162  -15.130 1.00 86.63  ? 161 GLN A CG  1 
ATOM 607 C CD  . GLN A 1 126 ? 2.971   17.504  -15.823 1.00 100.04 ? 161 GLN A CD  1 
ATOM 608 O OE1 . GLN A 1 126 ? 2.312   17.615  -16.857 1.00 100.70 ? 161 GLN A OE1 1 
ATOM 609 N NE2 . GLN A 1 126 ? 3.593   18.532  -15.256 1.00 93.92  ? 161 GLN A NE2 1 
ATOM 610 N N   . THR A 1 127 ? -1.131  13.789  -14.721 1.00 85.60  ? 162 THR A N   1 
ATOM 611 C CA  . THR A 1 127 ? -2.001  12.657  -15.002 1.00 92.05  ? 162 THR A CA  1 
ATOM 612 C C   . THR A 1 127 ? -3.268  12.791  -14.170 1.00 90.81  ? 162 THR A C   1 
ATOM 613 O O   . THR A 1 127 ? -3.311  13.527  -13.182 1.00 103.49 ? 162 THR A O   1 
ATOM 614 C CB  . THR A 1 127 ? -1.313  11.320  -14.705 1.00 88.95  ? 162 THR A CB  1 
ATOM 615 O OG1 . THR A 1 127 ? -2.156  10.241  -15.129 1.00 104.82 ? 162 THR A OG1 1 
ATOM 616 C CG2 . THR A 1 127 ? -1.046  11.183  -13.216 1.00 77.81  ? 162 THR A CG2 1 
ATOM 617 N N   . THR A 1 128 ? -4.298  12.067  -14.590 1.00 89.19  ? 163 THR A N   1 
ATOM 618 C CA  . THR A 1 128 ? -5.554  12.026  -13.861 1.00 73.88  ? 163 THR A CA  1 
ATOM 619 C C   . THR A 1 128 ? -5.562  10.849  -12.891 1.00 80.40  ? 163 THR A C   1 
ATOM 620 O O   . THR A 1 128 ? -4.738  9.934   -12.976 1.00 96.80  ? 163 THR A O   1 
ATOM 621 C CB  . THR A 1 128 ? -6.737  11.923  -14.826 1.00 87.58  ? 163 THR A CB  1 
ATOM 622 O OG1 . THR A 1 128 ? -6.593  10.753  -15.639 1.00 107.26 ? 163 THR A OG1 1 
ATOM 623 C CG2 . THR A 1 128 ? -6.801  13.152  -15.722 1.00 99.32  ? 163 THR A CG2 1 
ATOM 624 N N   . ALA A 1 129 ? -6.508  10.891  -11.954 1.00 73.14  ? 164 ALA A N   1 
ATOM 625 C CA  . ALA A 1 129 ? -6.643  9.798   -10.997 1.00 76.81  ? 164 ALA A CA  1 
ATOM 626 C C   . ALA A 1 129 ? -7.133  8.521   -11.670 1.00 93.84  ? 164 ALA A C   1 
ATOM 627 O O   . ALA A 1 129 ? -6.831  7.420   -11.198 1.00 96.18  ? 164 ALA A O   1 
ATOM 628 C CB  . ALA A 1 129 ? -7.588  10.202  -9.867  1.00 67.11  ? 164 ALA A CB  1 
ATOM 629 N N   . ASP A 1 130 ? -7.880  8.648   -12.770 1.00 98.65  ? 165 ASP A N   1 
ATOM 630 C CA  . ASP A 1 130 ? -8.410  7.466   -13.445 1.00 95.94  ? 165 ASP A CA  1 
ATOM 631 C C   . ASP A 1 130 ? -7.302  6.669   -14.123 1.00 94.38  ? 165 ASP A C   1 
ATOM 632 O O   . ASP A 1 130 ? -7.304  5.433   -14.079 1.00 101.35 ? 165 ASP A O   1 
ATOM 633 C CB  . ASP A 1 130 ? -9.477  7.875   -14.461 1.00 95.66  ? 165 ASP A CB  1 
ATOM 634 C CG  . ASP A 1 130 ? -10.725 8.435   -13.804 1.00 105.60 ? 165 ASP A CG  1 
ATOM 635 O OD1 . ASP A 1 130 ? -10.940 8.165   -12.602 1.00 101.05 ? 165 ASP A OD1 1 
ATOM 636 O OD2 . ASP A 1 130 ? -11.495 9.138   -14.492 1.00 118.11 ? 165 ASP A OD2 1 
ATOM 637 N N   . GLU A 1 131 ? -6.353  7.357   -14.762 1.00 106.14 ? 166 GLU A N   1 
ATOM 638 C CA  . GLU A 1 131 ? -5.233  6.661   -15.388 1.00 109.69 ? 166 GLU A CA  1 
ATOM 639 C C   . GLU A 1 131 ? -4.276  6.111   -14.338 1.00 99.63  ? 166 GLU A C   1 
ATOM 640 O O   . GLU A 1 131 ? -3.830  4.958   -14.432 1.00 113.47 ? 166 GLU A O   1 
ATOM 641 C CB  . GLU A 1 131 ? -4.499  7.607   -16.341 1.00 111.89 ? 166 GLU A CB  1 
ATOM 642 C CG  . GLU A 1 131 ? -5.389  8.226   -17.411 1.00 133.05 ? 166 GLU A CG  1 
ATOM 643 C CD  . GLU A 1 131 ? -4.739  9.411   -18.103 1.00 145.55 ? 166 GLU A CD  1 
ATOM 644 O OE1 . GLU A 1 131 ? -3.693  9.889   -17.615 1.00 148.70 ? 166 GLU A OE1 1 
ATOM 645 O OE2 . GLU A 1 131 ? -5.276  9.868   -19.135 1.00 150.79 ? 166 GLU A OE2 1 
ATOM 646 N N   . PHE A 1 132 ? -3.960  6.924   -13.328 1.00 88.67  ? 167 PHE A N   1 
ATOM 647 C CA  . PHE A 1 132 ? -3.067  6.491   -12.259 1.00 79.50  ? 167 PHE A CA  1 
ATOM 648 C C   . PHE A 1 132 ? -3.604  5.244   -11.570 1.00 92.09  ? 167 PHE A C   1 
ATOM 649 O O   . PHE A 1 132 ? -2.876  4.262   -11.378 1.00 107.87 ? 167 PHE A O   1 
ATOM 650 C CB  . PHE A 1 132 ? -2.874  7.626   -11.252 1.00 74.76  ? 167 PHE A CB  1 
ATOM 651 C CG  . PHE A 1 132 ? -1.952  7.281   -10.121 1.00 82.70  ? 167 PHE A CG  1 
ATOM 652 C CD1 . PHE A 1 132 ? -0.579  7.358   -10.282 1.00 98.70  ? 167 PHE A CD1 1 
ATOM 653 C CD2 . PHE A 1 132 ? -2.456  6.879   -8.895  1.00 79.33  ? 167 PHE A CD2 1 
ATOM 654 C CE1 . PHE A 1 132 ? 0.274   7.039   -9.242  1.00 101.69 ? 167 PHE A CE1 1 
ATOM 655 C CE2 . PHE A 1 132 ? -1.609  6.560   -7.852  1.00 87.27  ? 167 PHE A CE2 1 
ATOM 656 C CZ  . PHE A 1 132 ? -0.242  6.640   -8.026  1.00 98.10  ? 167 PHE A CZ  1 
ATOM 657 N N   . CYS A 1 133 ? -4.883  5.262   -11.190 1.00 89.28  ? 168 CYS A N   1 
ATOM 658 C CA  . CYS A 1 133 ? -5.476  4.085   -10.570 1.00 87.10  ? 168 CYS A CA  1 
ATOM 659 C C   . CYS A 1 133 ? -5.695  2.961   -11.572 1.00 93.13  ? 168 CYS A C   1 
ATOM 660 O O   . CYS A 1 133 ? -5.755  1.795   -11.170 1.00 90.34  ? 168 CYS A O   1 
ATOM 661 C CB  . CYS A 1 133 ? -6.785  4.467   -9.876  1.00 89.49  ? 168 CYS A CB  1 
ATOM 662 S SG  . CYS A 1 133 ? -6.515  5.608   -8.503  1.00 107.97 ? 168 CYS A SG  1 
ATOM 663 N N   . PHE A 1 134 ? -5.808  3.281   -12.863 1.00 96.67  ? 169 PHE A N   1 
ATOM 664 C CA  . PHE A 1 134 ? -5.824  2.228   -13.873 1.00 101.01 ? 169 PHE A CA  1 
ATOM 665 C C   . PHE A 1 134 ? -4.504  1.473   -13.892 1.00 97.55  ? 169 PHE A C   1 
ATOM 666 O O   . PHE A 1 134 ? -4.480  0.266   -14.166 1.00 110.60 ? 169 PHE A O   1 
ATOM 667 C CB  . PHE A 1 134 ? -6.126  2.816   -15.253 1.00 113.25 ? 169 PHE A CB  1 
ATOM 668 C CG  . PHE A 1 134 ? -6.047  1.810   -16.373 1.00 120.15 ? 169 PHE A CG  1 
ATOM 669 C CD1 . PHE A 1 134 ? -7.121  0.984   -16.658 1.00 124.00 ? 169 PHE A CD1 1 
ATOM 670 C CD2 . PHE A 1 134 ? -4.900  1.696   -17.144 1.00 121.91 ? 169 PHE A CD2 1 
ATOM 671 C CE1 . PHE A 1 134 ? -7.052  0.058   -17.687 1.00 131.54 ? 169 PHE A CE1 1 
ATOM 672 C CE2 . PHE A 1 134 ? -4.823  0.773   -18.173 1.00 125.70 ? 169 PHE A CE2 1 
ATOM 673 C CZ  . PHE A 1 134 ? -5.901  -0.046  -18.446 1.00 131.68 ? 169 PHE A CZ  1 
ATOM 674 N N   . TYR A 1 135 ? -3.401  2.157   -13.595 1.00 93.89  ? 170 TYR A N   1 
ATOM 675 C CA  . TYR A 1 135 ? -2.095  1.512   -13.576 1.00 94.37  ? 170 TYR A CA  1 
ATOM 676 C C   . TYR A 1 135 ? -1.753  0.883   -12.231 1.00 93.24  ? 170 TYR A C   1 
ATOM 677 O O   . TYR A 1 135 ? -1.049  -0.132  -12.197 1.00 104.73 ? 170 TYR A O   1 
ATOM 678 C CB  . TYR A 1 135 ? -1.003  2.521   -13.946 1.00 112.07 ? 170 TYR A CB  1 
ATOM 679 C CG  . TYR A 1 135 ? -1.042  2.977   -15.388 1.00 143.78 ? 170 TYR A CG  1 
ATOM 680 C CD1 . TYR A 1 135 ? -1.512  2.138   -16.390 1.00 157.38 ? 170 TYR A CD1 1 
ATOM 681 C CD2 . TYR A 1 135 ? -0.607  4.246   -15.746 1.00 159.64 ? 170 TYR A CD2 1 
ATOM 682 C CE1 . TYR A 1 135 ? -1.546  2.552   -17.711 1.00 167.49 ? 170 TYR A CE1 1 
ATOM 683 C CE2 . TYR A 1 135 ? -0.638  4.668   -17.062 1.00 172.03 ? 170 TYR A CE2 1 
ATOM 684 C CZ  . TYR A 1 135 ? -1.108  3.816   -18.040 1.00 174.31 ? 170 TYR A CZ  1 
ATOM 685 O OH  . TYR A 1 135 ? -1.140  4.233   -19.352 1.00 175.24 ? 170 TYR A OH  1 
ATOM 686 N N   . TYR A 1 136 ? -2.235  1.450   -11.119 1.00 93.86  ? 171 TYR A N   1 
ATOM 687 C CA  . TYR A 1 136 ? -1.768  1.054   -9.797  1.00 92.55  ? 171 TYR A CA  1 
ATOM 688 C C   . TYR A 1 136 ? -2.819  0.412   -8.901  1.00 93.72  ? 171 TYR A C   1 
ATOM 689 O O   . TYR A 1 136 ? -2.445  -0.199  -7.893  1.00 95.71  ? 171 TYR A O   1 
ATOM 690 C CB  . TYR A 1 136 ? -1.167  2.263   -9.059  1.00 78.07  ? 171 TYR A CB  1 
ATOM 691 C CG  . TYR A 1 136 ? 0.173   2.699   -9.607  1.00 94.90  ? 171 TYR A CG  1 
ATOM 692 C CD1 . TYR A 1 136 ? 0.269   3.759   -10.499 1.00 100.83 ? 171 TYR A CD1 1 
ATOM 693 C CD2 . TYR A 1 136 ? 1.342   2.047   -9.237  1.00 89.89  ? 171 TYR A CD2 1 
ATOM 694 C CE1 . TYR A 1 136 ? 1.493   4.159   -11.005 1.00 107.66 ? 171 TYR A CE1 1 
ATOM 695 C CE2 . TYR A 1 136 ? 2.569   2.440   -9.736  1.00 103.01 ? 171 TYR A CE2 1 
ATOM 696 C CZ  . TYR A 1 136 ? 2.639   3.496   -10.620 1.00 107.48 ? 171 TYR A CZ  1 
ATOM 697 O OH  . TYR A 1 136 ? 3.859   3.889   -11.119 1.00 113.95 ? 171 TYR A OH  1 
ATOM 698 N N   . ALA A 1 137 ? -4.106  0.521   -9.215  1.00 81.79  ? 172 ALA A N   1 
ATOM 699 C CA  . ALA A 1 137 ? -5.137  -0.063  -8.370  1.00 84.73  ? 172 ALA A CA  1 
ATOM 700 C C   . ALA A 1 137 ? -5.571  -1.422  -8.908  1.00 95.08  ? 172 ALA A C   1 
ATOM 701 O O   . ALA A 1 137 ? -5.558  -1.667  -10.117 1.00 99.07  ? 172 ALA A O   1 
ATOM 702 C CB  . ALA A 1 137 ? -6.352  0.862   -8.257  1.00 79.99  ? 172 ALA A CB  1 
ATOM 703 N N   . ARG A 1 138 ? -5.955  -2.306  -7.991  1.00 100.23 ? 173 ARG A N   1 
ATOM 704 C CA  . ARG A 1 138 ? -6.427  -3.631  -8.369  1.00 103.81 ? 173 ARG A CA  1 
ATOM 705 C C   . ARG A 1 138 ? -7.856  -3.551  -8.888  1.00 113.28 ? 173 ARG A C   1 
ATOM 706 O O   . ARG A 1 138 ? -8.693  -2.825  -8.342  1.00 112.65 ? 173 ARG A O   1 
ATOM 707 C CB  . ARG A 1 138 ? -6.345  -4.592  -7.183  1.00 98.91  ? 173 ARG A CB  1 
ATOM 708 C CG  . ARG A 1 138 ? -6.758  -6.013  -7.516  1.00 113.75 ? 173 ARG A CG  1 
ATOM 709 C CD  . ARG A 1 138 ? -6.197  -7.010  -6.519  1.00 115.59 ? 173 ARG A CD  1 
ATOM 710 N NE  . ARG A 1 138 ? -6.677  -8.365  -6.778  1.00 127.60 ? 173 ARG A NE  1 
ATOM 711 C CZ  . ARG A 1 138 ? -6.204  -9.453  -6.178  1.00 132.72 ? 173 ARG A CZ  1 
ATOM 712 N NH1 . ARG A 1 138 ? -5.230  -9.349  -5.284  1.00 134.49 ? 173 ARG A NH1 1 
ATOM 713 N NH2 . ARG A 1 138 ? -6.703  -10.645 -6.474  1.00 133.53 ? 173 ARG A NH2 1 
ATOM 714 N N   . LYS A 1 139 ? -8.134  -4.310  -9.948  1.00 111.28 ? 174 LYS A N   1 
ATOM 715 C CA  . LYS A 1 139 ? -9.391  -4.175  -10.677 1.00 119.23 ? 174 LYS A CA  1 
ATOM 716 C C   . LYS A 1 139 ? -10.478 -5.112  -10.161 1.00 130.69 ? 174 LYS A C   1 
ATOM 717 O O   . LYS A 1 139 ? -11.647 -4.719  -10.096 1.00 131.45 ? 174 LYS A O   1 
ATOM 718 C CB  . LYS A 1 139 ? -9.167  -4.425  -12.174 1.00 124.06 ? 174 LYS A CB  1 
ATOM 719 C CG  . LYS A 1 139 ? -7.713  -4.640  -12.596 1.00 123.57 ? 174 LYS A CG  1 
ATOM 720 C CD  . LYS A 1 139 ? -6.915  -3.338  -12.636 1.00 133.94 ? 174 LYS A CD  1 
ATOM 721 C CE  . LYS A 1 139 ? -7.561  -2.302  -13.538 1.00 132.61 ? 174 LYS A CE  1 
ATOM 722 N NZ  . LYS A 1 139 ? -6.791  -1.026  -13.533 1.00 130.15 ? 174 LYS A NZ  1 
ATOM 723 N N   . ASP A 1 140 ? -10.122 -6.346  -9.797  1.00 144.03 ? 175 ASP A N   1 
ATOM 724 C CA  . ASP A 1 140 ? -11.126 -7.318  -9.379  1.00 151.86 ? 175 ASP A CA  1 
ATOM 725 C C   . ASP A 1 140 ? -11.719 -7.015  -8.009  1.00 145.08 ? 175 ASP A C   1 
ATOM 726 O O   . ASP A 1 140 ? -12.750 -7.599  -7.657  1.00 154.89 ? 175 ASP A O   1 
ATOM 727 C CB  . ASP A 1 140 ? -10.528 -8.729  -9.385  1.00 156.64 ? 175 ASP A CB  1 
ATOM 728 C CG  . ASP A 1 140 ? -9.238  -8.829  -8.586  1.00 155.73 ? 175 ASP A CG  1 
ATOM 729 O OD1 . ASP A 1 140 ? -9.143  -8.216  -7.503  1.00 163.71 ? 175 ASP A OD1 1 
ATOM 730 O OD2 . ASP A 1 140 ? -8.313  -9.531  -9.045  1.00 144.99 ? 175 ASP A OD2 1 
ATOM 731 N N   . GLY A 1 141 ? -11.104 -6.127  -7.233  1.00 138.25 ? 176 GLY A N   1 
ATOM 732 C CA  . GLY A 1 141 ? -11.592 -5.839  -5.901  1.00 150.05 ? 176 GLY A CA  1 
ATOM 733 C C   . GLY A 1 141 ? -11.292 -6.903  -4.873  1.00 155.97 ? 176 GLY A C   1 
ATOM 734 O O   . GLY A 1 141 ? -12.002 -6.992  -3.865  1.00 143.81 ? 176 GLY A O   1 
ATOM 735 N N   . GLY A 1 142 ? -10.265 -7.719  -5.094  1.00 153.91 ? 177 GLY A N   1 
ATOM 736 C CA  . GLY A 1 142 ? -9.895  -8.743  -4.139  1.00 134.25 ? 177 GLY A CA  1 
ATOM 737 C C   . GLY A 1 142 ? -8.922  -8.243  -3.093  1.00 130.77 ? 177 GLY A C   1 
ATOM 738 O O   . GLY A 1 142 ? -9.160  -7.214  -2.454  1.00 137.87 ? 177 GLY A O   1 
ATOM 739 N N   . LEU A 1 143 ? -7.816  -8.961  -2.912  1.00 117.14 ? 178 LEU A N   1 
ATOM 740 C CA  . LEU A 1 143 ? -6.820  -8.578  -1.920  1.00 103.98 ? 178 LEU A CA  1 
ATOM 741 C C   . LEU A 1 143 ? -6.061  -7.347  -2.405  1.00 102.50 ? 178 LEU A C   1 
ATOM 742 O O   . LEU A 1 143 ? -5.363  -7.401  -3.422  1.00 109.92 ? 178 LEU A O   1 
ATOM 743 C CB  . LEU A 1 143 ? -5.868  -9.742  -1.659  1.00 94.27  ? 178 LEU A CB  1 
ATOM 744 C CG  . LEU A 1 143 ? -4.946  -9.690  -0.436  1.00 88.32  ? 178 LEU A CG  1 
ATOM 745 C CD1 . LEU A 1 143 ? -3.646  -8.968  -0.748  1.00 98.77  ? 178 LEU A CD1 1 
ATOM 746 C CD2 . LEU A 1 143 ? -5.653  -9.043  0.748   1.00 99.44  ? 178 LEU A CD2 1 
ATOM 747 N N   . CYS A 1 144 ? -6.198  -6.241  -1.679  1.00 95.58  ? 179 CYS A N   1 
ATOM 748 C CA  . CYS A 1 144 ? -5.573  -4.983  -2.056  1.00 77.60  ? 179 CYS A CA  1 
ATOM 749 C C   . CYS A 1 144 ? -5.065  -4.279  -0.806  1.00 68.78  ? 179 CYS A C   1 
ATOM 750 O O   . CYS A 1 144 ? -5.426  -4.623  0.323   1.00 83.24  ? 179 CYS A O   1 
ATOM 751 C CB  . CYS A 1 144 ? -6.547  -4.082  -2.830  1.00 71.76  ? 179 CYS A CB  1 
ATOM 752 S SG  . CYS A 1 144 ? -8.103  -3.696  -1.969  1.00 76.82  ? 179 CYS A SG  1 
ATOM 753 N N   . PHE A 1 145 ? -4.208  -3.287  -1.019  1.00 70.82  ? 180 PHE A N   1 
ATOM 754 C CA  . PHE A 1 145 ? -3.683  -2.477  0.073   1.00 83.21  ? 180 PHE A CA  1 
ATOM 755 C C   . PHE A 1 145 ? -4.510  -1.197  0.201   1.00 92.35  ? 180 PHE A C   1 
ATOM 756 O O   . PHE A 1 145 ? -4.869  -0.589  -0.808  1.00 85.13  ? 180 PHE A O   1 
ATOM 757 C CB  . PHE A 1 145 ? -2.203  -2.149  -0.164  1.00 67.79  ? 180 PHE A CB  1 
ATOM 758 C CG  . PHE A 1 145 ? -1.567  -1.376  0.953   1.00 74.83  ? 180 PHE A CG  1 
ATOM 759 C CD1 . PHE A 1 145 ? -1.540  0.009   0.928   1.00 67.70  ? 180 PHE A CD1 1 
ATOM 760 C CD2 . PHE A 1 145 ? -1.000  -2.032  2.035   1.00 74.67  ? 180 PHE A CD2 1 
ATOM 761 C CE1 . PHE A 1 145 ? -0.962  0.724   1.956   1.00 79.31  ? 180 PHE A CE1 1 
ATOM 762 C CE2 . PHE A 1 145 ? -0.420  -1.320  3.067   1.00 79.33  ? 180 PHE A CE2 1 
ATOM 763 C CZ  . PHE A 1 145 ? -0.402  0.059   3.026   1.00 90.30  ? 180 PHE A CZ  1 
ATOM 764 N N   . PRO A 1 146 ? -4.819  -0.779  1.441   1.00 85.55  ? 181 PRO A N   1 
ATOM 765 C CA  . PRO A 1 146 ? -4.401  -1.381  2.712   1.00 82.47  ? 181 PRO A CA  1 
ATOM 766 C C   . PRO A 1 146 ? -5.207  -2.615  3.109   1.00 79.46  ? 181 PRO A C   1 
ATOM 767 O O   . PRO A 1 146 ? -6.427  -2.646  2.944   1.00 82.37  ? 181 PRO A O   1 
ATOM 768 C CB  . PRO A 1 146 ? -4.628  -0.250  3.716   1.00 80.68  ? 181 PRO A CB  1 
ATOM 769 C CG  . PRO A 1 146 ? -5.771  0.510   3.150   1.00 69.28  ? 181 PRO A CG  1 
ATOM 770 C CD  . PRO A 1 146 ? -5.628  0.434   1.651   1.00 72.79  ? 181 PRO A CD  1 
ATOM 771 N N   . ASP A 1 147 ? -4.513  -3.629  3.628   1.00 77.09  ? 182 ASP A N   1 
ATOM 772 C CA  . ASP A 1 147 ? -5.137  -4.859  4.096   1.00 69.36  ? 182 ASP A CA  1 
ATOM 773 C C   . ASP A 1 147 ? -5.292  -4.885  5.613   1.00 81.22  ? 182 ASP A C   1 
ATOM 774 O O   . ASP A 1 147 ? -5.272  -5.959  6.223   1.00 94.19  ? 182 ASP A O   1 
ATOM 775 C CB  . ASP A 1 147 ? -4.346  -6.074  3.611   1.00 71.16  ? 182 ASP A CB  1 
ATOM 776 C CG  . ASP A 1 147 ? -2.904  -6.060  4.082   1.00 82.41  ? 182 ASP A CG  1 
ATOM 777 O OD1 . ASP A 1 147 ? -2.395  -4.969  4.410   1.00 76.69  ? 182 ASP A OD1 1 
ATOM 778 O OD2 . ASP A 1 147 ? -2.279  -7.140  4.116   1.00 98.39  ? 182 ASP A OD2 1 
ATOM 779 N N   . PHE A 1 148 ? -5.437  -3.716  6.230   1.00 80.18  ? 183 PHE A N   1 
ATOM 780 C CA  . PHE A 1 148 ? -5.695  -3.578  7.654   1.00 85.60  ? 183 PHE A CA  1 
ATOM 781 C C   . PHE A 1 148 ? -6.854  -2.618  7.863   1.00 82.82  ? 183 PHE A C   1 
ATOM 782 O O   . PHE A 1 148 ? -7.121  -1.770  7.004   1.00 80.89  ? 183 PHE A O   1 
ATOM 783 C CB  . PHE A 1 148 ? -4.451  -3.067  8.403   1.00 90.79  ? 183 PHE A CB  1 
ATOM 784 C CG  . PHE A 1 148 ? -3.859  -1.814  7.821   1.00 93.05  ? 183 PHE A CG  1 
ATOM 785 C CD1 . PHE A 1 148 ? -4.355  -0.567  8.166   1.00 93.47  ? 183 PHE A CD1 1 
ATOM 786 C CD2 . PHE A 1 148 ? -2.795  -1.884  6.939   1.00 83.71  ? 183 PHE A CD2 1 
ATOM 787 C CE1 . PHE A 1 148 ? -3.809  0.584   7.631   1.00 82.76  ? 183 PHE A CE1 1 
ATOM 788 C CE2 . PHE A 1 148 ? -2.243  -0.738  6.403   1.00 79.17  ? 183 PHE A CE2 1 
ATOM 789 C CZ  . PHE A 1 148 ? -2.751  0.498   6.749   1.00 89.20  ? 183 PHE A CZ  1 
ATOM 790 N N   . PRO A 1 149 ? -7.568  -2.729  8.982   1.00 93.69  ? 184 PRO A N   1 
ATOM 791 C CA  . PRO A 1 149 ? -8.667  -1.792  9.242   1.00 93.46  ? 184 PRO A CA  1 
ATOM 792 C C   . PRO A 1 149 ? -8.155  -0.373  9.421   1.00 89.49  ? 184 PRO A C   1 
ATOM 793 O O   . PRO A 1 149 ? -7.054  -0.141  9.927   1.00 108.22 ? 184 PRO A O   1 
ATOM 794 C CB  . PRO A 1 149 ? -9.296  -2.327  10.533  1.00 73.40  ? 184 PRO A CB  1 
ATOM 795 C CG  . PRO A 1 149 ? -8.211  -3.117  11.182  1.00 100.19 ? 184 PRO A CG  1 
ATOM 796 C CD  . PRO A 1 149 ? -7.431  -3.726  10.057  1.00 94.94  ? 184 PRO A CD  1 
ATOM 797 N N   . ARG A 1 150 ? -8.975  0.584   8.997   1.00 99.19  ? 185 ARG A N   1 
ATOM 798 C CA  . ARG A 1 150 ? -8.579  1.986   9.024   1.00 108.81 ? 185 ARG A CA  1 
ATOM 799 C C   . ARG A 1 150 ? -9.760  2.890   9.365   1.00 119.83 ? 185 ARG A C   1 
ATOM 800 O O   . ARG A 1 150 ? -9.777  3.540   10.412  1.00 121.75 ? 185 ARG A O   1 
ATOM 801 C CB  . ARG A 1 150 ? -7.972  2.386   7.678   1.00 93.01  ? 185 ARG A CB  1 
ATOM 802 C CG  . ARG A 1 150 ? -6.776  3.318   7.780   1.00 101.06 ? 185 ARG A CG  1 
ATOM 803 C CD  . ARG A 1 150 ? -6.052  3.424   6.446   1.00 94.74  ? 185 ARG A CD  1 
ATOM 804 N NE  . ARG A 1 150 ? -6.897  4.006   5.409   1.00 99.03  ? 185 ARG A NE  1 
ATOM 805 C CZ  . ARG A 1 150 ? -6.817  5.269   5.003   1.00 86.05  ? 185 ARG A CZ  1 
ATOM 806 N NH1 . ARG A 1 150 ? -5.919  6.084   5.541   1.00 89.69  ? 185 ARG A NH1 1 
ATOM 807 N NH2 . ARG A 1 150 ? -7.628  5.716   4.056   1.00 104.53 ? 185 ARG A NH2 1 
# 
loop_
_atom_site_anisotrop.id 
_atom_site_anisotrop.type_symbol 
_atom_site_anisotrop.pdbx_label_atom_id 
_atom_site_anisotrop.pdbx_label_alt_id 
_atom_site_anisotrop.pdbx_label_comp_id 
_atom_site_anisotrop.pdbx_label_asym_id 
_atom_site_anisotrop.pdbx_label_seq_id 
_atom_site_anisotrop.pdbx_PDB_ins_code 
_atom_site_anisotrop.U[1][1] 
_atom_site_anisotrop.U[2][2] 
_atom_site_anisotrop.U[3][3] 
_atom_site_anisotrop.U[1][2] 
_atom_site_anisotrop.U[1][3] 
_atom_site_anisotrop.U[2][3] 
_atom_site_anisotrop.pdbx_auth_seq_id 
_atom_site_anisotrop.pdbx_auth_comp_id 
_atom_site_anisotrop.pdbx_auth_asym_id 
_atom_site_anisotrop.pdbx_auth_atom_id 
1   N N   . GLU A 1   ? 1.5028 1.7107 2.0967 0.0538  0.3098  0.1897  36  GLU A N   
2   C CA  . GLU A 1   ? 1.5439 1.8155 2.1583 0.0669  0.3326  0.2116  36  GLU A CA  
3   C C   . GLU A 1   ? 1.4325 1.6679 2.1063 0.0977  0.3254  0.2205  36  GLU A C   
4   O O   . GLU A 1   ? 1.5593 1.8280 2.2696 0.1102  0.3470  0.2264  36  GLU A O   
5   C CB  . GLU A 1   ? 1.6831 2.0196 2.2525 0.0633  0.3379  0.2491  36  GLU A CB  
6   C CG  . GLU A 1   ? 1.8094 2.2029 2.3214 0.0277  0.3452  0.2470  36  GLU A CG  
7   C CD  . GLU A 1   ? 1.8941 2.3647 2.3768 0.0275  0.3512  0.2935  36  GLU A CD  
8   O OE1 . GLU A 1   ? 1.9070 2.3768 2.4130 0.0577  0.3548  0.3256  36  GLU A OE1 
9   O OE2 . GLU A 1   ? 1.9740 2.5057 2.4116 -0.0041 0.3544  0.3000  36  GLU A OE2 
10  N N   . THR A 2   ? 1.2899 1.4574 1.9693 0.1063  0.2945  0.2220  37  THR A N   
11  C CA  . THR A 2   ? 1.0700 1.2004 1.7973 0.1271  0.2831  0.2309  37  THR A CA  
12  C C   . THR A 2   ? 1.1443 1.2635 1.9433 0.1347  0.2885  0.2100  37  THR A C   
13  O O   . THR A 2   ? 1.1330 1.2400 1.9454 0.1252  0.2925  0.1856  37  THR A O   
14  C CB  . THR A 2   ? 1.1284 1.1874 1.8378 0.1257  0.2456  0.2358  37  THR A CB  
15  O OG1 . THR A 2   ? 1.2956 1.3111 2.0175 0.1165  0.2239  0.2133  37  THR A OG1 
16  C CG2 . THR A 2   ? 0.9547 1.0184 1.5939 0.1183  0.2451  0.2556  37  THR A CG2 
17  N N   . GLY A 3   ? 1.3667 1.4867 2.2132 0.1515  0.2927  0.2203  38  GLY A N   
18  C CA  . GLY A 3   ? 1.1520 1.2664 2.0749 0.1609  0.3000  0.2055  38  GLY A CA  
19  C C   . GLY A 3   ? 1.2686 1.3865 2.2352 0.1764  0.3035  0.2205  38  GLY A C   
20  O O   . GLY A 3   ? 1.2312 1.3827 2.1730 0.1823  0.3250  0.2381  38  GLY A O   
21  N N   . CYS A 4   ? 1.3148 1.3994 2.3488 0.1824  0.2835  0.2166  39  CYS A N   
22  C CA  . CYS A 4   ? 1.2382 1.3251 2.3191 0.1924  0.2861  0.2280  39  CYS A CA  
23  C C   . CYS A 4   ? 1.1951 1.3216 2.3368 0.2040  0.3225  0.2167  39  CYS A C   
24  O O   . CYS A 4   ? 1.0983 1.2350 2.2602 0.2030  0.3395  0.1978  39  CYS A O   
25  C CB  . CYS A 4   ? 1.1430 1.1820 2.2682 0.1879  0.2423  0.2343  39  CYS A CB  
26  S SG  . CYS A 4   ? 1.4593 1.4421 2.5091 0.1696  0.1982  0.2467  39  CYS A SG  
27  N N   . LEU A 5   ? 1.3224 1.4655 2.4895 0.2131  0.3383  0.2275  40  LEU A N   
28  C CA  . LEU A 5   ? 1.1580 1.3309 2.3921 0.2244  0.3697  0.2181  40  LEU A CA  
29  C C   . LEU A 5   ? 1.1960 1.3449 2.5203 0.2280  0.3514  0.2098  40  LEU A C   
30  O O   . LEU A 5   ? 1.3346 1.5030 2.7208 0.2373  0.3805  0.1987  40  LEU A O   
31  C CB  . LEU A 5   ? 1.0345 1.2261 2.2732 0.2329  0.3908  0.2334  40  LEU A CB  
32  C CG  . LEU A 5   ? 0.9400 1.1656 2.1036 0.2348  0.4186  0.2484  40  LEU A CG  
33  C CD1 . LEU A 5   ? 0.9647 1.1872 2.1239 0.2428  0.4345  0.2688  40  LEU A CD1 
34  C CD2 . LEU A 5   ? 0.9856 1.2664 2.1444 0.2367  0.4568  0.2392  40  LEU A CD2 
35  N N   . ASN A 6   ? 1.3328 1.4419 2.6681 0.2207  0.3054  0.2181  41  ASN A N   
36  C CA  . ASN A 6   ? 1.3315 1.4222 2.7516 0.2245  0.2855  0.2166  41  ASN A CA  
37  C C   . ASN A 6   ? 1.2215 1.3047 2.6312 0.2253  0.3040  0.1973  41  ASN A C   
38  O O   . ASN A 6   ? 1.2094 1.3088 2.5499 0.2192  0.3320  0.1833  41  ASN A O   
39  C CB  . ASN A 6   ? 1.2848 1.3395 2.7105 0.2126  0.2282  0.2365  41  ASN A CB  
40  C CG  . ASN A 6   ? 1.3960 1.4573 2.8952 0.2107  0.2090  0.2534  41  ASN A CG  
41  O OD1 . ASN A 6   ? 1.4288 1.5184 3.0029 0.2235  0.2359  0.2502  41  ASN A OD1 
42  N ND2 . ASN A 6   ? 1.4748 1.5085 2.9500 0.1908  0.1624  0.2714  41  ASN A ND2 
43  N N   . GLY A 7   ? 1.4286 1.4876 2.9078 0.2305  0.2898  0.1985  42  GLY A N   
44  C CA  . GLY A 7   ? 1.8905 1.9299 3.3591 0.2294  0.3117  0.1795  42  GLY A CA  
45  C C   . GLY A 7   ? 2.0856 2.0934 3.4786 0.2157  0.2799  0.1811  42  GLY A C   
46  O O   . GLY A 7   ? 2.1979 2.1993 3.5291 0.2055  0.3027  0.1611  42  GLY A O   
47  N N   . ASN A 8   ? 2.0513 2.0381 3.4441 0.2113  0.2265  0.2046  43  ASN A N   
48  C CA  . ASN A 8   ? 1.9023 1.8526 3.2315 0.1985  0.1916  0.2095  43  ASN A CA  
49  C C   . ASN A 8   ? 1.7407 1.6969 2.9612 0.1845  0.1883  0.2082  43  ASN A C   
50  O O   . ASN A 8   ? 1.6369 1.6177 2.8419 0.1850  0.1966  0.2150  43  ASN A O   
51  C CB  . ASN A 8   ? 1.8456 1.7702 3.2231 0.1963  0.1361  0.2377  43  ASN A CB  
52  C CG  . ASN A 8   ? 1.7547 1.7005 3.1734 0.1946  0.1181  0.2562  43  ASN A CG  
53  O OD1 . ASN A 8   ? 1.8839 1.8584 3.2889 0.1974  0.1479  0.2477  43  ASN A OD1 
54  N ND2 . ASN A 8   ? 1.5045 1.4374 2.9731 0.1875  0.0692  0.2832  43  ASN A ND2 
55  N N   . PRO A 9   ? 1.6245 1.5575 2.7741 0.1730  0.1803  0.2014  44  PRO A N   
56  C CA  . PRO A 9   ? 1.4337 1.3691 2.4853 0.1605  0.1753  0.2056  44  PRO A CA  
57  C C   . PRO A 9   ? 1.3292 1.2373 2.3645 0.1539  0.1366  0.2279  44  PRO A C   
58  O O   . PRO A 9   ? 1.3907 1.2775 2.4833 0.1536  0.1041  0.2405  44  PRO A O   
59  C CB  . PRO A 9   ? 1.4834 1.3920 2.4809 0.1489  0.1695  0.1942  44  PRO A CB  
60  C CG  . PRO A 9   ? 1.5596 1.4642 2.6145 0.1550  0.1936  0.1759  44  PRO A CG  
61  C CD  . PRO A 9   ? 1.5311 1.4355 2.6889 0.1716  0.1849  0.1880  44  PRO A CD  
62  N N   . PRO A 10  ? 1.3331 1.2403 2.2906 0.1459  0.1406  0.2355  45  PRO A N   
63  C CA  . PRO A 10  ? 1.3165 1.1864 2.2462 0.1343  0.1116  0.2534  45  PRO A CA  
64  C C   . PRO A 10  ? 1.2813 1.0963 2.1942 0.1186  0.0629  0.2602  45  PRO A C   
65  O O   . PRO A 10  ? 1.2762 1.0788 2.1842 0.1186  0.0541  0.2522  45  PRO A O   
66  C CB  . PRO A 10  ? 1.4166 1.2943 2.2646 0.1319  0.1386  0.2594  45  PRO A CB  
67  C CG  . PRO A 10  ? 1.3227 1.2358 2.1449 0.1360  0.1626  0.2476  45  PRO A CG  
68  C CD  . PRO A 10  ? 1.2540 1.1969 2.1483 0.1457  0.1757  0.2309  45  PRO A CD  
69  N N   . LYS A 11  ? 0.8865 1.5360 2.3421 -0.0071 0.3366  -0.1508 46  LYS A N   
70  C CA  . LYS A 11  ? 0.9809 1.5021 2.4409 0.0000  0.3731  -0.1146 46  LYS A CA  
71  C C   . LYS A 11  ? 0.9233 1.3298 2.3139 -0.0222 0.3870  -0.0797 46  LYS A C   
72  O O   . LYS A 11  ? 0.9395 1.3689 2.2592 -0.0396 0.3545  -0.0453 46  LYS A O   
73  C CB  . LYS A 11  ? 0.7952 1.3172 2.1946 0.0147  0.3403  -0.0529 46  LYS A CB  
74  C CG  . LYS A 11  ? 0.7790 1.4142 2.2403 0.0417  0.3264  -0.0816 46  LYS A CG  
75  C CD  . LYS A 11  ? 0.6909 1.3265 2.0901 0.0564  0.2955  -0.0163 46  LYS A CD  
76  C CE  . LYS A 11  ? 0.7893 1.5404 2.2496 0.0877  0.2834  -0.0444 46  LYS A CE  
77  N NZ  . LYS A 11  ? 0.9637 1.7221 2.3664 0.1035  0.2543  0.0200  46  LYS A NZ  
78  N N   . ARG A 12  ? 1.2040 1.4859 2.6122 -0.0209 0.4350  -0.0877 47  ARG A N   
79  C CA  . ARG A 12  ? 1.4143 1.5823 2.7601 -0.0380 0.4536  -0.0557 47  ARG A CA  
80  C C   . ARG A 12  ? 1.4672 1.5351 2.7044 -0.0353 0.4357  0.0257  47  ARG A C   
81  O O   . ARG A 12  ? 1.5121 1.5396 2.7442 -0.0172 0.4379  0.0495  47  ARG A O   
82  C CB  . ARG A 12  ? 1.4435 1.5218 2.8531 -0.0385 0.5128  -0.0945 47  ARG A CB  
83  C CG  . ARG A 12  ? 1.4208 1.5780 2.9175 -0.0507 0.5316  -0.1673 47  ARG A CG  
84  C CD  . ARG A 12  ? 1.4572 1.5383 3.0183 -0.0500 0.5791  -0.2125 47  ARG A CD  
85  N NE  . ARG A 12  ? 1.4635 1.5726 3.0255 -0.0671 0.5705  -0.2678 47  ARG A NE  
86  C CZ  . ARG A 12  ? 1.6053 1.6796 3.2182 -0.0749 0.5940  -0.3180 47  ARG A CZ  
87  N NH1 . ARG A 12  ? 1.6840 1.6916 3.3492 -0.0675 0.6273  -0.3218 47  ARG A NH1 
88  N NH2 . ARG A 12  ? 1.6323 1.7391 3.2432 -0.0912 0.5834  -0.3622 47  ARG A NH2 
89  N N   . LEU A 13  ? 1.4844 1.5115 2.6322 -0.0521 0.4176  0.0679  48  LEU A N   
90  C CA  . LEU A 13  ? 1.4422 1.3726 2.4782 -0.0524 0.3970  0.1457  48  LEU A CA  
91  C C   . LEU A 13  ? 1.6294 1.4004 2.6404 -0.0481 0.4426  0.1669  48  LEU A C   
92  O O   . LEU A 13  ? 1.7021 1.4377 2.7910 -0.0416 0.4903  0.1246  48  LEU A O   
93  C CB  . LEU A 13  ? 1.3013 1.2553 2.2433 -0.0718 0.3529  0.1833  48  LEU A CB  
94  C CG  . LEU A 13  ? 1.3655 1.4766 2.3228 -0.0795 0.3060  0.1674  48  LEU A CG  
95  C CD1 . LEU A 13  ? 1.3637 1.4700 2.2104 -0.0993 0.2614  0.2167  48  LEU A CD1 
96  C CD2 . LEU A 13  ? 1.4921 1.6766 2.4784 -0.0646 0.2830  0.1754  48  LEU A CD2 
97  N N   . LEU A 33  ? 1.5806 1.9533 1.9087 -0.2282 -0.0769 0.4535  68  LEU A N   
98  C CA  . LEU A 33  ? 1.4077 1.8948 1.8718 -0.2089 -0.0504 0.3969  68  LEU A CA  
99  C C   . LEU A 33  ? 1.3625 1.8966 1.9103 -0.1987 -0.0120 0.3241  68  LEU A C   
100 O O   . LEU A 33  ? 1.2229 1.7844 1.8765 -0.1793 0.0305  0.2713  68  LEU A O   
101 C CB  . LEU A 33  ? 1.2989 1.7153 1.8004 -0.1888 -0.0162 0.4012  68  LEU A CB  
102 C CG  . LEU A 33  ? 1.4076 1.6776 1.9084 -0.1753 0.0378  0.3900  68  LEU A CG  
103 C CD1 . LEU A 33  ? 1.4167 1.6690 1.9957 -0.1520 0.0744  0.3729  68  LEU A CD1 
104 C CD2 . LEU A 33  ? 1.4656 1.5855 1.8323 -0.1871 0.0237  0.4539  68  LEU A CD2 
105 N N   . CYS A 34  ? 1.3848 1.9278 1.8821 -0.2122 -0.0285 0.3223  69  CYS A N   
106 C CA  . CYS A 34  ? 1.0801 1.6612 1.6409 -0.2042 0.0050  0.2592  69  CYS A CA  
107 C C   . CYS A 34  ? 1.1347 1.6018 1.7246 -0.1892 0.0639  0.2350  69  CYS A C   
108 O O   . CYS A 34  ? 1.1276 1.6377 1.8089 -0.1787 0.1028  0.1728  69  CYS A O   
109 C CB  . CYS A 34  ? 0.9104 1.6605 1.5943 -0.1955 0.0084  0.1978  69  CYS A CB  
110 S SG  . CYS A 34  ? 0.9857 1.8915 1.6460 -0.2125 -0.0560 0.2151  69  CYS A SG  
111 N N   . GLY A 35  ? 1.2666 1.6654 1.6567 -0.0593 -0.0375 0.2548  70  GLY A N   
112 C CA  . GLY A 35  ? 1.1799 1.6024 1.5503 -0.0560 -0.0365 0.2864  70  GLY A CA  
113 C C   . GLY A 35  ? 1.1756 1.6008 1.4862 -0.0554 -0.0242 0.2706  70  GLY A C   
114 O O   . GLY A 35  ? 1.4070 1.8476 1.7127 -0.0547 -0.0146 0.2967  70  GLY A O   
115 N N   . GLY A 36  ? 1.1674 1.5793 1.4374 -0.0552 -0.0236 0.2311  71  GLY A N   
116 C CA  . GLY A 36  ? 1.1536 1.5689 1.3725 -0.0516 -0.0105 0.2158  71  GLY A CA  
117 C C   . GLY A 36  ? 1.1492 1.5427 1.3929 -0.0576 0.0134  0.2136  71  GLY A C   
118 O O   . GLY A 36  ? 1.0933 1.4990 1.3077 -0.0552 0.0248  0.2125  71  GLY A O   
119 N N   . PHE A 37  ? 1.1827 1.5458 1.4798 -0.0651 0.0208  0.2121  72  PHE A N   
120 C CA  . PHE A 37  ? 1.1422 1.4793 1.4613 -0.0729 0.0401  0.2053  72  PHE A CA  
121 C C   . PHE A 37  ? 1.0800 1.4113 1.4500 -0.0787 0.0457  0.2369  72  PHE A C   
122 O O   . PHE A 37  ? 1.0282 1.3565 1.4042 -0.0863 0.0560  0.2447  72  PHE A O   
123 C CB  . PHE A 37  ? 1.0549 1.3540 1.3871 -0.0763 0.0478  0.1724  72  PHE A CB  
124 C CG  . PHE A 37  ? 1.0441 1.3419 1.3349 -0.0723 0.0423  0.1434  72  PHE A CG  
125 C CD1 . PHE A 37  ? 0.8711 1.1762 1.1160 -0.0689 0.0462  0.1293  72  PHE A CD1 
126 C CD2 . PHE A 37  ? 1.0094 1.2988 1.3131 -0.0716 0.0333  0.1320  72  PHE A CD2 
127 C CE1 . PHE A 37  ? 0.9658 1.2633 1.1757 -0.0641 0.0413  0.1031  72  PHE A CE1 
128 C CE2 . PHE A 37  ? 0.8978 1.1809 1.1681 -0.0701 0.0272  0.1065  72  PHE A CE2 
129 C CZ  . PHE A 37  ? 0.9128 1.1967 1.1349 -0.0658 0.0312  0.0913  72  PHE A CZ  
130 N N   . TYR A 38  ? 1.0767 1.4058 1.4879 -0.0757 0.0380  0.2568  73  TYR A N   
131 C CA  . TYR A 38  ? 1.0849 1.4026 1.5509 -0.0790 0.0428  0.2887  73  TYR A CA  
132 C C   . TYR A 38  ? 1.1254 1.4778 1.6042 -0.0714 0.0258  0.3295  73  TYR A C   
133 O O   . TYR A 38  ? 1.1515 1.4992 1.6710 -0.0656 0.0183  0.3393  73  TYR A O   
134 C CB  . TYR A 38  ? 0.8755 1.1466 1.3902 -0.0802 0.0545  0.2709  73  TYR A CB  
135 C CG  . TYR A 38  ? 0.8320 1.0733 1.3233 -0.0856 0.0680  0.2272  73  TYR A CG  
136 C CD1 . TYR A 38  ? 0.7419 0.9658 1.2230 -0.0967 0.0780  0.2172  73  TYR A CD1 
137 C CD2 . TYR A 38  ? 0.7508 0.9838 1.2318 -0.0810 0.0693  0.1990  73  TYR A CD2 
138 C CE1 . TYR A 38  ? 0.8032 1.0034 1.2596 -0.1014 0.0878  0.1797  73  TYR A CE1 
139 C CE2 . TYR A 38  ? 0.8011 1.0090 1.2584 -0.0854 0.0819  0.1637  73  TYR A CE2 
140 C CZ  . TYR A 38  ? 0.9279 1.1198 1.3704 -0.0949 0.0905  0.1539  73  TYR A CZ  
141 O OH  . TYR A 38  ? 0.7482 0.9186 1.1641 -0.0990 0.1005  0.1212  73  TYR A OH  
142 N N   . PRO A 39  ? 0.9617 1.3534 1.4068 -0.0702 0.0199  0.3563  74  PRO A N   
143 C CA  . PRO A 39  ? 0.9894 1.4204 1.4317 -0.0622 0.0011  0.3947  74  PRO A CA  
144 C C   . PRO A 39  ? 1.0983 1.5260 1.6033 -0.0626 0.0013  0.4432  74  PRO A C   
145 O O   . PRO A 39  ? 1.1611 1.6035 1.6928 -0.0550 -0.0148 0.4686  74  PRO A O   
146 C CB  . PRO A 39  ? 1.0335 1.5069 1.4086 -0.0592 0.0002  0.4025  74  PRO A CB  
147 C CG  . PRO A 39  ? 0.8319 1.2902 1.2075 -0.0680 0.0217  0.3921  74  PRO A CG  
148 C CD  . PRO A 39  ? 0.8062 1.2139 1.2081 -0.0743 0.0301  0.3511  74  PRO A CD  
149 N N   . ARG A 40  ? 1.1814 1.5898 1.7140 -0.0719 0.0176  0.4582  75  ARG A N   
150 C CA  . ARG A 40  ? 1.1628 1.5673 1.7538 -0.0728 0.0174  0.5093  75  ARG A CA  
151 C C   . ARG A 40  ? 1.1904 1.5429 1.8527 -0.0708 0.0227  0.5019  75  ARG A C   
152 O O   . ARG A 40  ? 1.5295 1.8858 2.2378 -0.0615 0.0134  0.5369  75  ARG A O   
153 C CB  . ARG A 40  ? 1.0850 1.4912 1.6812 -0.0860 0.0310  0.5322  75  ARG A CB  
154 C CG  . ARG A 40  ? 1.3102 1.7740 1.8410 -0.0844 0.0305  0.5453  75  ARG A CG  
155 C CD  . ARG A 40  ? 1.5138 2.0079 2.0649 -0.0894 0.0344  0.6077  75  ARG A CD  
156 N NE  . ARG A 40  ? 1.6119 2.1639 2.0991 -0.0857 0.0395  0.6191  75  ARG A NE  
157 C CZ  . ARG A 40  ? 1.6162 2.2175 2.0452 -0.0709 0.0284  0.6331  75  ARG A CZ  
158 N NH1 . ARG A 40  ? 1.6443 2.2473 2.0749 -0.0609 0.0077  0.6394  75  ARG A NH1 
159 N NH2 . ARG A 40  ? 1.6309 2.2817 2.0001 -0.0653 0.0376  0.6401  75  ARG A NH2 
160 N N   . LEU A 41  ? 0.9085 1.2132 1.5799 -0.0776 0.0381  0.4578  76  LEU A N   
161 C CA  . LEU A 41  ? 1.0692 1.3233 1.7985 -0.0724 0.0472  0.4422  76  LEU A CA  
162 C C   . LEU A 41  ? 1.1959 1.4314 1.8983 -0.0709 0.0548  0.3863  76  LEU A C   
163 O O   . LEU A 41  ? 1.2786 1.5183 1.9283 -0.0793 0.0585  0.3557  76  LEU A O   
164 C CB  . LEU A 41  ? 1.0250 1.2267 1.8011 -0.0829 0.0615  0.4476  76  LEU A CB  
165 C CG  . LEU A 41  ? 0.8980 1.0589 1.6541 -0.0977 0.0757  0.4004  76  LEU A CG  
166 C CD1 . LEU A 41  ? 0.8793 0.9799 1.6918 -0.1066 0.0857  0.4038  76  LEU A CD1 
167 C CD2 . LEU A 41  ? 1.3394 1.5378 2.0401 -0.1108 0.0724  0.3989  76  LEU A CD2 
168 N N   . SER A 42  ? 1.1986 1.4164 1.9408 -0.0589 0.0582  0.3765  77  SER A N   
169 C CA  . SER A 42  ? 1.1956 1.4004 1.9192 -0.0564 0.0668  0.3302  77  SER A CA  
170 C C   . SER A 42  ? 1.1888 1.3620 1.9765 -0.0430 0.0802  0.3258  77  SER A C   
171 O O   . SER A 42  ? 1.2720 1.4308 2.1175 -0.0349 0.0818  0.3565  77  SER A O   
172 C CB  . SER A 42  ? 1.0354 1.2876 1.7162 -0.0541 0.0487  0.3255  77  SER A CB  
173 O OG  . SER A 42  ? 1.1386 1.4206 1.8576 -0.0432 0.0321  0.3565  77  SER A OG  
174 N N   . CYS A 43  ? 1.0228 1.1859 1.8016 -0.0394 0.0916  0.2888  78  CYS A N   
175 C CA  . CYS A 43  ? 1.1047 1.2479 1.9410 -0.0238 0.1077  0.2823  78  CYS A CA  
176 C C   . CYS A 43  ? 1.1273 1.3162 1.9804 -0.0159 0.0945  0.2915  78  CYS A C   
177 O O   . CYS A 43  ? 1.1346 1.3165 2.0220 -0.0056 0.1105  0.2767  78  CYS A O   
178 C CB  . CYS A 43  ? 1.1070 1.2029 1.9253 -0.0254 0.1351  0.2347  78  CYS A CB  
179 S SG  . CYS A 43  ? 1.1300 1.1665 1.9355 -0.0371 0.1476  0.2186  78  CYS A SG  
180 N N   . CYS A 44  ? 1.1793 1.4161 2.0081 -0.0212 0.0657  0.3152  79  CYS A N   
181 C CA  . CYS A 44  ? 1.1746 1.4553 2.0130 -0.0188 0.0468  0.3208  79  CYS A CA  
182 C C   . CYS A 44  ? 1.2680 1.5953 2.1204 -0.0159 0.0151  0.3665  79  CYS A C   
183 O O   . CYS A 44  ? 1.3066 1.6495 2.1115 -0.0230 0.0003  0.3808  79  CYS A O   
184 C CB  . CYS A 44  ? 1.0704 1.3595 1.8400 -0.0318 0.0409  0.2862  79  CYS A CB  
185 S SG  . CYS A 44  ? 1.0564 1.3002 1.8072 -0.0347 0.0749  0.2366  79  CYS A SG  
186 N N   . ASN A 64  ? 1.6298 1.7142 1.9026 -0.1327 -0.0563 -0.0529 99  ASN A N   
187 C CA  . ASN A 64  ? 1.6251 1.6683 1.8563 -0.1279 -0.0611 -0.0756 99  ASN A CA  
188 C C   . ASN A 64  ? 1.6172 1.6610 1.7818 -0.1089 -0.0678 -0.0932 99  ASN A C   
189 O O   . ASN A 64  ? 1.3325 1.4078 1.4818 -0.0982 -0.0593 -0.0828 99  ASN A O   
190 C CB  . ASN A 64  ? 1.5889 1.6103 1.8222 -0.1232 -0.0313 -0.0690 99  ASN A CB  
191 C CG  . ASN A 64  ? 1.5068 1.5286 1.8007 -0.1402 -0.0199 -0.0504 99  ASN A CG  
192 O OD1 . ASN A 64  ? 1.5272 1.5260 1.8471 -0.1550 -0.0326 -0.0529 99  ASN A OD1 
193 N ND2 . ASN A 64  ? 1.2923 1.3394 1.6095 -0.1378 0.0052  -0.0317 99  ASN A ND2 
194 N N   . ASN A 65  ? 1.8379 1.8456 1.9650 -0.1041 -0.0817 -0.1189 100 ASN A N   
195 C CA  . ASN A 65  ? 1.7872 1.7919 1.8489 -0.0815 -0.0815 -0.1374 100 ASN A CA  
196 C C   . ASN A 65  ? 1.5575 1.5498 1.5998 -0.0632 -0.0527 -0.1352 100 ASN A C   
197 O O   . ASN A 65  ? 1.6338 1.6204 1.6275 -0.0421 -0.0488 -0.1504 100 ASN A O   
198 C CB  . ASN A 65  ? 1.9754 1.9443 2.0025 -0.0821 -0.1100 -0.1705 100 ASN A CB  
199 C CG  . ASN A 65  ? 2.0824 2.0647 2.0409 -0.0605 -0.1154 -0.1885 100 ASN A CG  
200 O OD1 . ASN A 65  ? 2.0100 1.9960 1.9428 -0.0654 -0.1436 -0.2047 100 ASN A OD1 
201 N ND2 . ASN A 65  ? 2.2206 2.2137 2.1495 -0.0367 -0.0885 -0.1842 100 ASN A ND2 
202 N N   . THR A 66  ? 1.2484 1.2393 1.3270 -0.0698 -0.0325 -0.1162 101 THR A N   
203 C CA  . THR A 66  ? 1.0565 1.0409 1.1201 -0.0548 -0.0083 -0.1103 101 THR A CA  
204 C C   . THR A 66  ? 1.1061 1.1330 1.1612 -0.0462 0.0079  -0.0947 101 THR A C   
205 O O   . THR A 66  ? 1.2327 1.2898 1.3034 -0.0537 0.0044  -0.0841 101 THR A O   
206 C CB  . THR A 66  ? 1.1521 1.1164 1.2521 -0.0667 0.0046  -0.0962 101 THR A CB  
207 O OG1 . THR A 66  ? 1.2035 1.1948 1.3437 -0.0819 0.0122  -0.0771 101 THR A OG1 
208 C CG2 . THR A 66  ? 1.0972 1.0172 1.2124 -0.0777 -0.0115 -0.1078 101 THR A CG2 
209 N N   . GLU A 67  ? 0.9163 0.9451 0.9506 -0.0306 0.0246  -0.0918 102 GLU A N   
210 C CA  . GLU A 67  ? 0.9699 1.0365 1.0029 -0.0262 0.0392  -0.0759 102 GLU A CA  
211 C C   . GLU A 67  ? 0.9293 1.0047 0.9992 -0.0431 0.0490  -0.0595 102 GLU A C   
212 O O   . GLU A 67  ? 1.0156 1.1187 1.0971 -0.0472 0.0527  -0.0484 102 GLU A O   
213 C CB  . GLU A 67  ? 0.9774 1.0458 0.9885 -0.0087 0.0524  -0.0745 102 GLU A CB  
214 C CG  . GLU A 67  ? 0.9063 0.9673 0.8814 0.0135  0.0481  -0.0913 102 GLU A CG  
215 C CD  . GLU A 67  ? 1.2241 1.3224 1.1777 0.0223  0.0463  -0.0910 102 GLU A CD  
216 O OE1 . GLU A 67  ? 1.3320 1.4680 1.2910 0.0243  0.0577  -0.0734 102 GLU A OE1 
217 O OE2 . GLU A 67  ? 1.2949 1.3852 1.2259 0.0259  0.0325  -0.1074 102 GLU A OE2 
218 N N   . CYS A 68  ? 0.9262 0.9770 1.0154 -0.0520 0.0546  -0.0570 103 CYS A N   
219 C CA  . CYS A 68  ? 0.8906 0.9482 1.0123 -0.0657 0.0668  -0.0439 103 CYS A CA  
220 C C   . CYS A 68  ? 0.8818 0.9545 1.0353 -0.0763 0.0575  -0.0402 103 CYS A C   
221 O O   . CYS A 68  ? 0.8266 0.9158 1.0029 -0.0814 0.0681  -0.0297 103 CYS A O   
222 C CB  . CYS A 68  ? 0.8376 0.8687 0.9731 -0.0726 0.0753  -0.0395 103 CYS A CB  
223 S SG  . CYS A 68  ? 0.9743 1.0150 1.1475 -0.0865 0.0950  -0.0248 103 CYS A SG  
224 N N   . GLY A 69  ? 0.9173 0.9836 1.0730 -0.0793 0.0366  -0.0492 104 GLY A N   
225 C CA  . GLY A 69  ? 0.9387 1.0251 1.1253 -0.0889 0.0234  -0.0429 104 GLY A CA  
226 C C   . GLY A 69  ? 1.0598 1.1774 1.2358 -0.0818 0.0227  -0.0351 104 GLY A C   
227 O O   . GLY A 69  ? 0.9593 1.0960 1.1697 -0.0873 0.0257  -0.0207 104 GLY A O   
228 N N   . LYS A 70  ? 1.0012 1.1246 1.1332 -0.0684 0.0203  -0.0422 105 LYS A N   
229 C CA  . LYS A 70  ? 0.9915 1.1466 1.1150 -0.0624 0.0222  -0.0300 105 LYS A CA  
230 C C   . LYS A 70  ? 0.9525 1.1148 1.0986 -0.0657 0.0426  -0.0160 105 LYS A C   
231 O O   . LYS A 70  ? 0.9533 1.1343 1.1229 -0.0691 0.0438  -0.0009 105 LYS A O   
232 C CB  . LYS A 70  ? 0.9270 1.0898 1.0011 -0.0461 0.0212  -0.0385 105 LYS A CB  
233 C CG  . LYS A 70  ? 1.0870 1.2341 1.1285 -0.0399 0.0027  -0.0595 105 LYS A CG  
234 C CD  . LYS A 70  ? 1.3024 1.4587 1.2945 -0.0190 0.0078  -0.0685 105 LYS A CD  
235 C CE  . LYS A 70  ? 1.5024 1.6346 1.4558 -0.0107 -0.0093 -0.0956 105 LYS A CE  
236 N NZ  . LYS A 70  ? 1.6627 1.8056 1.5667 0.0141  0.0000  -0.1053 105 LYS A NZ  
237 N N   . LEU A 71  ? 0.9574 1.1031 1.0962 -0.0648 0.0576  -0.0210 106 LEU A N   
238 C CA  . LEU A 71  ? 0.9385 1.0860 1.0931 -0.0697 0.0747  -0.0129 106 LEU A CA  
239 C C   . LEU A 71  ? 0.8797 1.0228 1.0770 -0.0792 0.0806  -0.0067 106 LEU A C   
240 O O   . LEU A 71  ? 0.8269 0.9753 1.0436 -0.0819 0.0902  0.0010  106 LEU A O   
241 C CB  . LEU A 71  ? 0.7841 0.9160 0.9186 -0.0675 0.0864  -0.0194 106 LEU A CB  
242 C CG  . LEU A 71  ? 0.8183 0.9603 0.9192 -0.0561 0.0847  -0.0216 106 LEU A CG  
243 C CD1 . LEU A 71  ? 0.7877 0.9190 0.8758 -0.0556 0.0950  -0.0229 106 LEU A CD1 
244 C CD2 . LEU A 71  ? 0.8148 0.9863 0.9161 -0.0547 0.0840  -0.0113 106 LEU A CD2 
245 N N   . LEU A 72  ? 0.8519 0.9846 1.0683 -0.0842 0.0753  -0.0095 107 LEU A N   
246 C CA  . LEU A 72  ? 0.8597 0.9946 1.1237 -0.0912 0.0825  -0.0008 107 LEU A CA  
247 C C   . LEU A 72  ? 1.0024 1.1603 1.2944 -0.0911 0.0701  0.0117  107 LEU A C   
248 O O   . LEU A 72  ? 0.8095 0.9727 1.1416 -0.0921 0.0808  0.0220  107 LEU A O   
249 C CB  . LEU A 72  ? 0.7499 0.8733 1.0342 -0.0985 0.0790  -0.0031 107 LEU A CB  
250 C CG  . LEU A 72  ? 0.8661 0.9675 1.1356 -0.0997 0.0962  -0.0075 107 LEU A CG  
251 C CD1 . LEU A 72  ? 0.7400 0.8316 1.0393 -0.1095 0.0923  -0.0043 107 LEU A CD1 
252 C CD2 . LEU A 72  ? 0.7207 0.8215 0.9938 -0.0980 0.1226  -0.0043 107 LEU A CD2 
253 N N   . GLU A 73  ? 0.9897 1.1610 1.2602 -0.0882 0.0486  0.0118  108 GLU A N   
254 C CA  . GLU A 73  ? 0.9700 1.1668 1.2600 -0.0869 0.0362  0.0283  108 GLU A CA  
255 C C   . GLU A 73  ? 1.0167 1.2188 1.3083 -0.0828 0.0506  0.0394  108 GLU A C   
256 O O   . GLU A 73  ? 1.2011 1.4105 1.5331 -0.0832 0.0549  0.0550  108 GLU A O   
257 C CB  . GLU A 73  ? 0.9434 1.1543 1.1974 -0.0836 0.0112  0.0247  108 GLU A CB  
258 C CG  . GLU A 73  ? 1.1501 1.3494 1.3989 -0.0897 -0.0079 0.0094  108 GLU A CG  
259 C CD  . GLU A 73  ? 1.4323 1.6446 1.7355 -0.1004 -0.0223 0.0206  108 GLU A CD  
260 O OE1 . GLU A 73  ? 1.5442 1.7512 1.8941 -0.1056 -0.0060 0.0275  108 GLU A OE1 
261 O OE2 . GLU A 73  ? 1.5346 1.7655 1.8335 -0.1029 -0.0498 0.0236  108 GLU A OE2 
262 N N   . GLU A 74  ? 0.9798 1.1783 1.2324 -0.0790 0.0575  0.0325  109 GLU A N   
263 C CA  . GLU A 74  ? 0.9178 1.1202 1.1747 -0.0790 0.0689  0.0426  109 GLU A CA  
264 C C   . GLU A 74  ? 0.8543 1.0362 1.1452 -0.0835 0.0869  0.0410  109 GLU A C   
265 O O   . GLU A 74  ? 0.8544 1.0374 1.1770 -0.0842 0.0909  0.0542  109 GLU A O   
266 C CB  . GLU A 74  ? 0.7695 0.9731 0.9853 -0.0759 0.0735  0.0346  109 GLU A CB  
267 C CG  . GLU A 74  ? 0.9732 1.1968 1.1523 -0.0671 0.0608  0.0342  109 GLU A CG  
268 C CD  . GLU A 74  ? 1.0127 1.2431 1.1607 -0.0613 0.0683  0.0299  109 GLU A CD  
269 O OE1 . GLU A 74  ? 1.0551 1.3105 1.1795 -0.0523 0.0643  0.0365  109 GLU A OE1 
270 O OE2 . GLU A 74  ? 0.7697 0.9840 0.9172 -0.0650 0.0784  0.0211  109 GLU A OE2 
271 N N   . ILE A 75  ? 0.7882 0.9502 1.0717 -0.0854 0.0990  0.0252  110 ILE A N   
272 C CA  . ILE A 75  ? 0.9598 1.1022 1.2665 -0.0874 0.1192  0.0201  110 ILE A CA  
273 C C   . ILE A 75  ? 1.0701 1.2175 1.4298 -0.0852 0.1216  0.0318  110 ILE A C   
274 O O   . ILE A 75  ? 0.9214 1.0569 1.3095 -0.0829 0.1365  0.0335  110 ILE A O   
275 C CB  . ILE A 75  ? 0.8814 1.0068 1.1642 -0.0888 0.1318  0.0047  110 ILE A CB  
276 C CG1 . ILE A 75  ? 0.8986 1.0217 1.1347 -0.0896 0.1292  -0.0037 110 ILE A CG1 
277 C CG2 . ILE A 75  ? 0.9541 1.0616 1.2554 -0.0887 0.1553  -0.0018 110 ILE A CG2 
278 C CD1 . ILE A 75  ? 0.9595 1.0677 1.1697 -0.0902 0.1398  -0.0145 110 ILE A CD1 
279 N N   . LYS A 76  ? 1.0785 1.2430 1.4543 -0.0855 0.1059  0.0395  111 LYS A N   
280 C CA  . LYS A 76  ? 1.0179 1.1956 1.4508 -0.0833 0.1041  0.0548  111 LYS A CA  
281 C C   . LYS A 76  ? 1.1018 1.2889 1.5586 -0.0788 0.0993  0.0734  111 LYS A C   
282 O O   . LYS A 76  ? 1.0494 1.2343 1.5555 -0.0734 0.1106  0.0837  111 LYS A O   
283 C CB  . LYS A 76  ? 1.1194 1.3168 1.5618 -0.0878 0.0808  0.0597  111 LYS A CB  
284 C CG  . LYS A 76  ? 1.2476 1.4675 1.7551 -0.0870 0.0736  0.0791  111 LYS A CG  
285 C CD  . LYS A 76  ? 1.3769 1.6220 1.8920 -0.0845 0.0491  0.0991  111 LYS A CD  
286 C CE  . LYS A 76  ? 1.3224 1.5907 1.9098 -0.0806 0.0453  0.1230  111 LYS A CE  
287 N NZ  . LYS A 76  ? 1.1201 1.4120 1.7149 -0.0761 0.0244  0.1477  111 LYS A NZ  
288 N N   . CYS A 77  ? 1.0154 1.2133 1.4403 -0.0795 0.0845  0.0797  112 CYS A N   
289 C CA  . CYS A 77  ? 0.9337 1.1421 1.3809 -0.0765 0.0790  0.1029  112 CYS A CA  
290 C C   . CYS A 77  ? 0.9775 1.1593 1.4339 -0.0770 0.0986  0.1000  112 CYS A C   
291 O O   . CYS A 77  ? 1.1401 1.3253 1.6158 -0.0761 0.0951  0.1203  112 CYS A O   
292 C CB  . CYS A 77  ? 0.9046 1.1380 1.3131 -0.0769 0.0591  0.1135  112 CYS A CB  
293 S SG  . CYS A 77  ? 1.1468 1.4134 1.5543 -0.0756 0.0291  0.1244  112 CYS A SG  
294 N N   . ALA A 78  ? 1.0353 1.1897 1.4775 -0.0791 0.1178  0.0759  113 ALA A N   
295 C CA  . ALA A 78  ? 0.9828 1.1078 1.4291 -0.0815 0.1332  0.0680  113 ALA A CA  
296 C C   . ALA A 78  ? 1.0433 1.1523 1.5466 -0.0736 0.1449  0.0778  113 ALA A C   
297 O O   . ALA A 78  ? 1.1481 1.2325 1.6644 -0.0754 0.1516  0.0781  113 ALA A O   
298 C CB  . ALA A 78  ? 0.9331 1.0345 1.3433 -0.0851 0.1490  0.0388  113 ALA A CB  
299 N N   . LEU A 79  ? 1.2053 1.3279 1.7477 -0.0649 0.1470  0.0866  114 LEU A N   
300 C CA  . LEU A 79  ? 1.2085 1.3196 1.8123 -0.0534 0.1596  0.0986  114 LEU A CA  
301 C C   . LEU A 79  ? 1.0461 1.1665 1.6806 -0.0517 0.1440  0.1300  114 LEU A C   
302 O O   . LEU A 79  ? 0.9470 1.0413 1.6216 -0.0447 0.1556  0.1367  114 LEU A O   
303 C CB  . LEU A 79  ? 1.3234 1.4576 1.9688 -0.0449 0.1630  0.1062  114 LEU A CB  
304 C CG  . LEU A 79  ? 1.6958 1.8102 2.3865 -0.0308 0.1938  0.0981  114 LEU A CG  
305 C CD1 . LEU A 79  ? 1.7034 1.7984 2.3533 -0.0331 0.2172  0.0665  114 LEU A CD1 
306 C CD2 . LEU A 79  ? 1.9050 2.0547 2.6639 -0.0207 0.1900  0.1233  114 LEU A CD2 
307 N N   . CYS A 80  ? 0.9211 1.0764 1.5359 -0.0572 0.1188  0.1495  115 CYS A N   
308 C CA  . CYS A 80  ? 0.8599 1.0315 1.4983 -0.0556 0.1031  0.1849  115 CYS A CA  
309 C C   . CYS A 80  ? 1.0563 1.2085 1.6751 -0.0646 0.1054  0.1875  115 CYS A C   
310 O O   . CYS A 80  ? 1.1312 1.2981 1.7667 -0.0651 0.0939  0.2204  115 CYS A O   
311 C CB  . CYS A 80  ? 0.9915 1.2105 1.6079 -0.0573 0.0756  0.2035  115 CYS A CB  
312 S SG  . CYS A 80  ? 1.1196 1.3669 1.7670 -0.0518 0.0642  0.2051  115 CYS A SG  
313 N N   . SER A 81  ? 1.0072 1.1300 1.5933 -0.0728 0.1189  0.1567  116 SER A N   
314 C CA  . SER A 81  ? 1.0035 1.1122 1.5753 -0.0849 0.1181  0.1592  116 SER A CA  
315 C C   . SER A 81  ? 0.9738 1.0458 1.5990 -0.0835 0.1266  0.1716  116 SER A C   
316 O O   . SER A 81  ? 1.0531 1.0938 1.7105 -0.0733 0.1422  0.1581  116 SER A O   
317 C CB  . SER A 81  ? 0.8084 0.8972 1.3334 -0.0947 0.1268  0.1227  116 SER A CB  
318 O OG  . SER A 81  ? 0.7866 0.8618 1.3073 -0.1086 0.1246  0.1249  116 SER A OG  
319 N N   . PRO A 82  ? 0.9826 1.0566 1.6206 -0.0927 0.1181  0.1983  117 PRO A N   
320 C CA  . PRO A 82  ? 1.0009 1.0306 1.6913 -0.0938 0.1256  0.2084  117 PRO A CA  
321 C C   . PRO A 82  ? 1.1529 1.1258 1.8348 -0.1010 0.1411  0.1655  117 PRO A C   
322 O O   . PRO A 82  ? 1.3712 1.2957 2.0958 -0.0961 0.1520  0.1614  117 PRO A O   
323 C CB  . PRO A 82  ? 0.9299 0.9801 1.6265 -0.1072 0.1122  0.2461  117 PRO A CB  
324 C CG  . PRO A 82  ? 0.9878 1.1011 1.6460 -0.1039 0.0983  0.2649  117 PRO A CG  
325 C CD  . PRO A 82  ? 1.0180 1.1369 1.6284 -0.1007 0.1024  0.2243  117 PRO A CD  
326 N N   . HIS A 83  ? 1.1215 1.0973 1.7478 -0.1113 0.1418  0.1333  118 HIS A N   
327 C CA  . HIS A 83  ? 1.0958 1.0229 1.7012 -0.1179 0.1542  0.0897  118 HIS A CA  
328 C C   . HIS A 83  ? 1.0128 0.9373 1.5902 -0.1046 0.1700  0.0582  118 HIS A C   
329 O O   . HIS A 83  ? 1.1978 1.1021 1.7324 -0.1112 0.1770  0.0225  118 HIS A O   
330 C CB  . HIS A 83  ? 1.1056 1.0392 1.6713 -0.1406 0.1425  0.0787  118 HIS A CB  
331 C CG  . HIS A 83  ? 1.0648 1.0046 1.6613 -0.1565 0.1289  0.1115  118 HIS A CG  
332 N ND1 . HIS A 83  ? 1.0571 1.0517 1.6559 -0.1573 0.1171  0.1516  118 HIS A ND1 
333 C CD2 . HIS A 83  ? 1.0295 0.9275 1.6564 -0.1729 0.1258  0.1111  118 HIS A CD2 
334 C CE1 . HIS A 83  ? 1.0765 1.0673 1.7079 -0.1732 0.1093  0.1783  118 HIS A CE1 
335 N NE2 . HIS A 83  ? 1.1227 1.0539 1.7748 -0.1843 0.1130  0.1550  118 HIS A NE2 
336 N N   . SER A 84  ? 0.9292 0.8771 1.5320 -0.0868 0.1748  0.0735  119 SER A N   
337 C CA  . SER A 84  ? 0.8357 0.7895 1.4186 -0.0757 0.1897  0.0505  119 SER A CA  
338 C C   . SER A 84  ? 1.1260 1.0286 1.7107 -0.0677 0.2156  0.0161  119 SER A C   
339 O O   . SER A 84  ? 1.2894 1.1875 1.8333 -0.0663 0.2290  -0.0125 119 SER A O   
340 C CB  . SER A 84  ? 0.9080 0.8990 1.5293 -0.0608 0.1867  0.0775  119 SER A CB  
341 O OG  . SER A 84  ? 1.0612 1.0390 1.7469 -0.0488 0.1903  0.1006  119 SER A OG  
342 N N   . GLN A 85  ? 1.2176 1.0799 1.8480 -0.0611 0.2238  0.0188  120 GLN A N   
343 C CA  . GLN A 85  ? 1.3591 1.1661 1.9866 -0.0517 0.2497  -0.0186 120 GLN A CA  
344 C C   . GLN A 85  ? 1.3938 1.1722 1.9557 -0.0706 0.2471  -0.0568 120 GLN A C   
345 O O   . GLN A 85  ? 1.4989 1.2537 2.0231 -0.0647 0.2671  -0.0935 120 GLN A O   
346 C CB  . GLN A 85  ? 1.4899 1.2528 2.1803 -0.0417 0.2564  -0.0084 120 GLN A CB  
347 C CG  . GLN A 85  ? 1.5945 1.3195 2.3115 -0.0154 0.2900  -0.0317 120 GLN A CG  
348 C CD  . GLN A 85  ? 1.6935 1.3750 2.3489 -0.0176 0.3094  -0.0863 120 GLN A CD  
349 O OE1 . GLN A 85  ? 1.8258 1.4708 2.4428 -0.0380 0.2977  -0.1103 120 GLN A OE1 
350 N NE2 . GLN A 85  ? 1.5652 1.2533 2.2108 0.0028  0.3388  -0.1044 120 GLN A NE2 
351 N N   . SER A 86  ? 1.4840 1.2685 2.0320 -0.0935 0.2223  -0.0468 121 SER A N   
352 C CA  . SER A 86  ? 1.5301 1.2976 2.0201 -0.1140 0.2139  -0.0780 121 SER A CA  
353 C C   . SER A 86  ? 1.4108 1.2259 1.8464 -0.1190 0.2069  -0.0802 121 SER A C   
354 O O   . SER A 86  ? 1.5049 1.3095 1.8872 -0.1307 0.2041  -0.1088 121 SER A O   
355 C CB  . SER A 86  ? 1.5736 1.3306 2.0815 -0.1377 0.1905  -0.0637 121 SER A CB  
356 O OG  . SER A 86  ? 1.7099 1.4534 2.1677 -0.1593 0.1791  -0.0929 121 SER A OG  
357 N N   . LEU A 87  ? 1.2851 1.1502 1.7326 -0.1105 0.2025  -0.0510 122 LEU A N   
358 C CA  . LEU A 87  ? 1.2310 1.1352 1.6308 -0.1136 0.1961  -0.0529 122 LEU A CA  
359 C C   . LEU A 87  ? 1.3302 1.2259 1.7003 -0.1017 0.2184  -0.0780 122 LEU A C   
360 O O   . LEU A 87  ? 1.2848 1.1890 1.6023 -0.1079 0.2168  -0.0934 122 LEU A O   
361 C CB  . LEU A 87  ? 1.1596 1.1136 1.5788 -0.1090 0.1829  -0.0176 122 LEU A CB  
362 C CG  . LEU A 87  ? 1.0605 1.0423 1.4768 -0.1225 0.1603  0.0054  122 LEU A CG  
363 C CD1 . LEU A 87  ? 1.0329 1.0595 1.4640 -0.1143 0.1499  0.0366  122 LEU A CD1 
364 C CD2 . LEU A 87  ? 1.0654 1.0580 1.4298 -0.1352 0.1519  -0.0109 122 LEU A CD2 
365 N N   . PHE A 88  ? 1.3844 1.2665 1.7903 -0.0837 0.2402  -0.0788 123 PHE A N   
366 C CA  . PHE A 88  ? 1.3961 1.2722 1.7808 -0.0707 0.2666  -0.0993 123 PHE A CA  
367 C C   . PHE A 88  ? 1.5775 1.4005 1.9396 -0.0668 0.2875  -0.1367 123 PHE A C   
368 O O   . PHE A 88  ? 1.6377 1.4514 1.9929 -0.0505 0.3166  -0.1524 123 PHE A O   
369 C CB  . PHE A 88  ? 1.1894 1.0895 1.6293 -0.0523 0.2803  -0.0772 123 PHE A CB  
370 C CG  . PHE A 88  ? 1.0939 1.0437 1.5457 -0.0566 0.2595  -0.0472 123 PHE A CG  
371 C CD1 . PHE A 88  ? 1.0375 1.0124 1.4588 -0.0585 0.2610  -0.0484 123 PHE A CD1 
372 C CD2 . PHE A 88  ? 1.1889 1.1580 1.6797 -0.0588 0.2379  -0.0180 123 PHE A CD2 
373 C CE1 . PHE A 88  ? 1.0389 1.0519 1.4688 -0.0628 0.2407  -0.0257 123 PHE A CE1 
374 C CE2 . PHE A 88  ? 1.1318 1.1435 1.6250 -0.0623 0.2180  0.0048  123 PHE A CE2 
375 C CZ  . PHE A 88  ? 1.0056 1.0367 1.4685 -0.0644 0.2189  -0.0015 123 PHE A CZ  
376 N N   . HIS A 89  ? 1.8770 1.6657 2.2274 -0.0816 0.2732  -0.1513 124 HIS A N   
377 C CA  . HIS A 89  ? 2.0440 1.7757 2.3640 -0.0820 0.2869  -0.1928 124 HIS A CA  
378 C C   . HIS A 89  ? 1.9526 1.6506 2.3122 -0.0563 0.3196  -0.2036 124 HIS A C   
379 O O   . HIS A 89  ? 1.9828 1.6238 2.3331 -0.0533 0.3309  -0.2365 124 HIS A O   
380 C CB  . HIS A 89  ? 2.1964 1.9311 2.4366 -0.0874 0.2921  -0.2213 124 HIS A CB  
381 C CG  . HIS A 89  ? 2.3124 1.9974 2.5036 -0.1012 0.2862  -0.2623 124 HIS A CG  
382 N ND1 . HIS A 89  ? 2.3565 1.9870 2.5756 -0.1047 0.2842  -0.2795 124 HIS A ND1 
383 C CD2 . HIS A 89  ? 2.3043 1.9852 2.4203 -0.1136 0.2791  -0.2896 124 HIS A CD2 
384 C CE1 . HIS A 89  ? 2.3500 1.9427 2.5120 -0.1203 0.2751  -0.3190 124 HIS A CE1 
385 N NE2 . HIS A 89  ? 2.3383 1.9634 2.4358 -0.1257 0.2712  -0.3252 124 HIS A NE2 
386 N N   . LEU A 100 ? 1.6802 1.7423 1.9373 -0.0619 0.3632  -0.0276 135 LEU A N   
387 C CA  . LEU A 100 ? 1.5055 1.5614 1.7610 -0.0687 0.3275  -0.0330 135 LEU A CA  
388 C C   . LEU A 100 ? 1.4005 1.4400 1.6612 -0.0626 0.3290  -0.0508 135 LEU A C   
389 O O   . LEU A 100 ? 1.3373 1.3548 1.5519 -0.0602 0.3397  -0.0724 135 LEU A O   
390 C CB  . LEU A 100 ? 1.4833 1.5309 1.6772 -0.0768 0.3076  -0.0379 135 LEU A CB  
391 C CG  . LEU A 100 ? 1.4684 1.5257 1.6616 -0.0835 0.2947  -0.0194 135 LEU A CG  
392 C CD1 . LEU A 100 ? 1.5350 1.5837 1.6639 -0.0861 0.2868  -0.0235 135 LEU A CD1 
393 C CD2 . LEU A 100 ? 1.3951 1.4608 1.6246 -0.0883 0.2649  -0.0119 135 LEU A CD2 
394 N N   . VAL A 101 ? 1.3143 1.3627 1.6313 -0.0608 0.3166  -0.0413 136 VAL A N   
395 C CA  . VAL A 101 ? 1.2970 1.3285 1.6281 -0.0561 0.3138  -0.0522 136 VAL A CA  
396 C C   . VAL A 101 ? 1.1337 1.1707 1.4621 -0.0661 0.2777  -0.0453 136 VAL A C   
397 O O   . VAL A 101 ? 0.9872 1.0465 1.3519 -0.0684 0.2593  -0.0265 136 VAL A O   
398 C CB  . VAL A 101 ? 1.2436 1.2830 1.6449 -0.0428 0.3312  -0.0423 136 VAL A CB  
399 C CG1 . VAL A 101 ? 1.2095 1.2850 1.6670 -0.0455 0.3197  -0.0148 136 VAL A CG1 
400 C CG2 . VAL A 101 ? 1.1452 1.1666 1.5692 -0.0391 0.3215  -0.0466 136 VAL A CG2 
401 N N   . LEU A 102 ? 1.1826 1.2020 1.4669 -0.0726 0.2673  -0.0602 137 LEU A N   
402 C CA  . LEU A 102 ? 1.1116 1.1395 1.3893 -0.0814 0.2375  -0.0530 137 LEU A CA  
403 C C   . LEU A 102 ? 0.9407 0.9459 1.2129 -0.0851 0.2347  -0.0654 137 LEU A C   
404 O O   . LEU A 102 ? 1.2585 1.2363 1.5097 -0.0836 0.2517  -0.0868 137 LEU A O   
405 C CB  . LEU A 102 ? 1.1780 1.2157 1.4076 -0.0887 0.2233  -0.0535 137 LEU A CB  
406 C CG  . LEU A 102 ? 1.0768 1.1279 1.3050 -0.0872 0.2259  -0.0435 137 LEU A CG  
407 C CD1 . LEU A 102 ? 1.2977 1.3392 1.4778 -0.0880 0.2400  -0.0528 137 LEU A CD1 
408 C CD2 . LEU A 102 ? 0.9510 1.0191 1.1777 -0.0904 0.2001  -0.0320 137 LEU A CD2 
409 N N   . PRO A 103 ? 0.9116 0.9257 1.2012 -0.0905 0.2134  -0.0526 138 PRO A N   
410 C CA  . PRO A 103 ? 0.8169 0.8094 1.1045 -0.0981 0.2078  -0.0611 138 PRO A CA  
411 C C   . PRO A 103 ? 0.8440 0.8314 1.0774 -0.1100 0.1994  -0.0774 138 PRO A C   
412 O O   . PRO A 103 ? 1.1880 1.1924 1.3868 -0.1109 0.1954  -0.0772 138 PRO A O   
413 C CB  . PRO A 103 ? 0.9803 0.9950 1.3008 -0.1007 0.1875  -0.0351 138 PRO A CB  
414 C CG  . PRO A 103 ? 0.7598 0.8079 1.0694 -0.0982 0.1764  -0.0218 138 PRO A CG  
415 C CD  . PRO A 103 ? 0.7943 0.8393 1.1056 -0.0903 0.1936  -0.0291 138 PRO A CD  
416 N N   . LEU A 104 ? 1.1200 1.0825 1.3493 -0.1199 0.1952  -0.0906 139 LEU A N   
417 C CA  . LEU A 104 ? 1.1765 1.1388 1.3616 -0.1343 0.1814  -0.1035 139 LEU A CA  
418 C C   . LEU A 104 ? 1.0205 1.0234 1.2045 -0.1394 0.1602  -0.0807 139 LEU A C   
419 O O   . LEU A 104 ? 1.0891 1.1059 1.3059 -0.1434 0.1487  -0.0614 139 LEU A O   
420 C CB  . LEU A 104 ? 1.1862 1.1140 1.3770 -0.1476 0.1760  -0.1203 139 LEU A CB  
421 C CG  . LEU A 104 ? 1.3831 1.2682 1.5390 -0.1469 0.1921  -0.1566 139 LEU A CG  
422 C CD1 . LEU A 104 ? 1.6656 1.5093 1.8330 -0.1612 0.1839  -0.1750 139 LEU A CD1 
423 C CD2 . LEU A 104 ? 1.3329 1.2306 1.4244 -0.1513 0.1886  -0.1702 139 LEU A CD2 
424 N N   . LEU A 105 ? 0.9926 1.0152 1.1394 -0.1375 0.1568  -0.0811 140 LEU A N   
425 C CA  . LEU A 105 ? 0.9205 0.9800 1.0650 -0.1366 0.1411  -0.0613 140 LEU A CA  
426 C C   . LEU A 105 ? 0.8299 0.9036 0.9612 -0.1504 0.1236  -0.0610 140 LEU A C   
427 O O   . LEU A 105 ? 0.9689 1.0267 1.0742 -0.1609 0.1209  -0.0793 140 LEU A O   
428 C CB  . LEU A 105 ? 0.7474 0.8183 0.8650 -0.1262 0.1456  -0.0597 140 LEU A CB  
429 C CG  . LEU A 105 ? 0.8800 0.9435 1.0153 -0.1150 0.1604  -0.0568 140 LEU A CG  
430 C CD1 . LEU A 105 ? 0.7903 0.8609 0.8998 -0.1086 0.1629  -0.0543 140 LEU A CD1 
431 C CD2 . LEU A 105 ? 0.8964 0.9741 1.0718 -0.1106 0.1536  -0.0398 140 LEU A CD2 
432 N N   . CYS A 106 ? 0.8363 0.9429 0.9859 -0.1507 0.1116  -0.0396 141 CYS A N   
433 C CA  . CYS A 106 ? 0.8887 1.0221 1.0305 -0.1610 0.0956  -0.0334 141 CYS A CA  
434 C C   . CYS A 106 ? 0.8871 1.0345 0.9900 -0.1535 0.0932  -0.0373 141 CYS A C   
435 O O   . CYS A 106 ? 0.9664 1.1121 1.0562 -0.1385 0.1022  -0.0363 141 CYS A O   
436 C CB  . CYS A 106 ? 0.7159 0.8863 0.8876 -0.1592 0.0884  -0.0065 141 CYS A CB  
437 S SG  . CYS A 106 ? 1.0413 1.1994 1.2607 -0.1637 0.0923  0.0081  141 CYS A SG  
438 N N   . LYS A 107 ? 0.9028 1.0641 0.9906 -0.1651 0.0792  -0.0401 142 LYS A N   
439 C CA  . LYS A 107 ? 1.0287 1.2010 1.0789 -0.1587 0.0755  -0.0425 142 LYS A CA  
440 C C   . LYS A 107 ? 0.9511 1.1517 1.0040 -0.1392 0.0771  -0.0238 142 LYS A C   
441 O O   . LYS A 107 ? 1.1986 1.3892 1.2291 -0.1260 0.0851  -0.0255 142 LYS A O   
442 C CB  . LYS A 107 ? 1.0126 1.2023 1.0526 -0.1760 0.0553  -0.0451 142 LYS A CB  
443 C CG  . LYS A 107 ? 1.2551 1.4107 1.2897 -0.1970 0.0508  -0.0685 142 LYS A CG  
444 C CD  . LYS A 107 ? 1.3343 1.5087 1.3601 -0.2179 0.0251  -0.0719 142 LYS A CD  
445 C CE  . LYS A 107 ? 1.4079 1.5398 1.4259 -0.2400 0.0190  -0.1006 142 LYS A CE  
446 N NZ  . LYS A 107 ? 1.5241 1.6723 1.5314 -0.2642 -0.0108 -0.1074 142 LYS A NZ  
447 N N   . ASP A 108 ? 0.8604 1.0953 0.9409 -0.1367 0.0708  -0.0058 143 ASP A N   
448 C CA  . ASP A 108 ? 0.9860 1.2449 1.0661 -0.1156 0.0738  0.0080  143 ASP A CA  
449 C C   . ASP A 108 ? 0.8448 1.0786 0.9211 -0.1025 0.0864  0.0028  143 ASP A C   
450 O O   . ASP A 108 ? 1.0270 1.2550 1.0863 -0.0875 0.0901  0.0021  143 ASP A O   
451 C CB  . ASP A 108 ? 1.1255 1.4275 1.2356 -0.1143 0.0692  0.0280  143 ASP A CB  
452 C CG  . ASP A 108 ? 1.3874 1.6842 1.5252 -0.1235 0.0729  0.0332  143 ASP A CG  
453 O OD1 . ASP A 108 ? 1.4844 1.7463 1.6254 -0.1365 0.0747  0.0204  143 ASP A OD1 
454 O OD2 . ASP A 108 ? 1.3906 1.7188 1.5464 -0.1158 0.0754  0.0513  143 ASP A OD2 
455 N N   . TYR A 109 ? 0.7766 0.9945 0.8722 -0.1089 0.0916  0.0001  144 TYR A N   
456 C CA  . TYR A 109 ? 0.8003 0.9984 0.8977 -0.0992 0.1001  -0.0036 144 TYR A CA  
457 C C   . TYR A 109 ? 0.7642 0.9315 0.8432 -0.0986 0.1085  -0.0170 144 TYR A C   
458 O O   . TYR A 109 ? 0.7211 0.8773 0.7986 -0.0893 0.1133  -0.0179 144 TYR A O   
459 C CB  . TYR A 109 ? 0.7247 0.9164 0.8515 -0.1058 0.1025  0.0006  144 TYR A CB  
460 C CG  . TYR A 109 ? 0.7152 0.8979 0.8502 -0.0963 0.1062  0.0013  144 TYR A CG  
461 C CD1 . TYR A 109 ? 0.7598 0.9642 0.8942 -0.0855 0.1007  0.0117  144 TYR A CD1 
462 C CD2 . TYR A 109 ? 0.7891 0.9440 0.9321 -0.0981 0.1149  -0.0082 144 TYR A CD2 
463 C CE1 . TYR A 109 ? 0.8708 1.0679 1.0109 -0.0793 0.0992  0.0111  144 TYR A CE1 
464 C CE2 . TYR A 109 ? 0.7643 0.9158 0.9215 -0.0918 0.1150  -0.0054 144 TYR A CE2 
465 C CZ  . TYR A 109 ? 0.8878 1.0595 1.0425 -0.0837 0.1048  0.0036  144 TYR A CZ  
466 O OH  . TYR A 109 ? 0.7716 0.9409 0.9386 -0.0798 0.1001  0.0049  144 TYR A OH  
467 N N   . CYS A 110 ? 0.7975 0.9517 0.8616 -0.1091 0.1105  -0.0270 145 CYS A N   
468 C CA  . CYS A 110 ? 0.8801 1.0102 0.9217 -0.1072 0.1216  -0.0365 145 CYS A CA  
469 C C   . CYS A 110 ? 0.8508 0.9889 0.8694 -0.0966 0.1184  -0.0289 145 CYS A C   
470 O O   . CYS A 110 ? 0.9378 1.0604 0.9523 -0.0898 0.1274  -0.0279 145 CYS A O   
471 C CB  . CYS A 110 ? 0.9378 1.0519 0.9600 -0.1197 0.1247  -0.0515 145 CYS A CB  
472 S SG  . CYS A 110 ? 1.1044 1.1959 1.0906 -0.1157 0.1422  -0.0600 145 CYS A SG  
473 N N   . LYS A 111 ? 0.9714 1.1347 0.9809 -0.0950 0.1057  -0.0212 146 LYS A N   
474 C CA  . LYS A 111 ? 0.8586 1.0294 0.8526 -0.0812 0.1026  -0.0111 146 LYS A CA  
475 C C   . LYS A 111 ? 0.8083 0.9739 0.8166 -0.0665 0.1054  -0.0073 146 LYS A C   
476 O O   . LYS A 111 ? 0.7696 0.9159 0.7699 -0.0583 0.1100  -0.0055 146 LYS A O   
477 C CB  . LYS A 111 ? 0.8697 1.0751 0.8612 -0.0800 0.0882  -0.0009 146 LYS A CB  
478 C CG  . LYS A 111 ? 0.8101 1.0214 0.7820 -0.0959 0.0794  -0.0054 146 LYS A CG  
479 C CD  . LYS A 111 ? 1.0201 1.2102 0.9561 -0.0948 0.0856  -0.0079 146 LYS A CD  
480 C CE  . LYS A 111 ? 1.1699 1.3690 1.0762 -0.1094 0.0734  -0.0134 146 LYS A CE  
481 N NZ  . LYS A 111 ? 1.3907 1.6302 1.3020 -0.1072 0.0528  0.0028  146 LYS A NZ  
482 N N   . GLU A 112 ? 0.7597 0.9408 0.7877 -0.0641 0.1020  -0.0060 147 GLU A N   
483 C CA  . GLU A 112 ? 0.8996 1.0761 0.9339 -0.0506 0.1022  -0.0062 147 GLU A CA  
484 C C   . GLU A 112 ? 0.8492 0.9944 0.8894 -0.0543 0.1082  -0.0136 147 GLU A C   
485 O O   . GLU A 112 ? 0.9412 1.0696 0.9782 -0.0454 0.1072  -0.0155 147 GLU A O   
486 C CB  . GLU A 112 ? 0.6749 0.8767 0.7246 -0.0494 0.0987  -0.0021 147 GLU A CB  
487 C CG  . GLU A 112 ? 0.8611 1.0557 0.9117 -0.0391 0.0975  -0.0062 147 GLU A CG  
488 C CD  . GLU A 112 ? 0.8666 1.0908 0.9264 -0.0370 0.0952  0.0018  147 GLU A CD  
489 O OE1 . GLU A 112 ? 0.8352 1.0817 0.9088 -0.0466 0.0954  0.0120  147 GLU A OE1 
490 O OE2 . GLU A 112 ? 0.8232 1.0480 0.8751 -0.0266 0.0923  -0.0016 147 GLU A OE2 
491 N N   . PHE A 113 ? 0.8259 0.9625 0.8791 -0.0674 0.1144  -0.0175 148 PHE A N   
492 C CA  . PHE A 113 ? 0.7434 0.8577 0.8113 -0.0709 0.1214  -0.0210 148 PHE A CA  
493 C C   . PHE A 113 ? 0.8345 0.9296 0.8888 -0.0702 0.1293  -0.0195 148 PHE A C   
494 O O   . PHE A 113 ? 0.8393 0.9184 0.9039 -0.0683 0.1298  -0.0181 148 PHE A O   
495 C CB  . PHE A 113 ? 0.7147 0.8262 0.8027 -0.0815 0.1294  -0.0242 148 PHE A CB  
496 C CG  . PHE A 113 ? 0.8113 0.9055 0.9187 -0.0846 0.1408  -0.0255 148 PHE A CG  
497 C CD1 . PHE A 113 ? 0.7528 0.8459 0.8844 -0.0830 0.1349  -0.0222 148 PHE A CD1 
498 C CD2 . PHE A 113 ? 0.8040 0.8861 0.9060 -0.0893 0.1575  -0.0297 148 PHE A CD2 
499 C CE1 . PHE A 113 ? 0.9144 0.9983 1.0734 -0.0872 0.1448  -0.0200 148 PHE A CE1 
500 C CE2 . PHE A 113 ? 0.8575 0.9299 0.9826 -0.0907 0.1718  -0.0278 148 PHE A CE2 
501 C CZ  . PHE A 113 ? 0.8579 0.9331 1.0160 -0.0902 0.1652  -0.0213 148 PHE A CZ  
502 N N   . PHE A 114 ? 0.8148 0.9117 0.8460 -0.0730 0.1341  -0.0183 149 PHE A N   
503 C CA  . PHE A 114 ? 0.8898 0.9716 0.9042 -0.0721 0.1429  -0.0121 149 PHE A CA  
504 C C   . PHE A 114 ? 0.9724 1.0466 0.9837 -0.0606 0.1354  -0.0036 149 PHE A C   
505 O O   . PHE A 114 ? 0.9331 0.9867 0.9532 -0.0606 0.1408  0.0022  149 PHE A O   
506 C CB  . PHE A 114 ? 0.8644 0.9537 0.8464 -0.0765 0.1452  -0.0122 149 PHE A CB  
507 C CG  . PHE A 114 ? 0.8568 0.9347 0.8152 -0.0750 0.1552  -0.0020 149 PHE A CG  
508 C CD1 . PHE A 114 ? 0.9206 0.9863 0.8759 -0.0810 0.1747  -0.0037 149 PHE A CD1 
509 C CD2 . PHE A 114 ? 1.0415 1.1233 0.9828 -0.0661 0.1468  0.0122  149 PHE A CD2 
510 C CE1 . PHE A 114 ? 1.1617 1.2207 1.0938 -0.0796 0.1863  0.0098  149 PHE A CE1 
511 C CE2 . PHE A 114 ? 1.1306 1.2027 1.0506 -0.0648 0.1558  0.0268  149 PHE A CE2 
512 C CZ  . PHE A 114 ? 1.1809 1.2426 1.0946 -0.0724 0.1759  0.0263  149 PHE A CZ  
513 N N   . TYR A 115 ? 0.9509 1.0406 0.9536 -0.0503 0.1236  -0.0018 150 TYR A N   
514 C CA  . TYR A 115 ? 0.8635 0.9419 0.8632 -0.0355 0.1180  0.0046  150 TYR A CA  
515 C C   . TYR A 115 ? 1.0670 1.1271 1.0845 -0.0314 0.1136  -0.0045 150 TYR A C   
516 O O   . TYR A 115 ? 1.0427 1.0768 1.0626 -0.0245 0.1116  -0.0024 150 TYR A O   
517 C CB  . TYR A 115 ? 0.9074 1.0119 0.8965 -0.0225 0.1093  0.0099  150 TYR A CB  
518 C CG  . TYR A 115 ? 0.7788 0.8995 0.7485 -0.0257 0.1081  0.0213  150 TYR A CG  
519 C CD1 . TYR A 115 ? 0.9275 1.0313 0.8824 -0.0245 0.1124  0.0339  150 TYR A CD1 
520 C CD2 . TYR A 115 ? 0.7684 0.9225 0.7348 -0.0313 0.1008  0.0214  150 TYR A CD2 
521 C CE1 . TYR A 115 ? 0.8252 0.9464 0.7562 -0.0276 0.1088  0.0450  150 TYR A CE1 
522 C CE2 . TYR A 115 ? 0.8689 1.0391 0.8153 -0.0365 0.0950  0.0301  150 TYR A CE2 
523 C CZ  . TYR A 115 ? 0.8626 1.0169 0.7880 -0.0338 0.0986  0.0414  150 TYR A CZ  
524 O OH  . TYR A 115 ? 1.0708 1.2437 0.9704 -0.0390 0.0905  0.0508  150 TYR A OH  
525 N N   . THR A 116 ? 1.1518 1.2238 1.1819 -0.0363 0.1103  -0.0140 151 THR A N   
526 C CA  . THR A 116 ? 1.0219 1.0798 1.0633 -0.0335 0.1022  -0.0237 151 THR A CA  
527 C C   . THR A 116 ? 0.9925 1.0260 1.0560 -0.0465 0.1048  -0.0233 151 THR A C   
528 O O   . THR A 116 ? 1.0444 1.0537 1.1157 -0.0452 0.0964  -0.0288 151 THR A O   
529 C CB  . THR A 116 ? 0.8732 0.9561 0.9198 -0.0346 0.0968  -0.0292 151 THR A CB  
530 O OG1 . THR A 116 ? 0.9391 1.0491 0.9708 -0.0233 0.0960  -0.0259 151 THR A OG1 
531 C CG2 . THR A 116 ? 0.7406 0.8118 0.7909 -0.0317 0.0852  -0.0401 151 THR A CG2 
532 N N   . CYS A 117 ? 0.9627 1.0017 1.0384 -0.0588 0.1168  -0.0171 152 CYS A N   
533 C CA  . CYS A 117 ? 0.8773 0.9024 0.9821 -0.0708 0.1227  -0.0132 152 CYS A CA  
534 C C   . CYS A 117 ? 0.9548 0.9640 1.0566 -0.0739 0.1361  0.0001  152 CYS A C   
535 O O   . CYS A 117 ? 1.1985 1.2006 1.3281 -0.0842 0.1448  0.0077  152 CYS A O   
536 C CB  . CYS A 117 ? 0.8695 0.9122 0.9957 -0.0795 0.1309  -0.0137 152 CYS A CB  
537 S SG  . CYS A 117 ? 0.8612 0.9203 1.0053 -0.0795 0.1139  -0.0215 152 CYS A SG  
538 N N   . ARG A 118 ? 0.9697 0.9774 1.0413 -0.0652 0.1383  0.0066  153 ARG A N   
539 C CA  . ARG A 118 ? 1.1222 1.1163 1.1871 -0.0671 0.1504  0.0238  153 ARG A CA  
540 C C   . ARG A 118 ? 1.3619 1.3253 1.4497 -0.0683 0.1440  0.0303  153 ARG A C   
541 O O   . ARG A 118 ? 1.5666 1.5141 1.6521 -0.0588 0.1285  0.0215  153 ARG A O   
542 C CB  . ARG A 118 ? 1.0456 1.0486 1.0733 -0.0566 0.1496  0.0315  153 ARG A CB  
543 C CG  . ARG A 118 ? 1.1373 1.1320 1.1503 -0.0582 0.1625  0.0531  153 ARG A CG  
544 C CD  . ARG A 118 ? 1.3265 1.3361 1.3028 -0.0482 0.1573  0.0620  153 ARG A CD  
545 N NE  . ARG A 118 ? 1.4101 1.4173 1.3885 -0.0328 0.1409  0.0601  153 ARG A NE  
546 C CZ  . ARG A 118 ? 1.5283 1.5506 1.4858 -0.0208 0.1331  0.0707  153 ARG A CZ  
547 N NH1 . ARG A 118 ? 1.5829 1.6045 1.5483 -0.0038 0.1217  0.0688  153 ARG A NH1 
548 N NH2 . ARG A 118 ? 1.7002 1.7403 1.6287 -0.0250 0.1366  0.0833  153 ARG A NH2 
549 N N   . GLY A 119 ? 1.4684 1.4225 1.5793 -0.0801 0.1569  0.0453  154 GLY A N   
550 C CA  . GLY A 119 ? 1.6569 1.5812 1.8005 -0.0874 0.1502  0.0526  154 GLY A CA  
551 C C   . GLY A 119 ? 1.6232 1.5499 1.8104 -0.1017 0.1430  0.0437  154 GLY A C   
552 O O   . GLY A 119 ? 1.8389 1.7484 2.0638 -0.1149 0.1423  0.0552  154 GLY A O   
553 N N   . HIS A 120 ? 1.3092 1.2584 1.4956 -0.1004 0.1363  0.0265  155 HIS A N   
554 C CA  . HIS A 120 ? 1.2563 1.2164 1.4848 -0.1130 0.1291  0.0216  155 HIS A CA  
555 C C   . HIS A 120 ? 1.2867 1.2749 1.5374 -0.1190 0.1517  0.0319  155 HIS A C   
556 O O   . HIS A 120 ? 1.4533 1.4536 1.7510 -0.1300 0.1499  0.0357  155 HIS A O   
557 C CB  . HIS A 120 ? 1.3201 1.2891 1.5366 -0.1068 0.1080  0.0003  155 HIS A CB  
558 C CG  . HIS A 120 ? 1.5412 1.4819 1.7465 -0.1029 0.0843  -0.0144 155 HIS A CG  
559 N ND1 . HIS A 120 ? 1.5947 1.5254 1.8269 -0.1143 0.0627  -0.0241 155 HIS A ND1 
560 C CD2 . HIS A 120 ? 1.6319 1.5518 1.8016 -0.0874 0.0789  -0.0227 155 HIS A CD2 
561 C CE1 . HIS A 120 ? 1.7186 1.6186 1.9267 -0.1063 0.0452  -0.0412 155 HIS A CE1 
562 N NE2 . HIS A 120 ? 1.7130 1.6060 1.8848 -0.0883 0.0564  -0.0400 155 HIS A NE2 
563 N N   . ILE A 121 ? 1.1981 1.1972 1.4170 -0.1115 0.1721  0.0356  156 ILE A N   
564 C CA  . ILE A 121 ? 1.2913 1.3124 1.5231 -0.1132 0.1961  0.0400  156 ILE A CA  
565 C C   . ILE A 121 ? 1.6205 1.6396 1.8426 -0.1146 0.2225  0.0590  156 ILE A C   
566 O O   . ILE A 121 ? 1.6470 1.6540 1.8287 -0.1093 0.2230  0.0647  156 ILE A O   
567 C CB  . ILE A 121 ? 1.1330 1.1663 1.3324 -0.1043 0.1971  0.0241  156 ILE A CB  
568 C CG1 . ILE A 121 ? 1.0720 1.1123 1.2862 -0.1035 0.1742  0.0114  156 ILE A CG1 
569 C CG2 . ILE A 121 ? 1.1914 1.2382 1.3961 -0.1035 0.2242  0.0247  156 ILE A CG2 
570 C CD1 . ILE A 121 ? 1.1556 1.2089 1.3528 -0.0979 0.1760  0.0006  156 ILE A CD1 
571 N N   . PRO A 122 ? 1.7617 1.7956 2.0204 -0.1203 0.2454  0.0719  157 PRO A N   
572 C CA  . PRO A 122 ? 1.8023 1.8387 2.0487 -0.1207 0.2742  0.0930  157 PRO A CA  
573 C C   . PRO A 122 ? 1.7612 1.8011 1.9427 -0.1096 0.2898  0.0841  157 PRO A C   
574 O O   . PRO A 122 ? 1.8895 1.9393 2.0596 -0.1038 0.2970  0.0656  157 PRO A O   
575 C CB  . PRO A 122 ? 1.7716 1.8307 2.0773 -0.1268 0.2968  0.1060  157 PRO A CB  
576 C CG  . PRO A 122 ? 1.6509 1.7218 1.9836 -0.1247 0.2844  0.0868  157 PRO A CG  
577 C CD  . PRO A 122 ? 1.7081 1.7612 2.0252 -0.1259 0.2468  0.0714  157 PRO A CD  
578 N N   . GLY A 123 ? 1.5540 1.5846 1.6936 -0.1071 0.2931  0.0978  158 GLY A N   
579 C CA  . GLY A 123 ? 1.3374 1.3736 1.4124 -0.0988 0.3059  0.0926  158 GLY A CA  
580 C C   . GLY A 123 ? 1.2156 1.2458 1.2460 -0.0930 0.2805  0.0759  158 GLY A C   
581 O O   . GLY A 123 ? 1.1875 1.2231 1.1630 -0.0885 0.2853  0.0730  158 GLY A O   
582 N N   . PHE A 124 ? 1.1374 1.1599 1.1892 -0.0929 0.2536  0.0653  159 PHE A N   
583 C CA  . PHE A 124 ? 1.2051 1.2285 1.2215 -0.0864 0.2319  0.0529  159 PHE A CA  
584 C C   . PHE A 124 ? 1.0634 1.0800 1.0496 -0.0806 0.2243  0.0712  159 PHE A C   
585 O O   . PHE A 124 ? 1.2551 1.2806 1.2052 -0.0747 0.2119  0.0663  159 PHE A O   
586 C CB  . PHE A 124 ? 1.2756 1.2963 1.3207 -0.0855 0.2092  0.0386  159 PHE A CB  
587 C CG  . PHE A 124 ? 1.2085 1.2412 1.2666 -0.0879 0.2098  0.0197  159 PHE A CG  
588 C CD1 . PHE A 124 ? 1.1810 1.2195 1.2414 -0.0907 0.2322  0.0155  159 PHE A CD1 
589 C CD2 . PHE A 124 ? 0.9630 1.0006 1.0307 -0.0856 0.1898  0.0075  159 PHE A CD2 
590 C CE1 . PHE A 124 ? 1.0821 1.1268 1.1587 -0.0914 0.2329  -0.0003 159 PHE A CE1 
591 C CE2 . PHE A 124 ? 0.9026 0.9499 0.9850 -0.0879 0.1901  -0.0048 159 PHE A CE2 
592 C CZ  . PHE A 124 ? 0.9717 1.0205 1.0608 -0.0908 0.2109  -0.0087 159 PHE A CZ  
593 N N   . LEU A 125 ? 1.0136 1.0155 1.0187 -0.0825 0.2306  0.0946  160 LEU A N   
594 C CA  . LEU A 125 ? 0.9558 0.9499 0.9346 -0.0759 0.2267  0.1180  160 LEU A CA  
595 C C   . LEU A 125 ? 0.9945 1.0046 0.9247 -0.0753 0.2451  0.1318  160 LEU A C   
596 O O   . LEU A 125 ? 1.3640 1.3744 1.2638 -0.0688 0.2397  0.1526  160 LEU A O   
597 C CB  . LEU A 125 ? 0.9726 0.9406 0.9916 -0.0796 0.2273  0.1404  160 LEU A CB  
598 C CG  . LEU A 125 ? 1.0522 0.9973 1.1120 -0.0798 0.2060  0.1259  160 LEU A CG  
599 C CD1 . LEU A 125 ? 0.9771 0.8930 1.0794 -0.0885 0.2074  0.1470  160 LEU A CD1 
600 C CD2 . LEU A 125 ? 1.0563 0.9960 1.0937 -0.0643 0.1843  0.1158  160 LEU A CD2 
601 N N   . GLN A 126 ? 1.1521 1.1758 1.0725 -0.0805 0.2665  0.1209  161 GLN A N   
602 C CA  . GLN A 126 ? 1.0460 1.0837 0.9139 -0.0795 0.2873  0.1301  161 GLN A CA  
603 C C   . GLN A 126 ? 1.1491 1.1996 0.9654 -0.0778 0.2791  0.1026  161 GLN A C   
604 O O   . GLN A 126 ? 1.4672 1.5271 1.2372 -0.0777 0.2977  0.0979  161 GLN A O   
605 C CB  . GLN A 126 ? 1.0900 1.1331 0.9795 -0.0841 0.3217  0.1370  161 GLN A CB  
606 C CG  . GLN A 126 ? 1.1013 1.1337 1.0565 -0.0908 0.3274  0.1617  161 GLN A CG  
607 C CD  . GLN A 126 ? 1.2767 1.3011 1.2234 -0.0907 0.3301  0.2012  161 GLN A CD  
608 O OE1 . GLN A 126 ? 1.3016 1.3348 1.1898 -0.0845 0.3339  0.2145  161 GLN A OE1 
609 N NE2 . GLN A 126 ? 1.1854 1.1920 1.1913 -0.0984 0.3263  0.2212  161 GLN A NE2 
610 N N   . THR A 127 ? 1.1261 1.1772 0.9490 -0.0767 0.2521  0.0841  162 THR A N   
611 C CA  . THR A 127 ? 1.2175 1.2799 1.0003 -0.0787 0.2405  0.0594  162 THR A CA  
612 C C   . THR A 127 ? 1.1959 1.2651 0.9896 -0.0759 0.2089  0.0560  162 THR A C   
613 O O   . THR A 127 ? 1.3455 1.4071 1.1797 -0.0710 0.1994  0.0641  162 THR A O   
614 C CB  . THR A 127 ? 1.1750 1.2331 0.9715 -0.0836 0.2535  0.0300  162 THR A CB  
615 O OG1 . THR A 127 ? 1.3882 1.4517 1.1428 -0.0878 0.2420  0.0060  162 THR A OG1 
616 C CG2 . THR A 127 ? 1.0157 1.0677 0.8732 -0.0845 0.2433  0.0221  162 THR A CG2 
617 N N   . THR A 128 ? 1.1825 1.2670 0.9394 -0.0791 0.1930  0.0433  163 THR A N   
618 C CA  . THR A 128 ? 0.9793 1.0785 0.7493 -0.0771 0.1650  0.0409  163 THR A CA  
619 C C   . THR A 128 ? 1.0525 1.1515 0.8509 -0.0839 0.1602  0.0147  163 THR A C   
620 O O   . THR A 128 ? 1.2637 1.3505 1.0636 -0.0906 0.1754  -0.0038 163 THR A O   
621 C CB  . THR A 128 ? 1.1608 1.2831 0.8838 -0.0791 0.1463  0.0462  163 THR A CB  
622 O OG1 . THR A 128 ? 1.4241 1.5456 1.1058 -0.0910 0.1508  0.0224  163 THR A OG1 
623 C CG2 . THR A 128 ? 1.3171 1.4423 1.0142 -0.0703 0.1490  0.0786  163 THR A CG2 
624 N N   . ALA A 129 ? 0.9475 1.0608 0.7706 -0.0807 0.1401  0.0157  164 ALA A N   
625 C CA  . ALA A 129 ? 0.9836 1.1007 0.8343 -0.0874 0.1342  -0.0030 164 ALA A CA  
626 C C   . ALA A 129 ? 1.2059 1.3291 1.0304 -0.1015 0.1268  -0.0216 164 ALA A C   
627 O O   . ALA A 129 ? 1.2324 1.3468 1.0753 -0.1097 0.1297  -0.0395 164 ALA A O   
628 C CB  . ALA A 129 ? 0.8446 0.9804 0.7248 -0.0789 0.1174  0.0056  164 ALA A CB  
629 N N   . ASP A 130 ? 1.2766 1.4130 1.0586 -0.1052 0.1155  -0.0174 165 ASP A N   
630 C CA  . ASP A 130 ? 1.2507 1.3905 1.0041 -0.1212 0.1036  -0.0383 165 ASP A CA  
631 C C   . ASP A 130 ? 1.2498 1.3592 0.9770 -0.1265 0.1261  -0.0620 165 ASP A C   
632 O O   . ASP A 130 ? 1.3418 1.4380 1.0708 -0.1382 0.1238  -0.0870 165 ASP A O   
633 C CB  . ASP A 130 ? 1.2524 1.4176 0.9644 -0.1240 0.0822  -0.0268 165 ASP A CB  
634 C CG  . ASP A 130 ? 1.3558 1.5564 1.1000 -0.1183 0.0589  -0.0052 165 ASP A CG  
635 O OD1 . ASP A 130 ? 1.2801 1.4870 1.0722 -0.1169 0.0569  -0.0060 165 ASP A OD1 
636 O OD2 . ASP A 130 ? 1.5136 1.7384 1.2357 -0.1139 0.0436  0.0142  165 ASP A OD2 
637 N N   . GLU A 131 ? 1.4100 1.5078 1.1152 -0.1175 0.1494  -0.0535 166 GLU A N   
638 C CA  . GLU A 131 ? 1.4704 1.5432 1.1542 -0.1183 0.1765  -0.0740 166 GLU A CA  
639 C C   . GLU A 131 ? 1.3297 1.3855 1.0701 -0.1157 0.1924  -0.0826 166 GLU A C   
640 O O   . GLU A 131 ? 1.5115 1.5475 1.2523 -0.1199 0.2028  -0.1079 166 GLU A O   
641 C CB  . GLU A 131 ? 1.5097 1.5819 1.1596 -0.1091 0.1992  -0.0561 166 GLU A CB  
642 C CG  . GLU A 131 ? 1.7906 1.8822 1.3825 -0.1099 0.1834  -0.0416 166 GLU A CG  
643 C CD  . GLU A 131 ? 1.9544 2.0492 1.5268 -0.0995 0.2041  -0.0115 166 GLU A CD  
644 O OE1 . GLU A 131 ? 1.9841 2.0680 1.5980 -0.0929 0.2272  0.0004  166 GLU A OE1 
645 O OE2 . GLU A 131 ? 2.0340 2.1436 1.5516 -0.0990 0.1959  0.0026  166 GLU A OE2 
646 N N   . PHE A 132 ? 1.1730 1.2350 0.9611 -0.1083 0.1931  -0.0623 167 PHE A N   
647 C CA  . PHE A 132 ? 1.0421 1.0938 0.8846 -0.1060 0.2037  -0.0666 167 PHE A CA  
648 C C   . PHE A 132 ? 1.1958 1.2446 1.0588 -0.1144 0.1892  -0.0840 167 PHE A C   
649 O O   . PHE A 132 ? 1.3946 1.4261 1.2781 -0.1153 0.2023  -0.0991 167 PHE A O   
650 C CB  . PHE A 132 ? 0.9662 1.0261 0.8482 -0.0988 0.1986  -0.0443 167 PHE A CB  
651 C CG  . PHE A 132 ? 1.0510 1.1048 0.9864 -0.0973 0.2050  -0.0463 167 PHE A CG  
652 C CD1 . PHE A 132 ? 1.2494 1.2943 1.2066 -0.0943 0.2285  -0.0435 167 PHE A CD1 
653 C CD2 . PHE A 132 ? 0.9958 1.0575 0.9610 -0.0988 0.1873  -0.0480 167 PHE A CD2 
654 C CE1 . PHE A 132 ? 1.2702 1.3141 1.2794 -0.0932 0.2309  -0.0429 167 PHE A CE1 
655 C CE2 . PHE A 132 ? 1.0821 1.1412 1.0926 -0.0972 0.1906  -0.0474 167 PHE A CE2 
656 C CZ  . PHE A 132 ? 1.2145 1.2649 1.2479 -0.0948 0.2107  -0.0451 167 PHE A CZ  
657 N N   . CYS A 133 ? 1.1542 1.2214 1.0167 -0.1200 0.1632  -0.0794 168 CYS A N   
658 C CA  . CYS A 133 ? 1.1190 1.1864 1.0040 -0.1304 0.1490  -0.0912 168 CYS A CA  
659 C C   . CYS A 133 ? 1.2130 1.2616 1.0640 -0.1429 0.1477  -0.1174 168 CYS A C   
660 O O   . CYS A 133 ? 1.1747 1.2088 1.0490 -0.1517 0.1438  -0.1314 168 CYS A O   
661 C CB  . CYS A 133 ? 1.1341 1.2326 1.0333 -0.1324 0.1241  -0.0754 168 CYS A CB  
662 S SG  . CYS A 133 ? 1.3508 1.4634 1.2885 -0.1164 0.1260  -0.0528 168 CYS A SG  
663 N N   . PHE A 134 ? 1.2773 1.3236 1.0721 -0.1438 0.1502  -0.1244 169 PHE A N   
664 C CA  . PHE A 134 ? 1.3544 1.3760 1.1076 -0.1540 0.1518  -0.1553 169 PHE A CA  
665 C C   . PHE A 134 ? 1.3175 1.3052 1.0838 -0.1464 0.1823  -0.1739 169 PHE A C   
666 O O   . PHE A 134 ? 1.4948 1.4534 1.2541 -0.1541 0.1831  -0.2023 169 PHE A O   
667 C CB  . PHE A 134 ? 1.5304 1.5596 1.2130 -0.1542 0.1497  -0.1571 169 PHE A CB  
668 C CG  . PHE A 134 ? 1.6458 1.6467 1.2727 -0.1629 0.1533  -0.1935 169 PHE A CG  
669 C CD1 . PHE A 134 ? 1.7015 1.6997 1.3101 -0.1829 0.1226  -0.2135 169 PHE A CD1 
670 C CD2 . PHE A 134 ? 1.6872 1.6645 1.2801 -0.1511 0.1874  -0.2084 169 PHE A CD2 
671 C CE1 . PHE A 134 ? 1.8264 1.7926 1.3788 -0.1917 0.1235  -0.2522 169 PHE A CE1 
672 C CE2 . PHE A 134 ? 1.7644 1.7124 1.2994 -0.1564 0.1928  -0.2461 169 PHE A CE2 
673 C CZ  . PHE A 134 ? 1.8509 1.7900 1.3627 -0.1770 0.1596  -0.2702 169 PHE A CZ  
674 N N   . TYR A 135 ? 1.2623 1.2527 1.0523 -0.1313 0.2070  -0.1579 170 TYR A N   
675 C CA  . TYR A 135 ? 1.2692 1.2350 1.0816 -0.1217 0.2374  -0.1703 170 TYR A CA  
676 C C   . TYR A 135 ? 1.2328 1.1943 1.1154 -0.1209 0.2345  -0.1649 170 TYR A C   
677 O O   . TYR A 135 ? 1.3800 1.3158 1.2835 -0.1167 0.2506  -0.1814 170 TYR A O   
678 C CB  . TYR A 135 ? 1.4905 1.4663 1.3015 -0.1076 0.2655  -0.1527 170 TYR A CB  
679 C CG  . TYR A 135 ? 1.9155 1.8923 1.6551 -0.1052 0.2779  -0.1574 170 TYR A CG  
680 C CD1 . TYR A 135 ? 2.1143 2.0722 1.7934 -0.1112 0.2756  -0.1886 170 TYR A CD1 
681 C CD2 . TYR A 135 ? 2.1130 2.1089 1.8439 -0.0979 0.2910  -0.1300 170 TYR A CD2 
682 C CE1 . TYR A 135 ? 2.2654 2.2270 1.8712 -0.1084 0.2863  -0.1922 170 TYR A CE1 
683 C CE2 . TYR A 135 ? 2.2909 2.2909 1.9545 -0.0952 0.3034  -0.1292 170 TYR A CE2 
684 C CZ  . TYR A 135 ? 2.3466 2.3316 1.9448 -0.0997 0.3011  -0.1604 170 TYR A CZ  
685 O OH  . TYR A 135 ? 2.3811 2.3727 1.9045 -0.0965 0.3126  -0.1591 170 TYR A OH  
686 N N   . TYR A 136 ? 1.2208 1.2066 1.1389 -0.1231 0.2148  -0.1415 171 TYR A N   
687 C CA  . TYR A 136 ? 1.1826 1.1706 1.1631 -0.1201 0.2135  -0.1304 171 TYR A CA  
688 C C   . TYR A 136 ? 1.1873 1.1829 1.1906 -0.1314 0.1877  -0.1266 171 TYR A C   
689 O O   . TYR A 136 ? 1.1975 1.1909 1.2482 -0.1298 0.1874  -0.1192 171 TYR A O   
690 C CB  . TYR A 136 ? 0.9829 0.9926 0.9907 -0.1110 0.2162  -0.1053 171 TYR A CB  
691 C CG  . TYR A 136 ? 1.1961 1.2005 1.2092 -0.1007 0.2443  -0.1028 171 TYR A CG  
692 C CD1 . TYR A 136 ? 1.2809 1.2918 1.2584 -0.0980 0.2538  -0.0956 171 TYR A CD1 
693 C CD2 . TYR A 136 ? 1.1203 1.1164 1.1788 -0.0935 0.2622  -0.1038 171 TYR A CD2 
694 C CE1 . TYR A 136 ? 1.3642 1.3747 1.3516 -0.0897 0.2816  -0.0890 171 TYR A CE1 
695 C CE2 . TYR A 136 ? 1.2816 1.2795 1.3528 -0.0841 0.2895  -0.0984 171 TYR A CE2 
696 C CZ  . TYR A 136 ? 1.3475 1.3532 1.3831 -0.0830 0.2999  -0.0907 171 TYR A CZ  
697 O OH  . TYR A 136 ? 1.4216 1.4333 1.4745 -0.0749 0.3290  -0.0812 171 TYR A OH  
698 N N   . ALA A 137 ? 1.0414 1.0499 1.0164 -0.1427 0.1663  -0.1281 172 ALA A N   
699 C CA  . ALA A 137 ? 1.0649 1.0874 1.0672 -0.1542 0.1437  -0.1201 172 ALA A CA  
700 C C   . ALA A 137 ? 1.2071 1.2019 1.2037 -0.1703 0.1365  -0.1431 172 ALA A C   
701 O O   . ALA A 137 ? 1.2798 1.2526 1.2319 -0.1748 0.1403  -0.1676 172 ALA A O   
702 C CB  . ALA A 137 ? 0.9975 1.0568 0.9851 -0.1568 0.1234  -0.1037 172 ALA A CB  
703 N N   . ARG A 138 ? 1.2575 1.2524 1.2985 -0.1793 0.1256  -0.1350 173 ARG A N   
704 C CA  . ARG A 138 ? 1.3112 1.2761 1.3569 -0.1976 0.1155  -0.1547 173 ARG A CA  
705 C C   . ARG A 138 ? 1.4322 1.4181 1.4537 -0.2171 0.0881  -0.1571 173 ARG A C   
706 O O   . ARG A 138 ? 1.4057 1.4369 1.4377 -0.2176 0.0741  -0.1321 173 ARG A O   
707 C CB  . ARG A 138 ? 1.2308 1.1894 1.3381 -0.2015 0.1133  -0.1388 173 ARG A CB  
708 C CG  . ARG A 138 ? 1.4272 1.3467 1.5482 -0.2213 0.1032  -0.1581 173 ARG A CG  
709 C CD  . ARG A 138 ? 1.4372 1.3363 1.6185 -0.2185 0.1106  -0.1440 173 ARG A CD  
710 N NE  . ARG A 138 ? 1.5965 1.4541 1.7974 -0.2394 0.0989  -0.1599 173 ARG A NE  
711 C CZ  . ARG A 138 ? 1.6554 1.4802 1.9072 -0.2390 0.1051  -0.1532 173 ARG A CZ  
712 N NH1 . ARG A 138 ? 1.6632 1.4969 1.9497 -0.2183 0.1219  -0.1298 173 ARG A NH1 
713 N NH2 . ARG A 138 ? 1.6741 1.4557 1.9436 -0.2600 0.0927  -0.1692 173 ARG A NH2 
714 N N   . LYS A 139 ? 1.4284 1.3818 1.4180 -0.2325 0.0799  -0.1881 174 LYS A N   
715 C CA  . LYS A 139 ? 1.5325 1.5065 1.4911 -0.2518 0.0515  -0.1939 174 LYS A CA  
716 C C   . LYS A 139 ? 1.6603 1.6418 1.6637 -0.2778 0.0249  -0.1865 174 LYS A C   
717 O O   . LYS A 139 ? 1.6526 1.6793 1.6625 -0.2899 0.0008  -0.1688 174 LYS A O   
718 C CB  . LYS A 139 ? 1.6284 1.5662 1.5189 -0.2567 0.0528  -0.2333 174 LYS A CB  
719 C CG  . LYS A 139 ? 1.6442 1.5375 1.5137 -0.2370 0.0880  -0.2558 174 LYS A CG  
720 C CD  . LYS A 139 ? 1.7731 1.6909 1.6251 -0.2123 0.1117  -0.2373 174 LYS A CD  
721 C CE  . LYS A 139 ? 1.7651 1.7137 1.5597 -0.2138 0.0990  -0.2327 174 LYS A CE  
722 N NZ  . LYS A 139 ? 1.7306 1.6991 1.5153 -0.1915 0.1216  -0.2114 174 LYS A NZ  
723 N N   . ASP A 140 ? 1.8312 1.7706 1.8707 -0.2865 0.0289  -0.1971 175 ASP A N   
724 C CA  . ASP A 140 ? 1.9143 1.8555 2.0000 -0.3146 0.0036  -0.1892 175 ASP A CA  
725 C C   . ASP A 140 ? 1.7906 1.7869 1.9350 -0.3133 -0.0006 -0.1423 175 ASP A C   
726 O O   . ASP A 140 ? 1.8948 1.9105 2.0797 -0.3372 -0.0225 -0.1271 175 ASP A O   
727 C CB  . ASP A 140 ? 1.9893 1.8629 2.0993 -0.3229 0.0106  -0.2126 175 ASP A CB  
728 C CG  . ASP A 140 ? 1.9741 1.8290 2.1140 -0.2965 0.0423  -0.2007 175 ASP A CG  
729 O OD1 . ASP A 140 ? 2.0499 1.9486 2.2218 -0.2831 0.0493  -0.1633 175 ASP A OD1 
730 O OD2 . ASP A 140 ? 1.8603 1.6570 1.9916 -0.2885 0.0598  -0.2297 175 ASP A OD2 
731 N N   . GLY A 141 ? 1.6935 1.7162 1.8433 -0.2867 0.0197  -0.1195 176 GLY A N   
732 C CA  . GLY A 141 ? 1.8106 1.8831 2.0073 -0.2821 0.0186  -0.0782 176 GLY A CA  
733 C C   . GLY A 141 ? 1.8724 1.9281 2.1257 -0.2870 0.0243  -0.0607 176 GLY A C   
734 O O   . GLY A 141 ? 1.6904 1.7879 1.9857 -0.2922 0.0182  -0.0261 176 GLY A O   
735 N N   . GLY A 142 ? 1.8643 1.8620 2.1217 -0.2840 0.0373  -0.0812 177 GLY A N   
736 C CA  . GLY A 142 ? 1.6028 1.5813 1.9166 -0.2862 0.0430  -0.0616 177 GLY A CA  
737 C C   . GLY A 142 ? 1.5483 1.5446 1.8758 -0.2592 0.0627  -0.0377 177 GLY A C   
738 O O   . GLY A 142 ? 1.6242 1.6718 1.9426 -0.2469 0.0637  -0.0159 177 GLY A O   
739 N N   . LEU A 143 ? 1.3825 1.3361 1.7322 -0.2493 0.0775  -0.0422 178 LEU A N   
740 C CA  . LEU A 143 ? 1.2043 1.1751 1.5713 -0.2256 0.0924  -0.0190 178 LEU A CA  
741 C C   . LEU A 143 ? 1.1975 1.1775 1.5195 -0.2053 0.1051  -0.0358 178 LEU A C   
742 O O   . LEU A 143 ? 1.3120 1.2546 1.6098 -0.1995 0.1172  -0.0668 178 LEU A O   
743 C CB  . LEU A 143 ? 1.0824 1.0064 1.4928 -0.2204 0.1031  -0.0169 178 LEU A CB  
744 C CG  . LEU A 143 ? 0.9891 0.9331 1.4338 -0.2009 0.1121  0.0164  178 LEU A CG  
745 C CD1 . LEU A 143 ? 1.1294 1.0686 1.5549 -0.1773 0.1294  0.0010  178 LEU A CD1 
746 C CD2 . LEU A 143 ? 1.1078 1.1154 1.5550 -0.2013 0.1019  0.0539  178 LEU A CD2 
747 N N   . CYS A 144 ? 1.0973 1.1260 1.4081 -0.1943 0.1034  -0.0151 179 CYS A N   
748 C CA  . CYS A 144 ? 0.8789 0.9177 1.1520 -0.1776 0.1129  -0.0268 179 CYS A CA  
749 C C   . CYS A 144 ? 0.7515 0.8242 1.0376 -0.1616 0.1148  -0.0010 179 CYS A C   
750 O O   . CYS A 144 ? 0.9175 1.0147 1.2305 -0.1632 0.1078  0.0265  179 CYS A O   
751 C CB  . CYS A 144 ? 0.8127 0.8719 1.0420 -0.1833 0.1038  -0.0381 179 CYS A CB  
752 S SG  . CYS A 144 ? 0.8546 0.9711 1.0932 -0.1910 0.0857  -0.0091 179 CYS A SG  
753 N N   . PHE A 145 ? 0.7838 0.8577 1.0493 -0.1472 0.1240  -0.0096 180 PHE A N   
754 C CA  . PHE A 145 ? 0.9295 1.0319 1.2004 -0.1336 0.1225  0.0087  180 PHE A CA  
755 C C   . PHE A 145 ? 1.0465 1.1799 1.2824 -0.1298 0.1149  0.0102  180 PHE A C   
756 O O   . PHE A 145 ? 0.9676 1.0946 1.1725 -0.1315 0.1165  -0.0061 180 PHE A O   
757 C CB  . PHE A 145 ? 0.7368 0.8227 1.0161 -0.1218 0.1351  0.0007  180 PHE A CB  
758 C CG  . PHE A 145 ? 0.8145 0.9266 1.1022 -0.1112 0.1292  0.0173  180 PHE A CG  
759 C CD1 . PHE A 145 ? 0.7296 0.8548 0.9877 -0.1053 0.1265  0.0116  180 PHE A CD1 
760 C CD2 . PHE A 145 ? 0.7968 0.9190 1.1213 -0.1074 0.1244  0.0389  180 PHE A CD2 
761 C CE1 . PHE A 145 ? 0.8687 1.0132 1.1316 -0.0975 0.1181  0.0224  180 PHE A CE1 
762 C CE2 . PHE A 145 ? 0.8467 0.9939 1.1734 -0.0992 0.1150  0.0521  180 PHE A CE2 
763 C CZ  . PHE A 145 ? 0.9932 1.1499 1.2879 -0.0950 0.1113  0.0415  180 PHE A CZ  
764 N N   . PRO A 146 ? 0.9484 1.1152 1.1869 -0.1229 0.1075  0.0304  181 PRO A N   
765 C CA  . PRO A 146 ? 0.8950 1.0757 1.1626 -0.1196 0.1040  0.0537  181 PRO A CA  
766 C C   . PRO A 146 ? 0.8449 1.0336 1.1407 -0.1316 0.1001  0.0732  181 PRO A C   
767 O O   . PRO A 146 ? 0.8783 1.0845 1.1669 -0.1401 0.0958  0.0767  181 PRO A O   
768 C CB  . PRO A 146 ? 0.8694 1.0834 1.1126 -0.1071 0.0977  0.0621  181 PRO A CB  
769 C CG  . PRO A 146 ? 0.7309 0.9567 0.9449 -0.1070 0.0971  0.0528  181 PRO A CG  
770 C CD  . PRO A 146 ? 0.7882 0.9822 0.9953 -0.1154 0.1024  0.0311  181 PRO A CD  
771 N N   . ASP A 147 ? 0.8065 0.9834 1.1393 -0.1326 0.1012  0.0886  182 ASP A N   
772 C CA  . ASP A 147 ? 0.6958 0.8763 1.0633 -0.1445 0.0977  0.1125  182 ASP A CA  
773 C C   . ASP A 147 ? 0.8294 1.0518 1.2047 -0.1377 0.0924  0.1484  182 ASP A C   
774 O O   . ASP A 147 ? 0.9811 1.2039 1.3937 -0.1432 0.0909  0.1760  182 ASP A O   
775 C CB  . ASP A 147 ? 0.7209 0.8555 1.1272 -0.1495 0.1033  0.1080  182 ASP A CB  
776 C CG  . ASP A 147 ? 0.8594 0.9876 1.2843 -0.1340 0.1076  0.1146  182 ASP A CG  
777 O OD1 . ASP A 147 ? 0.7877 0.9375 1.1885 -0.1224 0.1058  0.1111  182 ASP A OD1 
778 O OD2 . ASP A 147 ? 1.0566 1.1579 1.5239 -0.1337 0.1117  0.1237  182 ASP A OD2 
779 N N   . PHE A 148 ? 0.8173 1.0732 1.1561 -0.1251 0.0900  0.1486  183 PHE A N   
780 C CA  . PHE A 148 ? 0.8739 1.1734 1.2050 -0.1164 0.0858  0.1781  183 PHE A CA  
781 C C   . PHE A 148 ? 0.8390 1.1744 1.1336 -0.1104 0.0875  0.1751  183 PHE A C   
782 O O   . PHE A 148 ? 0.8258 1.1505 1.0969 -0.1086 0.0890  0.1483  183 PHE A O   
783 C CB  . PHE A 148 ? 0.9423 1.2452 1.2623 -0.1023 0.0799  0.1789  183 PHE A CB  
784 C CG  . PHE A 148 ? 0.9862 1.2735 1.2760 -0.0945 0.0792  0.1457  183 PHE A CG  
785 C CD1 . PHE A 148 ? 0.9996 1.3073 1.2447 -0.0842 0.0770  0.1342  183 PHE A CD1 
786 C CD2 . PHE A 148 ? 0.8736 1.1249 1.1820 -0.0964 0.0823  0.1275  183 PHE A CD2 
787 C CE1 . PHE A 148 ? 0.8777 1.1667 1.1001 -0.0786 0.0756  0.1064  183 PHE A CE1 
788 C CE2 . PHE A 148 ? 0.8278 1.0667 1.1135 -0.0910 0.0827  0.1020  183 PHE A CE2 
789 C CZ  . PHE A 148 ? 0.9632 1.2190 1.2069 -0.0833 0.0780  0.0922  183 PHE A CZ  
790 N N   . PRO A 149 ? 0.9634 1.3431 1.2534 -0.1056 0.0887  0.2042  184 PRO A N   
791 C CA  . PRO A 149 ? 0.9590 1.3760 1.2163 -0.0953 0.0938  0.2020  184 PRO A CA  
792 C C   . PRO A 149 ? 0.9262 1.3386 1.1355 -0.0761 0.0917  0.1751  184 PRO A C   
793 O O   . PRO A 149 ? 1.1713 1.5717 1.3687 -0.0694 0.0847  0.1701  184 PRO A O   
794 C CB  . PRO A 149 ? 0.6865 1.1525 0.9500 -0.0920 0.0985  0.2424  184 PRO A CB  
795 C CG  . PRO A 149 ? 1.0240 1.4779 1.3048 -0.0939 0.0921  0.2613  184 PRO A CG  
796 C CD  . PRO A 149 ? 0.9640 1.3639 1.2793 -0.1079 0.0876  0.2434  184 PRO A CD  
797 N N   . ARG A 150 ? 1.0538 1.4757 1.2393 -0.0680 0.0963  0.1588  185 ARG A N   
798 C CA  . ARG A 150 ? 1.1938 1.6031 1.3375 -0.0508 0.0943  0.1313  185 ARG A CA  
799 C C   . ARG A 150 ? 1.3316 1.7739 1.4476 -0.0331 0.1030  0.1301  185 ARG A C   
800 O O   . ARG A 150 ? 1.3614 1.8222 1.4423 -0.0143 0.1053  0.1287  185 ARG A O   
801 C CB  . ARG A 150 ? 1.0074 1.3715 1.1550 -0.0583 0.0911  0.1039  185 ARG A CB  
802 C CG  . ARG A 150 ? 1.1261 1.4621 1.2518 -0.0501 0.0845  0.0821  185 ARG A CG  
803 C CD  . ARG A 150 ? 1.0551 1.3505 1.1939 -0.0603 0.0847  0.0633  185 ARG A CD  
804 N NE  . ARG A 150 ? 1.1150 1.4052 1.2426 -0.0598 0.0896  0.0518  185 ARG A NE  
805 C CZ  . ARG A 150 ? 0.9639 1.2382 1.0673 -0.0501 0.0895  0.0341  185 ARG A CZ  
806 N NH1 . ARG A 150 ? 1.0200 1.2789 1.1089 -0.0422 0.0841  0.0231  185 ARG A NH1 
807 N NH2 . ARG A 150 ? 1.2007 1.4742 1.2966 -0.0491 0.0928  0.0289  185 ARG A NH2 
# 
